data_5ZSG
#
_entry.id   5ZSG
#
_cell.length_a   99.337
_cell.length_b   140.182
_cell.length_c   151.661
_cell.angle_alpha   90.00
_cell.angle_beta   90.00
_cell.angle_gamma   90.00
#
_symmetry.space_group_name_H-M   'P 21 21 21'
#
loop_
_entity.id
_entity.type
_entity.pdbx_description
1 polymer 'Toll-like receptor 7'
2 branched 2-acetamido-2-deoxy-beta-D-glucopyranose-(1-4)-2-acetamido-2-deoxy-beta-D-glucopyranose
3 non-polymer 2-acetamido-2-deoxy-beta-D-glucopyranose
4 non-polymer 1-{4-amino-2-[(ethylamino)methyl]-1H-imidazo[4,5-c]quinolin-1-yl}-2-methylpropan-2-ol
5 non-polymer 'SULFATE ION'
6 water water
#
_entity_poly.entity_id   1
_entity_poly.type   'polypeptide(L)'
_entity_poly.pdbx_seq_one_letter_code
;RSPWARWFPKTLPCDVTLDVSKNHVIVDCTDKHLTEIPGGIPTNTTNLTLTINHIPDISPASFHRLVHLVEIDFRCNCVP
IRLGSKSNMCPRRLQIKPRSFSGLTYLKSLYLDGNQLLEIPQGLPPSLQLLSLEANNIFSIRKEQLTELANIEILYLGQN
CYYRNPCYVSYSIEKDAFLNLTKLKVLSLKDNNVTTVPTVLPSTLTELYLYNNMIAEIQEDDFNNLNQLQILDLSGNCPR
CYNAPFPCTPCKNNSPLQIPVNAFDALTELKVLRLHSNSLQHVPPRWFKNINNLQELDLSQNFLAKEIGDAKFLHFLPNL
IQLDLSFNFELQVYRASMNLSQAFSSLKSLKILRIRGYVFKELKSFQLSPLHNLQNLEVLDLGTNFIKIANLSMFKQFKR
LKVIDLSVNKISPSGDSLVPRGSSNARTSVESYEPQVLEQLYYFRYDKYARSCRFKNKEASFTSVQESCYKYGQTLDLSK
NSIFFIKSSDFQHLSFLKCLNLSGNLISQTLNGSEFQPLAELRYLDFSNNRLDLLHSTAFEELRKLEVLDISSNSHYFQS
EGITHMLNFTKNLKVLQKLMMNDNDISSSTSRTMESESLRTLEFRGNHLDVLWRDGDNRYLQLFKNLLKLEELDISKNSL
SFLPSGVFDGMPPNLKNLSLAKNGLKSFIWEKLRYLKNLETLDLSHNQLTTVPERLSNCSRSLKNLILKNNQIRSLTKYF
LQDAFQLRYLDLSSNKIQMIQKTSFPENVLNNLKMLLLHHNRFLCTCDAVWFVWWVQHTEVTIPYLATDVTCVGPGAHKG
QSVISLDLYTCELDLTNEFLVPR
;
_entity_poly.pdbx_strand_id   B,A
#
loop_
_chem_comp.id
_chem_comp.type
_chem_comp.name
_chem_comp.formula
9K3 non-polymer 1-{4-amino-2-[(ethylamino)methyl]-1H-imidazo[4,5-c]quinolin-1-yl}-2-methylpropan-2-ol 'C17 H23 N5 O'
NAG D-saccharide, beta linking 2-acetamido-2-deoxy-beta-D-glucopyranose 'C8 H15 N O6'
SO4 non-polymer 'SULFATE ION' 'O4 S -2'
#
# COMPACT_ATOMS: atom_id res chain seq x y z
N ALA A 5 6.19 -35.55 -29.92
CA ALA A 5 5.03 -34.77 -30.33
C ALA A 5 5.42 -33.70 -31.35
N ARG A 6 6.65 -33.20 -31.24
CA ARG A 6 7.31 -32.46 -32.31
C ARG A 6 8.57 -33.24 -32.66
N TRP A 7 8.87 -33.30 -33.96
CA TRP A 7 10.14 -33.85 -34.44
C TRP A 7 11.22 -32.79 -34.55
N PHE A 8 10.82 -31.53 -34.70
CA PHE A 8 11.77 -30.43 -34.83
C PHE A 8 11.40 -29.34 -33.82
N PRO A 9 12.05 -29.31 -32.67
CA PRO A 9 11.79 -28.26 -31.68
C PRO A 9 12.01 -26.88 -32.28
N LYS A 10 11.13 -25.97 -31.92
CA LYS A 10 11.28 -24.58 -32.31
C LYS A 10 12.28 -23.93 -31.37
N THR A 11 13.33 -23.35 -31.95
CA THR A 11 14.35 -22.64 -31.18
C THR A 11 14.32 -21.13 -31.39
N LEU A 12 13.65 -20.66 -32.44
CA LEU A 12 13.54 -19.23 -32.72
C LEU A 12 12.91 -18.48 -31.55
N PRO A 13 13.54 -17.43 -31.05
CA PRO A 13 13.01 -16.77 -29.84
C PRO A 13 11.81 -15.88 -30.10
N CYS A 14 11.09 -16.09 -31.20
CA CYS A 14 9.97 -15.23 -31.58
C CYS A 14 8.69 -16.04 -31.56
N ASP A 15 7.57 -15.38 -31.31
CA ASP A 15 6.29 -16.07 -31.45
C ASP A 15 5.88 -16.13 -32.91
N VAL A 16 5.40 -17.29 -33.34
CA VAL A 16 5.02 -17.51 -34.73
C VAL A 16 3.55 -17.89 -34.80
N THR A 17 2.77 -17.12 -35.55
CA THR A 17 1.36 -17.40 -35.71
C THR A 17 1.04 -17.54 -37.20
N LEU A 18 0.06 -18.40 -37.48
CA LEU A 18 -0.42 -18.67 -38.83
C LEU A 18 -1.86 -18.21 -38.93
N ASP A 19 -2.11 -17.27 -39.83
CA ASP A 19 -3.44 -16.80 -40.18
C ASP A 19 -3.72 -17.31 -41.59
N VAL A 20 -4.24 -18.54 -41.66
CA VAL A 20 -4.40 -19.25 -42.93
C VAL A 20 -5.31 -18.49 -43.90
N SER A 21 -6.34 -17.81 -43.39
CA SER A 21 -7.33 -17.19 -44.27
C SER A 21 -6.72 -16.06 -45.10
N LYS A 22 -6.03 -15.14 -44.44
CA LYS A 22 -5.35 -14.01 -45.09
C LYS A 22 -3.91 -14.30 -45.50
N ASN A 23 -3.51 -15.59 -45.53
CA ASN A 23 -2.17 -16.01 -45.97
C ASN A 23 -1.06 -15.24 -45.27
N HIS A 24 -1.18 -15.11 -43.95
CA HIS A 24 -0.20 -14.38 -43.17
C HIS A 24 0.64 -15.34 -42.32
N VAL A 25 1.94 -15.06 -42.24
CA VAL A 25 2.87 -15.73 -41.35
C VAL A 25 3.45 -14.67 -40.41
N ILE A 26 3.00 -14.70 -39.15
CA ILE A 26 3.27 -13.64 -38.19
C ILE A 26 4.40 -14.06 -37.27
N VAL A 27 5.48 -13.30 -37.28
CA VAL A 27 6.64 -13.54 -36.45
C VAL A 27 6.77 -12.33 -35.55
N ASP A 28 6.60 -12.53 -34.24
CA ASP A 28 6.61 -11.47 -33.25
C ASP A 28 7.79 -11.66 -32.29
N CYS A 29 8.87 -10.90 -32.51
CA CYS A 29 10.03 -10.86 -31.62
C CYS A 29 10.04 -9.61 -30.72
N THR A 30 8.86 -9.11 -30.33
CA THR A 30 8.79 -7.97 -29.42
C THR A 30 9.49 -8.30 -28.11
N ASP A 31 10.47 -7.49 -27.73
CA ASP A 31 11.05 -7.51 -26.39
C ASP A 31 11.65 -8.88 -26.04
N LYS A 32 12.64 -9.28 -26.84
CA LYS A 32 13.34 -10.54 -26.62
C LYS A 32 14.81 -10.32 -26.34
N HIS A 33 15.21 -9.09 -26.04
CA HIS A 33 16.60 -8.76 -25.71
C HIS A 33 17.54 -9.23 -26.81
N LEU A 34 17.09 -9.09 -28.05
CA LEU A 34 17.90 -9.49 -29.19
C LEU A 34 18.89 -8.39 -29.53
N THR A 35 20.11 -8.79 -29.85
CA THR A 35 21.10 -7.85 -30.35
C THR A 35 21.38 -8.08 -31.83
N GLU A 36 20.75 -9.09 -32.42
CA GLU A 36 20.81 -9.34 -33.84
C GLU A 36 19.46 -9.88 -34.26
N ILE A 37 19.14 -9.75 -35.54
CA ILE A 37 17.97 -10.43 -36.06
C ILE A 37 18.22 -11.94 -35.98
N PRO A 38 17.29 -12.72 -35.42
CA PRO A 38 17.57 -14.15 -35.28
C PRO A 38 17.63 -14.86 -36.63
N GLY A 39 18.49 -15.87 -36.68
CA GLY A 39 18.52 -16.74 -37.84
C GLY A 39 17.33 -17.68 -37.85
N GLY A 40 16.97 -18.13 -39.04
CA GLY A 40 15.91 -19.12 -39.18
C GLY A 40 14.49 -18.60 -39.18
N ILE A 41 14.28 -17.29 -39.34
CA ILE A 41 12.91 -16.78 -39.49
C ILE A 41 12.27 -17.44 -40.73
N PRO A 42 11.02 -17.89 -40.65
CA PRO A 42 10.41 -18.60 -41.80
C PRO A 42 10.45 -17.78 -43.08
N THR A 43 10.68 -18.48 -44.20
CA THR A 43 10.75 -17.81 -45.49
C THR A 43 9.40 -17.24 -45.90
N ASN A 44 8.30 -17.89 -45.50
CA ASN A 44 6.97 -17.39 -45.80
C ASN A 44 6.54 -16.22 -44.90
N THR A 45 7.42 -15.67 -44.06
CA THR A 45 7.01 -14.63 -43.13
C THR A 45 6.45 -13.41 -43.85
N THR A 46 5.22 -13.03 -43.50
CA THR A 46 4.60 -11.81 -44.01
C THR A 46 4.66 -10.63 -43.05
N ASN A 47 4.57 -10.86 -41.73
CA ASN A 47 4.62 -9.79 -40.72
C ASN A 47 5.75 -10.05 -39.72
N LEU A 48 6.77 -9.19 -39.74
CA LEU A 48 7.92 -9.35 -38.84
C LEU A 48 8.00 -8.16 -37.90
N THR A 49 7.93 -8.43 -36.59
CA THR A 49 8.00 -7.41 -35.56
C THR A 49 9.23 -7.60 -34.68
N LEU A 50 10.10 -6.60 -34.65
CA LEU A 50 11.32 -6.59 -33.85
C LEU A 50 11.37 -5.40 -32.88
N THR A 51 10.20 -4.89 -32.49
CA THR A 51 10.13 -3.73 -31.62
C THR A 51 10.77 -4.02 -30.26
N ILE A 52 11.49 -3.03 -29.74
CA ILE A 52 12.09 -3.04 -28.41
C ILE A 52 13.09 -4.17 -28.31
N ASN A 53 14.17 -4.05 -29.07
CA ASN A 53 15.35 -4.88 -28.93
C ASN A 53 16.53 -3.94 -29.05
N HIS A 54 17.72 -4.50 -29.23
CA HIS A 54 18.92 -3.70 -29.37
C HIS A 54 19.72 -4.17 -30.57
N ILE A 55 19.01 -4.29 -31.70
CA ILE A 55 19.61 -4.58 -33.00
C ILE A 55 20.18 -3.29 -33.56
N PRO A 56 21.51 -3.19 -33.72
CA PRO A 56 22.13 -1.91 -34.08
C PRO A 56 22.16 -1.62 -35.57
N ASP A 57 21.85 -2.59 -36.42
CA ASP A 57 22.10 -2.37 -37.84
C ASP A 57 21.09 -3.15 -38.66
N ILE A 58 20.81 -2.59 -39.85
CA ILE A 58 20.05 -3.28 -40.88
C ILE A 58 20.87 -3.27 -42.17
N SER A 59 20.84 -4.39 -42.90
CA SER A 59 21.63 -4.53 -44.10
C SER A 59 20.88 -5.46 -45.05
N PRO A 60 21.33 -5.58 -46.30
CA PRO A 60 20.69 -6.52 -47.23
C PRO A 60 20.55 -7.94 -46.69
N ALA A 61 21.48 -8.37 -45.82
CA ALA A 61 21.34 -9.66 -45.15
C ALA A 61 20.16 -9.71 -44.18
N SER A 62 19.68 -8.56 -43.67
CA SER A 62 18.68 -8.59 -42.61
C SER A 62 17.42 -9.36 -43.04
N PHE A 63 16.87 -9.03 -44.21
CA PHE A 63 15.63 -9.64 -44.67
C PHE A 63 15.84 -10.44 -45.97
N HIS A 64 17.08 -10.85 -46.24
CA HIS A 64 17.48 -11.50 -47.50
C HIS A 64 16.50 -12.54 -48.02
N ARG A 65 16.17 -13.54 -47.20
CA ARG A 65 15.29 -14.60 -47.67
C ARG A 65 13.80 -14.23 -47.62
N LEU A 66 13.43 -13.15 -46.94
CA LEU A 66 12.04 -12.91 -46.57
C LEU A 66 11.33 -12.05 -47.61
N VAL A 67 11.28 -12.58 -48.84
CA VAL A 67 10.75 -11.83 -49.97
C VAL A 67 9.24 -11.60 -49.85
N HIS A 68 8.54 -12.36 -49.01
CA HIS A 68 7.10 -12.17 -48.89
C HIS A 68 6.67 -11.14 -47.85
N LEU A 69 7.60 -10.36 -47.28
CA LEU A 69 7.23 -9.44 -46.20
C LEU A 69 6.24 -8.37 -46.67
N VAL A 70 5.07 -8.31 -46.01
CA VAL A 70 4.18 -7.17 -46.19
C VAL A 70 4.41 -6.08 -45.14
N GLU A 71 4.89 -6.43 -43.93
CA GLU A 71 5.05 -5.48 -42.83
C GLU A 71 6.31 -5.79 -42.02
N ILE A 72 7.15 -4.79 -41.85
CA ILE A 72 8.26 -4.83 -40.91
C ILE A 72 8.00 -3.81 -39.81
N ASP A 73 8.03 -4.26 -38.56
CA ASP A 73 7.81 -3.40 -37.41
C ASP A 73 9.12 -3.41 -36.61
N PHE A 74 9.93 -2.38 -36.80
CA PHE A 74 11.26 -2.27 -36.24
C PHE A 74 11.34 -1.02 -35.35
N ARG A 75 10.36 -0.85 -34.45
CA ARG A 75 10.31 0.33 -33.59
C ARG A 75 11.22 0.17 -32.37
N CYS A 76 11.84 1.27 -31.96
CA CYS A 76 12.39 1.40 -30.61
C CYS A 76 13.54 0.42 -30.35
N ASN A 77 14.45 0.33 -31.31
CA ASN A 77 15.71 -0.34 -31.07
C ASN A 77 16.80 0.64 -30.70
N CYS A 78 16.54 1.94 -30.81
CA CYS A 78 17.47 2.96 -30.36
C CYS A 78 16.72 4.24 -30.02
N VAL A 79 15.95 4.24 -28.93
CA VAL A 79 15.00 5.31 -28.69
C VAL A 79 15.74 6.56 -28.21
N PRO A 80 15.23 7.76 -28.49
CA PRO A 80 15.84 9.00 -27.99
C PRO A 80 16.08 8.97 -26.48
N ILE A 81 17.12 9.67 -26.05
CA ILE A 81 17.66 9.51 -24.70
C ILE A 81 16.58 9.78 -23.64
N ARG A 82 15.90 10.93 -23.73
CA ARG A 82 14.96 11.30 -22.68
C ARG A 82 13.68 10.48 -22.72
N LEU A 83 13.45 9.73 -23.80
CA LEU A 83 12.30 8.84 -23.88
C LEU A 83 12.63 7.41 -23.49
N GLY A 84 13.89 7.03 -23.48
CA GLY A 84 14.26 5.65 -23.26
C GLY A 84 14.79 5.35 -21.88
N SER A 85 14.91 4.04 -21.64
CA SER A 85 15.50 3.52 -20.41
C SER A 85 16.86 4.17 -20.15
N LYS A 86 17.04 4.67 -18.93
CA LYS A 86 18.31 5.21 -18.51
C LYS A 86 19.26 4.15 -17.97
N SER A 87 18.78 2.91 -17.75
CA SER A 87 19.66 1.83 -17.34
C SER A 87 20.24 1.08 -18.54
N ASN A 88 19.54 1.10 -19.68
CA ASN A 88 20.06 0.57 -20.94
C ASN A 88 19.92 1.65 -22.03
N MET A 89 20.76 2.67 -21.97
CA MET A 89 20.72 3.69 -23.01
C MET A 89 21.29 3.11 -24.30
N CYS A 90 20.78 3.58 -25.41
CA CYS A 90 21.27 3.12 -26.71
C CYS A 90 22.56 3.86 -27.05
N PRO A 91 23.66 3.15 -27.37
CA PRO A 91 24.95 3.83 -27.54
C PRO A 91 25.09 4.53 -28.89
N ARG A 92 24.51 3.98 -29.95
CA ARG A 92 24.64 4.52 -31.30
C ARG A 92 23.35 4.32 -32.09
N ARG A 93 22.99 5.32 -32.88
CA ARG A 93 21.76 5.29 -33.67
C ARG A 93 21.77 4.08 -34.61
N LEU A 94 20.58 3.59 -34.92
CA LEU A 94 20.42 2.51 -35.88
C LEU A 94 21.10 2.83 -37.21
N GLN A 95 21.81 1.82 -37.74
CA GLN A 95 22.49 1.93 -39.02
C GLN A 95 21.74 1.13 -40.07
N ILE A 96 21.30 1.80 -41.12
CA ILE A 96 20.66 1.11 -42.23
C ILE A 96 21.58 1.21 -43.42
N LYS A 97 22.03 0.06 -43.91
CA LYS A 97 22.90 0.01 -45.07
C LYS A 97 22.06 0.05 -46.34
N PRO A 98 22.65 0.49 -47.45
CA PRO A 98 21.89 0.62 -48.70
C PRO A 98 21.32 -0.71 -49.16
N ARG A 99 20.17 -0.61 -49.84
CA ARG A 99 19.46 -1.71 -50.46
C ARG A 99 18.97 -2.73 -49.43
N SER A 100 18.77 -2.32 -48.17
CA SER A 100 18.26 -3.26 -47.18
C SER A 100 16.80 -3.57 -47.38
N PHE A 101 16.05 -2.71 -48.05
CA PHE A 101 14.61 -2.87 -48.19
C PHE A 101 14.15 -3.06 -49.64
N SER A 102 15.00 -2.75 -50.64
CA SER A 102 14.49 -2.68 -52.01
C SER A 102 14.09 -4.05 -52.55
N GLY A 103 14.72 -5.13 -52.08
CA GLY A 103 14.29 -6.44 -52.51
C GLY A 103 12.90 -6.84 -52.07
N LEU A 104 12.28 -6.09 -51.15
CA LEU A 104 11.01 -6.52 -50.57
C LEU A 104 9.88 -5.93 -51.40
N THR A 105 9.57 -6.64 -52.48
CA THR A 105 8.63 -6.24 -53.52
C THR A 105 7.19 -6.15 -53.01
N TYR A 106 6.87 -6.80 -51.89
CA TYR A 106 5.52 -6.78 -51.36
C TYR A 106 5.36 -5.89 -50.12
N LEU A 107 6.41 -5.17 -49.72
CA LEU A 107 6.38 -4.45 -48.44
C LEU A 107 5.37 -3.32 -48.47
N LYS A 108 4.35 -3.40 -47.61
CA LYS A 108 3.34 -2.36 -47.53
C LYS A 108 3.52 -1.41 -46.36
N SER A 109 4.07 -1.87 -45.24
CA SER A 109 4.10 -1.07 -44.02
C SER A 109 5.47 -1.18 -43.37
N LEU A 110 6.08 -0.05 -43.07
CA LEU A 110 7.41 -0.01 -42.46
C LEU A 110 7.39 0.95 -41.27
N TYR A 111 7.61 0.44 -40.06
CA TYR A 111 7.68 1.27 -38.84
C TYR A 111 9.13 1.31 -38.37
N LEU A 112 9.74 2.51 -38.43
CA LEU A 112 11.10 2.71 -37.95
C LEU A 112 11.18 3.78 -36.86
N ASP A 113 10.07 4.04 -36.17
CA ASP A 113 10.03 5.01 -35.08
C ASP A 113 11.04 4.68 -34.00
N GLY A 114 11.59 5.73 -33.39
CA GLY A 114 12.37 5.60 -32.18
C GLY A 114 13.70 4.89 -32.38
N ASN A 115 14.46 5.29 -33.41
CA ASN A 115 15.74 4.68 -33.74
C ASN A 115 16.82 5.74 -33.94
N GLN A 116 16.52 7.01 -33.63
CA GLN A 116 17.48 8.10 -33.73
C GLN A 116 18.02 8.27 -35.14
N LEU A 117 17.21 7.91 -36.15
CA LEU A 117 17.62 8.10 -37.54
C LEU A 117 17.78 9.58 -37.84
N LEU A 118 18.73 9.90 -38.73
CA LEU A 118 19.01 11.30 -39.08
C LEU A 118 18.38 11.74 -40.39
N GLU A 119 18.01 10.80 -41.25
CA GLU A 119 17.44 11.14 -42.54
C GLU A 119 16.36 10.11 -42.86
N ILE A 120 15.48 10.48 -43.79
CA ILE A 120 14.50 9.54 -44.30
C ILE A 120 15.23 8.42 -45.03
N PRO A 121 15.01 7.16 -44.63
CA PRO A 121 15.71 6.05 -45.28
C PRO A 121 15.34 5.97 -46.76
N GLN A 122 16.37 5.90 -47.60
CA GLN A 122 16.21 5.82 -49.04
C GLN A 122 16.22 4.36 -49.49
N GLY A 123 15.90 4.14 -50.76
CA GLY A 123 15.86 2.79 -51.27
C GLY A 123 14.63 2.03 -50.90
N LEU A 124 13.53 2.71 -50.60
CA LEU A 124 12.38 1.95 -50.16
C LEU A 124 11.61 1.44 -51.36
N PRO A 125 10.98 0.26 -51.24
CA PRO A 125 10.30 -0.33 -52.38
C PRO A 125 9.06 0.48 -52.76
N PRO A 126 8.67 0.46 -54.04
CA PRO A 126 7.53 1.27 -54.48
C PRO A 126 6.19 0.68 -54.07
N SER A 127 6.15 -0.49 -53.44
CA SER A 127 4.89 -0.98 -52.90
C SER A 127 4.48 -0.27 -51.61
N LEU A 128 5.38 0.45 -50.95
CA LEU A 128 5.15 0.94 -49.58
C LEU A 128 3.97 1.91 -49.52
N GLN A 129 3.01 1.59 -48.65
CA GLN A 129 1.85 2.43 -48.35
C GLN A 129 1.98 3.25 -47.05
N LEU A 130 2.72 2.75 -46.06
CA LEU A 130 2.77 3.36 -44.74
C LEU A 130 4.23 3.42 -44.30
N LEU A 131 4.70 4.61 -43.97
CA LEU A 131 6.02 4.79 -43.38
C LEU A 131 5.86 5.54 -42.06
N SER A 132 6.55 5.08 -41.02
CA SER A 132 6.45 5.68 -39.70
C SER A 132 7.84 6.00 -39.20
N LEU A 133 8.09 7.27 -38.90
CA LEU A 133 9.41 7.72 -38.48
C LEU A 133 9.33 8.61 -37.25
N GLU A 134 8.33 8.38 -36.39
CA GLU A 134 8.20 9.17 -35.18
C GLU A 134 9.41 8.97 -34.26
N ALA A 135 9.70 9.99 -33.46
CA ALA A 135 10.73 9.92 -32.43
C ALA A 135 12.07 9.50 -33.02
N ASN A 136 12.38 10.04 -34.18
CA ASN A 136 13.71 9.99 -34.74
C ASN A 136 14.30 11.40 -34.65
N ASN A 137 15.36 11.64 -35.42
CA ASN A 137 16.00 12.95 -35.42
C ASN A 137 16.02 13.52 -36.83
N ILE A 138 14.87 13.49 -37.51
CA ILE A 138 14.71 14.00 -38.87
C ILE A 138 13.95 15.31 -38.78
N PHE A 139 14.62 16.42 -39.04
CA PHE A 139 13.94 17.71 -38.90
C PHE A 139 14.10 18.61 -40.10
N SER A 140 14.50 18.07 -41.25
CA SER A 140 14.49 18.83 -42.50
C SER A 140 13.94 17.92 -43.59
N ILE A 141 12.82 18.31 -44.19
CA ILE A 141 12.15 17.50 -45.20
C ILE A 141 12.42 18.13 -46.56
N ARG A 142 13.04 17.36 -47.46
CA ARG A 142 13.37 17.83 -48.80
C ARG A 142 12.63 17.00 -49.84
N LYS A 143 12.15 17.68 -50.88
CA LYS A 143 11.42 16.99 -51.96
C LYS A 143 12.22 15.83 -52.53
N GLU A 144 13.55 15.96 -52.61
CA GLU A 144 14.36 14.91 -53.21
C GLU A 144 14.26 13.61 -52.40
N GLN A 145 14.23 13.72 -51.07
CA GLN A 145 14.15 12.55 -50.21
C GLN A 145 12.78 11.87 -50.26
N LEU A 146 11.80 12.50 -50.88
CA LEU A 146 10.45 11.96 -50.90
C LEU A 146 10.08 11.30 -52.22
N THR A 147 10.92 11.40 -53.24
CA THR A 147 10.57 10.85 -54.56
C THR A 147 10.31 9.34 -54.48
N GLU A 148 11.10 8.61 -53.66
CA GLU A 148 10.88 7.18 -53.51
C GLU A 148 9.50 6.82 -53.00
N LEU A 149 8.71 7.77 -52.48
CA LEU A 149 7.46 7.48 -51.78
C LEU A 149 6.22 7.70 -52.63
N ALA A 150 6.34 7.60 -53.96
CA ALA A 150 5.25 7.95 -54.88
C ALA A 150 3.91 7.35 -54.47
N ASN A 151 3.89 6.10 -54.00
CA ASN A 151 2.64 5.42 -53.66
C ASN A 151 2.24 5.55 -52.19
N ILE A 152 2.95 6.35 -51.39
CA ILE A 152 2.68 6.39 -49.94
C ILE A 152 1.32 7.02 -49.67
N GLU A 153 0.58 6.41 -48.73
CA GLU A 153 -0.70 6.96 -48.28
C GLU A 153 -0.69 7.40 -46.83
N ILE A 154 0.22 6.89 -46.00
CA ILE A 154 0.25 7.24 -44.59
C ILE A 154 1.68 7.55 -44.18
N LEU A 155 1.90 8.75 -43.64
CA LEU A 155 3.25 9.26 -43.35
C LEU A 155 3.27 9.87 -41.95
N TYR A 156 4.00 9.26 -41.03
CA TYR A 156 4.14 9.72 -39.65
C TYR A 156 5.55 10.24 -39.45
N LEU A 157 5.68 11.55 -39.21
CA LEU A 157 6.99 12.17 -39.07
C LEU A 157 7.14 12.96 -37.78
N GLY A 158 6.17 12.85 -36.86
CA GLY A 158 6.15 13.68 -35.67
C GLY A 158 7.16 13.23 -34.62
N GLN A 159 7.22 14.01 -33.54
CA GLN A 159 8.07 13.73 -32.37
C GLN A 159 9.55 13.71 -32.73
N ASN A 160 9.92 14.42 -33.79
CA ASN A 160 11.31 14.50 -34.18
C ASN A 160 12.00 15.77 -33.71
N CYS A 161 11.25 16.72 -33.13
CA CYS A 161 11.89 17.91 -32.58
C CYS A 161 10.93 18.50 -31.54
N TYR A 162 11.08 18.08 -30.28
CA TYR A 162 10.29 18.65 -29.18
C TYR A 162 11.03 18.41 -27.88
N TYR A 163 10.44 18.82 -26.76
CA TYR A 163 11.22 18.94 -25.54
C TYR A 163 11.75 17.59 -25.06
N ARG A 164 11.07 16.50 -25.38
CA ARG A 164 11.58 15.18 -25.02
C ARG A 164 12.56 14.64 -26.03
N ASN A 165 12.79 15.32 -27.14
CA ASN A 165 13.64 14.84 -28.21
C ASN A 165 14.06 16.05 -29.04
N PRO A 166 14.89 16.92 -28.48
CA PRO A 166 15.14 18.22 -29.10
C PRO A 166 16.06 18.15 -30.31
N CYS A 167 15.79 19.03 -31.27
CA CYS A 167 16.68 19.24 -32.39
C CYS A 167 17.31 20.63 -32.39
N TYR A 168 16.86 21.53 -31.53
CA TYR A 168 17.46 22.84 -31.30
C TYR A 168 17.40 23.78 -32.49
N VAL A 169 16.66 23.44 -33.54
CA VAL A 169 16.38 24.36 -34.64
C VAL A 169 14.90 24.25 -34.97
N SER A 170 14.44 25.16 -35.84
CA SER A 170 13.09 25.07 -36.36
C SER A 170 13.05 23.97 -37.40
N TYR A 171 11.93 23.27 -37.45
CA TYR A 171 11.70 22.28 -38.48
C TYR A 171 11.67 22.97 -39.83
N SER A 172 12.12 22.25 -40.87
CA SER A 172 12.21 22.79 -42.22
C SER A 172 11.49 21.86 -43.17
N ILE A 173 10.66 22.42 -44.03
CA ILE A 173 9.95 21.67 -45.06
C ILE A 173 10.11 22.44 -46.36
N GLU A 174 10.64 21.79 -47.38
CA GLU A 174 10.79 22.48 -48.66
C GLU A 174 9.42 22.75 -49.25
N LYS A 175 9.32 23.89 -49.95
CA LYS A 175 8.14 24.21 -50.75
C LYS A 175 7.69 23.02 -51.60
N ASP A 176 6.38 22.71 -51.52
CA ASP A 176 5.77 21.59 -52.25
C ASP A 176 6.48 20.26 -52.01
N ALA A 177 7.10 20.08 -50.85
CA ALA A 177 7.80 18.82 -50.58
C ALA A 177 6.87 17.63 -50.73
N PHE A 178 5.61 17.77 -50.36
CA PHE A 178 4.66 16.67 -50.36
C PHE A 178 3.78 16.63 -51.59
N LEU A 179 3.90 17.60 -52.49
CA LEU A 179 2.86 17.79 -53.50
C LEU A 179 2.78 16.58 -54.45
N ASN A 180 3.92 16.03 -54.85
CA ASN A 180 3.92 14.93 -55.81
C ASN A 180 3.74 13.56 -55.17
N LEU A 181 3.35 13.50 -53.89
CA LEU A 181 2.89 12.25 -53.28
C LEU A 181 1.37 12.22 -53.50
N THR A 182 0.99 11.82 -54.70
CA THR A 182 -0.38 11.98 -55.19
C THR A 182 -1.36 11.03 -54.56
N LYS A 183 -0.92 10.10 -53.71
CA LYS A 183 -1.82 9.19 -53.03
C LYS A 183 -1.88 9.43 -51.52
N LEU A 184 -1.11 10.40 -51.02
CA LEU A 184 -0.96 10.61 -49.60
C LEU A 184 -2.29 11.01 -48.98
N LYS A 185 -2.76 10.23 -47.99
CA LYS A 185 -4.02 10.57 -47.32
C LYS A 185 -3.86 11.03 -45.88
N VAL A 186 -2.84 10.59 -45.16
CA VAL A 186 -2.67 10.90 -43.75
C VAL A 186 -1.26 11.46 -43.56
N LEU A 187 -1.17 12.70 -43.07
CA LEU A 187 0.15 13.30 -42.82
C LEU A 187 0.18 13.81 -41.40
N SER A 188 1.17 13.36 -40.63
CA SER A 188 1.31 13.73 -39.23
C SER A 188 2.65 14.42 -39.02
N LEU A 189 2.60 15.70 -38.64
CA LEU A 189 3.80 16.48 -38.38
C LEU A 189 3.79 17.06 -36.98
N LYS A 190 3.11 16.38 -36.06
CA LYS A 190 2.97 16.80 -34.67
C LYS A 190 4.32 16.85 -33.96
N ASP A 191 4.37 17.63 -32.87
CA ASP A 191 5.50 17.60 -31.93
C ASP A 191 6.83 17.81 -32.66
N ASN A 192 6.89 18.81 -33.55
CA ASN A 192 8.03 18.91 -34.45
C ASN A 192 8.74 20.26 -34.52
N ASN A 193 8.31 21.28 -33.75
CA ASN A 193 8.89 22.63 -33.85
C ASN A 193 8.62 23.24 -35.24
N VAL A 194 7.50 22.87 -35.87
CA VAL A 194 7.12 23.42 -37.17
C VAL A 194 6.69 24.87 -36.99
N THR A 195 7.06 25.73 -37.96
CA THR A 195 6.78 27.16 -37.84
C THR A 195 5.72 27.65 -38.81
N THR A 196 5.52 26.99 -39.95
CA THR A 196 4.45 27.38 -40.86
C THR A 196 3.74 26.14 -41.36
N VAL A 197 2.49 26.32 -41.78
CA VAL A 197 1.83 25.21 -42.46
C VAL A 197 2.55 24.94 -43.77
N PRO A 198 3.00 23.73 -44.05
CA PRO A 198 3.68 23.47 -45.33
C PRO A 198 2.68 23.50 -46.48
N THR A 199 3.09 24.06 -47.60
CA THR A 199 2.24 24.19 -48.77
C THR A 199 3.13 23.93 -49.98
N VAL A 200 2.53 23.50 -51.09
CA VAL A 200 1.15 23.10 -51.20
C VAL A 200 1.10 21.61 -50.85
N LEU A 201 0.02 21.17 -50.15
CA LEU A 201 -0.13 19.77 -49.79
C LEU A 201 -1.01 19.06 -50.80
N PRO A 202 -0.84 17.76 -50.97
CA PRO A 202 -1.63 17.04 -52.00
C PRO A 202 -3.10 16.98 -51.61
N SER A 203 -3.96 17.19 -52.60
CA SER A 203 -5.39 17.32 -52.34
C SER A 203 -6.07 15.99 -52.02
N THR A 204 -5.33 14.87 -52.09
CA THR A 204 -5.82 13.59 -51.58
C THR A 204 -5.92 13.56 -50.05
N LEU A 205 -5.33 14.50 -49.32
CA LEU A 205 -5.26 14.38 -47.86
C LEU A 205 -6.64 14.26 -47.23
N THR A 206 -6.79 13.28 -46.31
CA THR A 206 -7.97 13.15 -45.48
C THR A 206 -7.72 13.52 -44.02
N GLU A 207 -6.46 13.48 -43.56
CA GLU A 207 -6.13 13.75 -42.17
C GLU A 207 -4.81 14.51 -42.11
N LEU A 208 -4.83 15.66 -41.43
CA LEU A 208 -3.63 16.47 -41.32
C LEU A 208 -3.42 16.81 -39.85
N TYR A 209 -2.29 16.39 -39.30
CA TYR A 209 -1.98 16.57 -37.89
C TYR A 209 -0.81 17.52 -37.81
N LEU A 210 -1.08 18.74 -37.32
CA LEU A 210 -0.06 19.77 -37.18
C LEU A 210 0.06 20.26 -35.75
N TYR A 211 -0.31 19.44 -34.78
CA TYR A 211 -0.42 19.95 -33.42
C TYR A 211 0.91 19.93 -32.67
N ASN A 212 0.94 20.68 -31.56
CA ASN A 212 2.12 20.87 -30.70
C ASN A 212 3.34 21.31 -31.52
N ASN A 213 3.23 22.49 -32.13
CA ASN A 213 4.31 23.03 -32.95
C ASN A 213 4.50 24.49 -32.56
N MET A 214 5.10 25.27 -33.46
CA MET A 214 5.27 26.71 -33.30
C MET A 214 4.67 27.49 -34.47
N ILE A 215 3.47 27.12 -34.91
CA ILE A 215 2.75 27.88 -35.93
C ILE A 215 1.99 29.01 -35.24
N ALA A 216 2.33 30.25 -35.58
CA ALA A 216 1.65 31.37 -34.95
C ALA A 216 0.47 31.89 -35.76
N GLU A 217 0.48 31.71 -37.08
CA GLU A 217 -0.59 32.22 -37.92
C GLU A 217 -0.87 31.20 -39.00
N ILE A 218 -2.14 31.11 -39.40
CA ILE A 218 -2.55 30.36 -40.58
C ILE A 218 -2.73 31.35 -41.71
N GLN A 219 -2.18 31.04 -42.89
CA GLN A 219 -2.47 31.87 -44.04
C GLN A 219 -3.85 31.52 -44.59
N GLU A 220 -4.47 32.49 -45.24
CA GLU A 220 -5.83 32.31 -45.73
C GLU A 220 -5.94 31.20 -46.77
N ASP A 221 -4.86 30.86 -47.47
CA ASP A 221 -4.93 29.80 -48.46
C ASP A 221 -4.13 28.56 -48.06
N ASP A 222 -3.71 28.45 -46.80
CA ASP A 222 -2.94 27.28 -46.36
C ASP A 222 -3.68 25.96 -46.63
N PHE A 223 -5.02 25.93 -46.58
CA PHE A 223 -5.76 24.70 -46.79
C PHE A 223 -6.65 24.73 -48.04
N ASN A 224 -6.30 25.56 -49.02
CA ASN A 224 -7.23 25.90 -50.11
C ASN A 224 -7.62 24.73 -50.99
N ASN A 225 -6.72 23.79 -51.21
CA ASN A 225 -6.98 22.69 -52.13
C ASN A 225 -7.44 21.42 -51.45
N LEU A 226 -7.54 21.39 -50.13
CA LEU A 226 -7.76 20.12 -49.44
C LEU A 226 -9.26 19.85 -49.33
N ASN A 227 -9.85 19.59 -50.48
CA ASN A 227 -11.30 19.37 -50.52
C ASN A 227 -11.70 17.96 -50.09
N GLN A 228 -10.74 17.12 -49.72
CA GLN A 228 -11.05 15.82 -49.16
C GLN A 228 -10.75 15.73 -47.66
N LEU A 229 -10.17 16.76 -47.07
CA LEU A 229 -9.71 16.67 -45.68
C LEU A 229 -10.88 16.36 -44.77
N GLN A 230 -10.71 15.37 -43.91
CA GLN A 230 -11.75 15.03 -42.95
C GLN A 230 -11.38 15.36 -41.51
N ILE A 231 -10.10 15.34 -41.18
CA ILE A 231 -9.63 15.60 -39.83
C ILE A 231 -8.52 16.63 -39.95
N LEU A 232 -8.65 17.72 -39.18
CA LEU A 232 -7.61 18.74 -39.09
C LEU A 232 -7.33 18.99 -37.62
N ASP A 233 -6.07 18.88 -37.22
CA ASP A 233 -5.69 19.13 -35.84
C ASP A 233 -4.58 20.17 -35.85
N LEU A 234 -4.90 21.36 -35.32
CA LEU A 234 -3.94 22.46 -35.19
C LEU A 234 -3.67 22.80 -33.74
N SER A 235 -4.08 21.94 -32.82
CA SER A 235 -3.98 22.20 -31.39
C SER A 235 -2.54 22.49 -30.94
N GLY A 236 -2.41 23.14 -29.79
CA GLY A 236 -1.09 23.33 -29.22
C GLY A 236 -0.17 24.21 -30.04
N ASN A 237 -0.74 25.14 -30.82
CA ASN A 237 0.01 26.22 -31.48
C ASN A 237 -0.48 27.52 -30.84
N CYS A 238 0.43 28.21 -30.14
CA CYS A 238 0.10 29.23 -29.16
C CYS A 238 -0.64 28.59 -27.98
N PRO A 239 0.05 27.73 -27.23
CA PRO A 239 -0.61 26.97 -26.15
C PRO A 239 -1.07 27.83 -24.98
N ARG A 240 -2.11 27.35 -24.32
CA ARG A 240 -2.53 27.87 -23.03
C ARG A 240 -1.66 27.19 -21.98
N CYS A 241 -0.75 27.94 -21.37
CA CYS A 241 0.30 27.31 -20.58
C CYS A 241 -0.01 27.20 -19.10
N TYR A 242 -1.17 27.68 -18.63
CA TYR A 242 -1.41 27.64 -17.18
C TYR A 242 -1.45 26.20 -16.68
N ASN A 243 -0.69 25.93 -15.60
CA ASN A 243 -0.59 24.59 -14.99
C ASN A 243 -0.20 23.50 -16.01
N ALA A 244 0.50 23.87 -17.06
CA ALA A 244 0.94 22.84 -17.99
C ALA A 244 1.92 21.89 -17.30
N PRO A 245 1.75 20.58 -17.45
CA PRO A 245 2.72 19.62 -16.88
C PRO A 245 3.94 19.35 -17.77
N PHE A 246 4.17 20.13 -18.80
CA PHE A 246 5.34 20.01 -19.65
C PHE A 246 5.84 21.43 -19.87
N PRO A 247 7.11 21.59 -20.26
CA PRO A 247 7.61 22.94 -20.55
C PRO A 247 6.85 23.55 -21.73
N CYS A 248 6.33 24.75 -21.50
CA CYS A 248 5.31 25.34 -22.36
C CYS A 248 5.69 26.78 -22.64
N THR A 249 5.82 27.13 -23.91
CA THR A 249 6.15 28.51 -24.27
C THR A 249 4.97 29.11 -25.01
N PRO A 250 4.34 30.16 -24.48
CA PRO A 250 3.20 30.77 -25.19
C PRO A 250 3.68 31.70 -26.28
N CYS A 251 2.79 31.93 -27.26
CA CYS A 251 3.00 33.04 -28.20
C CYS A 251 3.01 34.33 -27.40
N LYS A 252 3.83 35.29 -27.77
CA LYS A 252 3.60 36.41 -26.88
C LYS A 252 2.66 37.51 -27.28
N ASN A 253 2.55 38.40 -26.26
CA ASN A 253 1.44 39.35 -26.00
C ASN A 253 0.08 38.65 -25.92
N ASN A 254 0.10 37.45 -25.33
CA ASN A 254 -1.08 36.61 -25.17
C ASN A 254 -1.84 36.42 -26.49
N SER A 255 -1.09 36.34 -27.57
CA SER A 255 -1.73 36.21 -28.86
C SER A 255 -2.32 34.81 -29.02
N PRO A 256 -3.45 34.70 -29.70
CA PRO A 256 -3.93 33.37 -30.10
C PRO A 256 -3.24 32.91 -31.38
N LEU A 257 -3.48 31.66 -31.73
CA LEU A 257 -3.22 31.27 -33.10
C LEU A 257 -4.12 32.10 -34.01
N GLN A 258 -3.53 32.73 -35.01
CA GLN A 258 -4.29 33.65 -35.85
C GLN A 258 -4.86 32.90 -37.04
N ILE A 259 -6.19 32.80 -37.10
CA ILE A 259 -6.83 32.06 -38.18
C ILE A 259 -7.76 32.97 -38.96
N PRO A 260 -7.46 33.24 -40.24
CA PRO A 260 -8.36 34.06 -41.05
C PRO A 260 -9.75 33.47 -41.11
N VAL A 261 -10.75 34.33 -41.25
CA VAL A 261 -12.14 33.91 -41.21
C VAL A 261 -12.49 32.96 -42.33
N ASN A 262 -11.73 32.96 -43.43
CA ASN A 262 -12.00 32.13 -44.60
C ASN A 262 -11.03 30.95 -44.72
N ALA A 263 -10.22 30.68 -43.69
CA ALA A 263 -9.17 29.68 -43.76
C ALA A 263 -9.72 28.25 -43.95
N PHE A 264 -10.97 27.99 -43.59
CA PHE A 264 -11.53 26.66 -43.72
C PHE A 264 -12.51 26.52 -44.89
N ASP A 265 -12.61 27.53 -45.75
CA ASP A 265 -13.66 27.55 -46.77
C ASP A 265 -13.63 26.35 -47.70
N ALA A 266 -12.45 25.82 -48.00
CA ALA A 266 -12.37 24.71 -48.91
C ALA A 266 -12.70 23.36 -48.28
N LEU A 267 -12.77 23.28 -46.95
CA LEU A 267 -12.78 21.98 -46.28
C LEU A 267 -14.21 21.45 -46.12
N THR A 268 -14.87 21.21 -47.27
CA THR A 268 -16.27 20.81 -47.22
C THR A 268 -16.46 19.41 -46.68
N GLU A 269 -15.43 18.57 -46.66
CA GLU A 269 -15.57 17.23 -46.10
C GLU A 269 -15.14 17.14 -44.64
N LEU A 270 -14.80 18.27 -44.02
CA LEU A 270 -14.22 18.21 -42.68
C LEU A 270 -15.20 17.65 -41.66
N LYS A 271 -14.78 16.58 -40.96
CA LYS A 271 -15.59 16.03 -39.87
C LYS A 271 -15.04 16.32 -38.50
N VAL A 272 -13.74 16.55 -38.35
CA VAL A 272 -13.13 16.74 -37.05
C VAL A 272 -12.22 17.95 -37.12
N LEU A 273 -12.42 18.90 -36.21
CA LEU A 273 -11.56 20.07 -36.09
C LEU A 273 -11.10 20.16 -34.65
N ARG A 274 -9.80 20.13 -34.44
CA ARG A 274 -9.24 20.21 -33.11
C ARG A 274 -8.45 21.49 -32.97
N LEU A 275 -8.91 22.36 -32.08
CA LEU A 275 -8.33 23.67 -31.77
C LEU A 275 -8.15 23.76 -30.26
N HIS A 276 -7.53 22.73 -29.71
CA HIS A 276 -7.23 22.62 -28.30
C HIS A 276 -5.94 23.40 -28.02
N SER A 277 -5.94 24.21 -26.97
CA SER A 277 -4.73 24.90 -26.55
C SER A 277 -4.13 25.76 -27.68
N ASN A 278 -4.96 26.66 -28.20
CA ASN A 278 -4.54 27.66 -29.18
C ASN A 278 -4.74 29.08 -28.66
N SER A 279 -5.10 29.22 -27.37
CA SER A 279 -5.24 30.52 -26.71
C SER A 279 -6.28 31.40 -27.40
N LEU A 280 -7.30 30.77 -27.98
CA LEU A 280 -8.36 31.49 -28.69
C LEU A 280 -9.23 32.30 -27.73
N GLN A 281 -9.59 33.51 -28.17
CA GLN A 281 -10.52 34.37 -27.44
C GLN A 281 -11.85 34.55 -28.15
N HIS A 282 -11.95 34.19 -29.42
CA HIS A 282 -13.19 34.27 -30.17
C HIS A 282 -13.26 33.07 -31.09
N VAL A 283 -14.49 32.66 -31.39
CA VAL A 283 -14.72 31.67 -32.43
C VAL A 283 -15.64 32.33 -33.45
N PRO A 284 -15.08 32.97 -34.48
CA PRO A 284 -15.90 33.63 -35.51
C PRO A 284 -16.85 32.66 -36.17
N PRO A 285 -18.14 33.00 -36.23
CA PRO A 285 -19.08 32.19 -37.04
C PRO A 285 -18.63 31.98 -38.48
N ARG A 286 -17.96 32.98 -39.08
CA ARG A 286 -17.54 32.88 -40.48
C ARG A 286 -16.63 31.68 -40.75
N TRP A 287 -15.91 31.19 -39.72
CA TRP A 287 -15.07 30.00 -39.87
C TRP A 287 -15.85 28.83 -40.47
N PHE A 288 -17.11 28.68 -40.07
CA PHE A 288 -17.88 27.49 -40.37
C PHE A 288 -18.90 27.67 -41.48
N LYS A 289 -18.73 28.67 -42.35
CA LYS A 289 -19.76 28.98 -43.35
C LYS A 289 -19.96 27.85 -44.35
N ASN A 290 -18.87 27.18 -44.75
CA ASN A 290 -18.97 26.08 -45.73
C ASN A 290 -18.67 24.73 -45.11
N ILE A 291 -18.63 24.63 -43.79
CA ILE A 291 -18.49 23.34 -43.14
C ILE A 291 -19.88 22.97 -42.63
N ASN A 292 -20.52 22.11 -43.39
CA ASN A 292 -21.86 21.68 -43.08
C ASN A 292 -21.87 20.33 -42.39
N ASN A 293 -20.77 19.58 -42.51
CA ASN A 293 -20.64 18.21 -42.05
C ASN A 293 -19.87 18.05 -40.74
N LEU A 294 -19.39 19.13 -40.12
CA LEU A 294 -18.52 18.98 -38.96
C LEU A 294 -19.23 18.22 -37.84
N GLN A 295 -18.56 17.18 -37.33
CA GLN A 295 -19.13 16.33 -36.29
C GLN A 295 -18.45 16.48 -34.94
N GLU A 296 -17.16 16.83 -34.92
CA GLU A 296 -16.40 16.89 -33.68
C GLU A 296 -15.62 18.18 -33.65
N LEU A 297 -15.80 18.95 -32.58
CA LEU A 297 -15.12 20.23 -32.40
C LEU A 297 -14.48 20.25 -31.01
N ASP A 298 -13.15 20.39 -30.97
CA ASP A 298 -12.43 20.52 -29.70
C ASP A 298 -11.92 21.95 -29.55
N LEU A 299 -12.47 22.66 -28.59
CA LEU A 299 -12.09 24.04 -28.27
C LEU A 299 -11.62 24.16 -26.82
N SER A 300 -11.10 23.07 -26.26
CA SER A 300 -10.63 23.08 -24.89
C SER A 300 -9.28 23.81 -24.77
N GLN A 301 -9.00 24.27 -23.55
CA GLN A 301 -7.74 24.95 -23.23
C GLN A 301 -7.56 26.20 -24.08
N ASN A 302 -8.61 26.99 -24.19
CA ASN A 302 -8.48 28.31 -24.77
C ASN A 302 -8.88 29.37 -23.74
N PHE A 303 -9.29 30.55 -24.20
CA PHE A 303 -9.78 31.59 -23.29
C PHE A 303 -11.17 32.00 -23.73
N LEU A 304 -12.07 31.03 -23.84
CA LEU A 304 -13.37 31.22 -24.44
C LEU A 304 -14.48 31.39 -23.42
N ALA A 305 -14.14 31.73 -22.18
CA ALA A 305 -15.14 31.82 -21.12
C ALA A 305 -16.24 32.80 -21.50
N LYS A 306 -15.86 33.96 -22.03
CA LYS A 306 -16.89 34.92 -22.43
C LYS A 306 -17.59 34.48 -23.70
N GLU A 307 -16.86 33.86 -24.64
CA GLU A 307 -17.48 33.37 -25.87
C GLU A 307 -18.58 32.33 -25.59
N ILE A 308 -18.43 31.55 -24.53
CA ILE A 308 -19.42 30.53 -24.22
C ILE A 308 -20.78 31.16 -23.93
N GLY A 309 -20.78 32.41 -23.44
CA GLY A 309 -22.05 33.09 -23.19
C GLY A 309 -22.70 33.69 -24.43
N ASP A 310 -21.98 33.67 -25.55
CA ASP A 310 -22.44 34.29 -26.79
C ASP A 310 -22.53 33.22 -27.88
N ALA A 311 -21.39 32.77 -28.41
CA ALA A 311 -21.30 31.50 -29.15
C ALA A 311 -22.20 31.46 -30.39
N LYS A 312 -22.19 32.56 -31.16
CA LYS A 312 -23.01 32.60 -32.36
C LYS A 312 -22.62 31.52 -33.36
N PHE A 313 -21.37 31.04 -33.31
CA PHE A 313 -20.92 30.04 -34.27
C PHE A 313 -21.71 28.74 -34.18
N LEU A 314 -22.32 28.45 -33.01
CA LEU A 314 -23.03 27.19 -32.85
C LEU A 314 -24.19 27.08 -33.83
N HIS A 315 -24.75 28.21 -34.27
CA HIS A 315 -25.86 28.20 -35.22
C HIS A 315 -25.46 27.57 -36.54
N PHE A 316 -24.16 27.49 -36.84
CA PHE A 316 -23.67 26.88 -38.08
C PHE A 316 -23.26 25.44 -37.90
N LEU A 317 -23.55 24.84 -36.73
CA LEU A 317 -23.06 23.49 -36.44
C LEU A 317 -24.21 22.51 -36.15
N PRO A 318 -25.20 22.40 -37.04
CA PRO A 318 -26.37 21.55 -36.73
C PRO A 318 -26.08 20.06 -36.78
N ASN A 319 -24.94 19.65 -37.32
CA ASN A 319 -24.60 18.23 -37.39
C ASN A 319 -23.54 17.81 -36.38
N LEU A 320 -23.12 18.72 -35.50
CA LEU A 320 -22.10 18.41 -34.49
C LEU A 320 -22.59 17.32 -33.54
N ILE A 321 -21.74 16.32 -33.36
CA ILE A 321 -21.97 15.25 -32.39
C ILE A 321 -21.29 15.56 -31.06
N GLN A 322 -20.05 16.06 -31.11
CA GLN A 322 -19.23 16.28 -29.92
C GLN A 322 -18.69 17.70 -29.90
N LEU A 323 -18.83 18.35 -28.75
CA LEU A 323 -18.32 19.69 -28.50
C LEU A 323 -17.55 19.68 -27.19
N ASP A 324 -16.28 20.06 -27.23
CA ASP A 324 -15.50 20.18 -26.00
C ASP A 324 -15.07 21.62 -25.79
N LEU A 325 -15.53 22.21 -24.67
CA LEU A 325 -15.22 23.59 -24.29
C LEU A 325 -14.52 23.66 -22.93
N SER A 326 -13.85 22.59 -22.55
CA SER A 326 -13.29 22.46 -21.20
C SER A 326 -12.09 23.36 -21.00
N PHE A 327 -11.89 23.78 -19.75
CA PHE A 327 -10.75 24.59 -19.35
C PHE A 327 -10.61 25.83 -20.22
N ASN A 328 -11.66 26.64 -20.22
CA ASN A 328 -11.62 27.96 -20.83
C ASN A 328 -11.75 29.09 -19.83
N PHE A 329 -11.66 28.79 -18.54
CA PHE A 329 -11.94 29.81 -17.54
C PHE A 329 -10.88 30.90 -17.52
N GLU A 330 -11.31 32.09 -17.11
CA GLU A 330 -10.40 33.22 -16.90
C GLU A 330 -9.58 32.99 -15.64
N LEU A 331 -8.27 33.19 -15.73
CA LEU A 331 -7.42 32.94 -14.58
C LEU A 331 -7.83 33.84 -13.41
N GLN A 332 -7.77 33.28 -12.21
CA GLN A 332 -8.09 33.96 -10.95
C GLN A 332 -9.54 34.39 -10.87
N VAL A 333 -10.42 33.86 -11.71
CA VAL A 333 -11.83 34.20 -11.69
C VAL A 333 -12.62 32.97 -11.28
N TYR A 334 -13.42 33.12 -10.23
CA TYR A 334 -14.33 32.11 -9.72
C TYR A 334 -15.76 32.65 -9.92
N ARG A 335 -16.33 32.36 -11.10
CA ARG A 335 -17.64 32.88 -11.47
C ARG A 335 -18.75 32.43 -10.54
N ALA A 336 -19.82 33.24 -10.47
CA ALA A 336 -20.96 32.90 -9.63
C ALA A 336 -21.75 31.72 -10.19
N SER A 337 -21.88 31.64 -11.50
CA SER A 337 -22.73 30.65 -12.14
C SER A 337 -22.25 30.46 -13.57
N MET A 338 -22.87 29.52 -14.28
CA MET A 338 -22.48 29.23 -15.65
C MET A 338 -23.47 29.90 -16.61
N ASN A 339 -22.92 30.57 -17.62
CA ASN A 339 -23.70 31.32 -18.59
C ASN A 339 -23.53 30.61 -19.94
N LEU A 340 -24.48 29.75 -20.28
CA LEU A 340 -24.52 29.08 -21.58
C LEU A 340 -25.41 29.89 -22.51
N SER A 341 -24.88 30.29 -23.65
CA SER A 341 -25.68 31.01 -24.63
C SER A 341 -26.86 30.17 -25.10
N GLN A 342 -27.94 30.87 -25.48
CA GLN A 342 -29.10 30.22 -26.08
C GLN A 342 -28.74 29.51 -27.37
N ALA A 343 -27.65 29.92 -28.02
CA ALA A 343 -27.25 29.29 -29.28
C ALA A 343 -26.97 27.79 -29.14
N PHE A 344 -26.63 27.31 -27.93
CA PHE A 344 -26.49 25.87 -27.71
C PHE A 344 -27.74 25.11 -28.12
N SER A 345 -28.91 25.76 -28.05
CA SER A 345 -30.15 25.06 -28.38
C SER A 345 -30.28 24.76 -29.85
N SER A 346 -29.39 25.30 -30.69
CA SER A 346 -29.39 24.94 -32.10
C SER A 346 -28.51 23.75 -32.43
N LEU A 347 -27.92 23.09 -31.42
CA LEU A 347 -27.02 21.94 -31.65
C LEU A 347 -27.83 20.65 -31.74
N LYS A 348 -28.68 20.61 -32.78
CA LYS A 348 -29.67 19.54 -32.92
C LYS A 348 -29.09 18.14 -32.85
N SER A 349 -27.86 17.92 -33.31
CA SER A 349 -27.33 16.56 -33.38
C SER A 349 -26.45 16.19 -32.20
N LEU A 350 -26.23 17.11 -31.26
CA LEU A 350 -25.22 16.92 -30.22
C LEU A 350 -25.52 15.70 -29.36
N LYS A 351 -24.52 14.83 -29.22
CA LYS A 351 -24.55 13.74 -28.25
C LYS A 351 -23.70 13.99 -27.02
N ILE A 352 -22.58 14.70 -27.16
CA ILE A 352 -21.61 14.81 -26.08
C ILE A 352 -21.24 16.28 -25.88
N LEU A 353 -21.44 16.79 -24.67
CA LEU A 353 -21.04 18.14 -24.34
C LEU A 353 -20.12 18.10 -23.13
N ARG A 354 -18.90 18.60 -23.28
CA ARG A 354 -17.96 18.63 -22.17
C ARG A 354 -17.60 20.06 -21.87
N ILE A 355 -17.83 20.49 -20.63
CA ILE A 355 -17.43 21.82 -20.18
C ILE A 355 -16.81 21.74 -18.79
N ARG A 356 -15.71 21.01 -18.67
CA ARG A 356 -14.95 21.04 -17.43
C ARG A 356 -14.20 22.36 -17.31
N GLY A 357 -13.77 22.68 -16.09
CA GLY A 357 -12.88 23.81 -15.92
C GLY A 357 -13.44 25.13 -16.41
N TYR A 358 -14.75 25.33 -16.30
CA TYR A 358 -15.37 26.64 -16.46
C TYR A 358 -15.26 27.43 -15.16
N VAL A 359 -15.37 26.74 -14.02
CA VAL A 359 -15.04 27.23 -12.69
C VAL A 359 -16.10 28.23 -12.22
N PHE A 360 -17.13 27.73 -11.54
CA PHE A 360 -18.25 28.55 -11.09
C PHE A 360 -18.83 27.92 -9.82
N LYS A 361 -19.49 28.76 -9.00
CA LYS A 361 -19.85 28.34 -7.64
C LYS A 361 -21.17 27.57 -7.61
N GLU A 362 -22.12 27.94 -8.44
CA GLU A 362 -23.48 27.46 -8.25
C GLU A 362 -24.08 27.05 -9.58
N LEU A 363 -24.52 25.80 -9.65
CA LEU A 363 -25.20 25.29 -10.84
C LEU A 363 -26.69 25.24 -10.56
N LYS A 364 -27.48 25.85 -11.43
CA LYS A 364 -28.93 25.88 -11.25
C LYS A 364 -29.65 25.54 -12.54
N SER A 365 -30.89 25.09 -12.36
CA SER A 365 -31.67 24.47 -13.42
C SER A 365 -31.78 25.37 -14.65
N PHE A 366 -31.98 26.68 -14.45
CA PHE A 366 -32.18 27.58 -15.58
C PHE A 366 -30.92 27.71 -16.43
N GLN A 367 -29.74 27.51 -15.84
CA GLN A 367 -28.51 27.64 -16.61
C GLN A 367 -28.40 26.59 -17.70
N LEU A 368 -29.06 25.44 -17.54
CA LEU A 368 -28.97 24.37 -18.53
C LEU A 368 -30.15 24.33 -19.48
N SER A 369 -31.07 25.30 -19.38
CA SER A 369 -32.24 25.30 -20.24
C SER A 369 -31.91 25.34 -21.74
N PRO A 370 -30.84 25.97 -22.20
CA PRO A 370 -30.49 25.85 -23.63
C PRO A 370 -30.30 24.42 -24.12
N LEU A 371 -30.09 23.45 -23.22
CA LEU A 371 -29.92 22.04 -23.59
C LEU A 371 -31.20 21.21 -23.49
N HIS A 372 -32.31 21.80 -23.00
CA HIS A 372 -33.47 21.00 -22.63
C HIS A 372 -34.03 20.20 -23.79
N ASN A 373 -33.98 20.75 -25.01
CA ASN A 373 -34.55 20.06 -26.16
C ASN A 373 -33.50 19.56 -27.15
N LEU A 374 -32.26 19.37 -26.71
CA LEU A 374 -31.29 18.64 -27.52
C LEU A 374 -31.59 17.16 -27.30
N GLN A 375 -32.28 16.55 -28.28
CA GLN A 375 -32.91 15.27 -28.04
C GLN A 375 -31.92 14.11 -28.11
N ASN A 376 -30.81 14.29 -28.81
CA ASN A 376 -29.83 13.24 -28.94
C ASN A 376 -28.74 13.30 -27.86
N LEU A 377 -28.84 14.23 -26.90
CA LEU A 377 -27.80 14.44 -25.91
C LEU A 377 -27.66 13.22 -24.99
N GLU A 378 -26.45 12.65 -24.90
CA GLU A 378 -26.17 11.48 -24.08
C GLU A 378 -25.22 11.75 -22.92
N VAL A 379 -24.25 12.65 -23.09
CA VAL A 379 -23.23 12.91 -22.08
C VAL A 379 -23.19 14.41 -21.83
N LEU A 380 -23.32 14.78 -20.56
CA LEU A 380 -23.11 16.14 -20.10
C LEU A 380 -22.01 16.05 -19.06
N ASP A 381 -20.86 16.64 -19.35
CA ASP A 381 -19.70 16.56 -18.46
C ASP A 381 -19.44 17.94 -17.89
N LEU A 382 -19.78 18.14 -16.63
CA LEU A 382 -19.49 19.37 -15.91
C LEU A 382 -18.54 19.14 -14.76
N GLY A 383 -17.62 18.16 -14.89
CA GLY A 383 -16.65 17.88 -13.84
C GLY A 383 -15.59 18.97 -13.75
N THR A 384 -14.84 18.95 -12.64
CA THR A 384 -13.71 19.87 -12.38
C THR A 384 -14.10 21.33 -12.59
N ASN A 385 -15.14 21.75 -11.88
CA ASN A 385 -15.64 23.12 -11.97
C ASN A 385 -15.73 23.81 -10.61
N PHE A 386 -15.35 23.13 -9.53
CA PHE A 386 -15.46 23.66 -8.16
C PHE A 386 -16.88 24.12 -7.83
N ILE A 387 -17.89 23.47 -8.42
CA ILE A 387 -19.26 23.76 -8.06
C ILE A 387 -19.49 23.45 -6.59
N LYS A 388 -20.03 24.43 -5.84
CA LYS A 388 -20.35 24.22 -4.42
C LYS A 388 -21.81 23.87 -4.16
N ILE A 389 -22.73 24.32 -5.02
CA ILE A 389 -24.16 24.16 -4.83
C ILE A 389 -24.78 23.65 -6.11
N ALA A 390 -25.55 22.56 -6.01
CA ALA A 390 -26.28 22.03 -7.17
C ALA A 390 -27.45 21.19 -6.68
N ASN A 391 -28.67 21.59 -7.05
CA ASN A 391 -29.85 20.82 -6.72
C ASN A 391 -29.96 19.69 -7.74
N LEU A 392 -29.69 18.45 -7.28
CA LEU A 392 -29.64 17.31 -8.18
C LEU A 392 -30.97 17.05 -8.87
N SER A 393 -32.07 17.54 -8.30
CA SER A 393 -33.37 17.33 -8.93
C SER A 393 -33.47 17.96 -10.32
N MET A 394 -32.66 18.98 -10.61
CA MET A 394 -32.68 19.56 -11.95
C MET A 394 -32.52 18.50 -13.05
N PHE A 395 -31.80 17.42 -12.77
CA PHE A 395 -31.55 16.45 -13.84
C PHE A 395 -32.74 15.57 -14.14
N LYS A 396 -33.89 15.84 -13.52
CA LYS A 396 -35.13 15.20 -13.96
C LYS A 396 -35.51 15.57 -15.39
N GLN A 397 -35.02 16.70 -15.90
CA GLN A 397 -35.24 17.02 -17.30
C GLN A 397 -34.18 16.41 -18.21
N PHE A 398 -33.39 15.46 -17.71
CA PHE A 398 -32.30 14.88 -18.48
C PHE A 398 -32.30 13.36 -18.42
N LYS A 399 -33.50 12.75 -18.32
CA LYS A 399 -33.64 11.30 -18.24
C LYS A 399 -33.09 10.60 -19.47
N ARG A 400 -33.10 11.26 -20.62
CA ARG A 400 -32.63 10.60 -21.83
C ARG A 400 -31.10 10.45 -21.85
N LEU A 401 -30.37 11.23 -21.07
CA LEU A 401 -28.91 11.16 -21.11
C LEU A 401 -28.41 9.84 -20.54
N LYS A 402 -27.23 9.43 -21.02
CA LYS A 402 -26.59 8.23 -20.48
C LYS A 402 -25.69 8.50 -19.29
N VAL A 403 -24.98 9.64 -19.27
CA VAL A 403 -24.05 9.96 -18.21
C VAL A 403 -24.15 11.44 -17.87
N ILE A 404 -24.41 11.76 -16.61
CA ILE A 404 -24.31 13.11 -16.09
C ILE A 404 -23.09 13.13 -15.19
N ASP A 405 -22.06 13.90 -15.57
CA ASP A 405 -20.76 13.84 -14.91
C ASP A 405 -20.50 15.13 -14.14
N LEU A 406 -20.61 15.08 -12.81
CA LEU A 406 -20.24 16.16 -11.91
C LEU A 406 -19.03 15.80 -11.07
N SER A 407 -18.23 14.85 -11.55
CA SER A 407 -17.05 14.40 -10.82
C SER A 407 -16.07 15.55 -10.55
N VAL A 408 -15.43 15.52 -9.37
CA VAL A 408 -14.41 16.50 -8.99
C VAL A 408 -15.04 17.88 -8.91
N ASN A 409 -15.90 18.09 -7.93
CA ASN A 409 -16.46 19.40 -7.64
C ASN A 409 -16.46 19.54 -6.14
N LYS A 410 -17.07 20.60 -5.62
CA LYS A 410 -17.13 20.79 -4.18
C LYS A 410 -18.57 20.75 -3.67
N ILE A 411 -19.42 19.92 -4.30
CA ILE A 411 -20.84 19.91 -3.96
C ILE A 411 -21.05 19.40 -2.54
N SER A 412 -21.91 20.09 -1.80
CA SER A 412 -22.15 19.93 -0.38
C SER A 412 -23.58 20.37 -0.09
N PRO A 413 -24.23 19.82 0.94
CA PRO A 413 -25.58 20.32 1.27
C PRO A 413 -25.54 21.65 2.02
N VAL A 437 -14.98 6.88 -20.58
CA VAL A 437 -14.26 7.43 -19.44
C VAL A 437 -12.84 7.85 -19.85
N LEU A 438 -12.54 9.15 -19.71
CA LEU A 438 -11.28 9.74 -20.16
C LEU A 438 -10.16 9.48 -19.17
N GLU A 439 -8.93 9.30 -19.69
CA GLU A 439 -7.74 9.08 -18.88
C GLU A 439 -7.54 10.18 -17.84
N GLN A 440 -6.78 9.90 -16.76
CA GLN A 440 -6.75 10.86 -15.65
C GLN A 440 -5.89 12.06 -15.98
N LEU A 441 -4.94 11.90 -16.89
CA LEU A 441 -4.32 13.02 -17.58
C LEU A 441 -4.93 13.02 -18.98
N TYR A 442 -5.67 14.09 -19.29
CA TYR A 442 -6.42 14.11 -20.53
C TYR A 442 -6.39 15.52 -21.08
N TYR A 443 -6.89 16.47 -20.31
CA TYR A 443 -6.89 17.84 -20.79
C TYR A 443 -5.54 18.49 -20.62
N PHE A 444 -4.68 17.98 -19.73
CA PHE A 444 -3.44 18.70 -19.49
C PHE A 444 -2.22 18.05 -20.10
N ARG A 445 -2.29 16.79 -20.53
CA ARG A 445 -1.08 16.16 -21.03
C ARG A 445 -0.70 16.69 -22.41
N TYR A 446 0.59 16.56 -22.70
CA TYR A 446 1.17 17.19 -23.88
C TYR A 446 0.60 16.60 -25.17
N ASP A 447 0.58 15.27 -25.28
CA ASP A 447 0.11 14.58 -26.50
C ASP A 447 -0.63 13.32 -26.04
N LYS A 448 -1.96 13.43 -25.92
CA LYS A 448 -2.78 12.30 -25.51
C LYS A 448 -2.68 11.13 -26.49
N TYR A 449 -2.29 11.38 -27.74
CA TYR A 449 -2.20 10.32 -28.74
C TYR A 449 -0.76 9.84 -28.92
N ALA A 450 0.15 10.24 -28.04
CA ALA A 450 1.52 9.76 -28.16
C ALA A 450 1.54 8.24 -28.08
N ARG A 451 2.31 7.63 -28.99
CA ARG A 451 2.42 6.19 -29.12
C ARG A 451 3.53 5.66 -28.23
N SER A 452 3.32 4.50 -27.64
CA SER A 452 4.36 3.88 -26.85
C SER A 452 5.02 2.78 -27.66
N CYS A 453 6.25 2.44 -27.29
CA CYS A 453 6.98 1.32 -27.89
C CYS A 453 6.33 -0.03 -27.61
N SER A 468 -16.60 -0.14 -14.41
CA SER A 468 -17.41 1.05 -14.72
C SER A 468 -18.89 0.70 -14.90
N CYS A 469 -19.79 1.61 -14.50
CA CYS A 469 -21.21 1.30 -14.37
C CYS A 469 -22.09 1.88 -15.47
N TYR A 470 -21.53 2.57 -16.47
CA TYR A 470 -22.34 3.15 -17.53
C TYR A 470 -23.25 2.11 -18.18
N LYS A 471 -22.72 0.91 -18.39
CA LYS A 471 -23.48 -0.16 -19.05
C LYS A 471 -24.83 -0.44 -18.39
N TYR A 472 -25.03 -0.07 -17.12
CA TYR A 472 -26.29 -0.36 -16.42
C TYR A 472 -27.42 0.60 -16.79
N GLY A 473 -27.13 1.76 -17.43
CA GLY A 473 -28.12 2.76 -17.79
C GLY A 473 -27.75 4.13 -17.25
N GLN A 474 -28.77 4.99 -17.07
CA GLN A 474 -28.52 6.37 -16.66
C GLN A 474 -27.63 6.43 -15.42
N THR A 475 -26.56 7.20 -15.52
CA THR A 475 -25.55 7.31 -14.48
C THR A 475 -25.43 8.76 -14.02
N LEU A 476 -25.53 8.97 -12.71
CA LEU A 476 -25.20 10.26 -12.10
C LEU A 476 -23.85 10.09 -11.38
N ASP A 477 -22.83 10.81 -11.83
CA ASP A 477 -21.48 10.67 -11.27
C ASP A 477 -21.20 11.86 -10.35
N LEU A 478 -21.35 11.64 -9.04
CA LEU A 478 -21.04 12.67 -8.06
C LEU A 478 -19.74 12.37 -7.33
N SER A 479 -18.88 11.55 -7.92
CA SER A 479 -17.66 11.14 -7.24
C SER A 479 -16.71 12.32 -7.03
N LYS A 480 -15.90 12.21 -5.97
CA LYS A 480 -14.90 13.23 -5.61
C LYS A 480 -15.56 14.60 -5.40
N ASN A 481 -16.60 14.62 -4.57
CA ASN A 481 -17.22 15.88 -4.18
C ASN A 481 -17.10 16.04 -2.68
N SER A 482 -17.87 16.95 -2.09
CA SER A 482 -17.79 17.21 -0.66
C SER A 482 -19.07 16.85 0.07
N ILE A 483 -19.77 15.82 -0.40
CA ILE A 483 -21.04 15.44 0.21
C ILE A 483 -20.73 14.72 1.52
N PHE A 484 -21.08 15.35 2.64
CA PHE A 484 -20.87 14.75 3.95
C PHE A 484 -22.12 14.11 4.54
N PHE A 485 -23.30 14.53 4.11
CA PHE A 485 -24.55 14.03 4.65
C PHE A 485 -25.57 13.94 3.53
N ILE A 486 -26.32 12.83 3.47
CA ILE A 486 -27.36 12.62 2.47
C ILE A 486 -28.69 12.33 3.14
N LYS A 487 -29.77 12.71 2.45
CA LYS A 487 -31.14 12.41 2.87
C LYS A 487 -31.99 12.19 1.63
N SER A 488 -33.15 11.54 1.84
CA SER A 488 -33.99 11.13 0.72
C SER A 488 -34.31 12.25 -0.25
N SER A 489 -34.60 13.44 0.27
CA SER A 489 -35.01 14.55 -0.60
C SER A 489 -33.91 14.97 -1.58
N ASP A 490 -32.64 14.66 -1.27
CA ASP A 490 -31.54 14.97 -2.20
C ASP A 490 -31.72 14.29 -3.54
N PHE A 491 -32.43 13.17 -3.57
CA PHE A 491 -32.63 12.41 -4.80
C PHE A 491 -34.06 12.49 -5.31
N GLN A 492 -34.83 13.49 -4.85
CA GLN A 492 -36.19 13.71 -5.33
C GLN A 492 -36.22 13.91 -6.84
N HIS A 493 -37.09 13.15 -7.51
CA HIS A 493 -37.30 13.16 -8.95
C HIS A 493 -36.21 12.43 -9.74
N LEU A 494 -35.33 11.69 -9.07
CA LEU A 494 -34.26 10.95 -9.74
C LEU A 494 -34.51 9.44 -9.77
N SER A 495 -35.77 9.02 -9.71
CA SER A 495 -36.08 7.60 -9.64
C SER A 495 -35.63 6.83 -10.87
N PHE A 496 -35.36 7.52 -11.97
CA PHE A 496 -34.95 6.87 -13.21
C PHE A 496 -33.50 6.39 -13.18
N LEU A 497 -32.70 6.82 -12.20
CA LEU A 497 -31.26 6.53 -12.22
C LEU A 497 -31.01 5.03 -12.09
N LYS A 498 -30.10 4.52 -12.89
CA LYS A 498 -29.67 3.13 -12.79
C LYS A 498 -28.34 2.96 -12.06
N CYS A 499 -27.47 3.97 -12.13
CA CYS A 499 -26.18 3.93 -11.43
C CYS A 499 -25.92 5.27 -10.76
N LEU A 500 -25.53 5.23 -9.50
CA LEU A 500 -25.13 6.44 -8.78
C LEU A 500 -23.71 6.26 -8.29
N ASN A 501 -22.83 7.19 -8.63
CA ASN A 501 -21.45 7.14 -8.18
C ASN A 501 -21.24 8.17 -7.07
N LEU A 502 -21.16 7.70 -5.82
CA LEU A 502 -20.84 8.59 -4.69
C LEU A 502 -19.40 8.42 -4.21
N SER A 503 -18.55 7.75 -4.99
CA SER A 503 -17.20 7.46 -4.52
C SER A 503 -16.43 8.74 -4.16
N GLY A 504 -15.61 8.66 -3.12
CA GLY A 504 -14.73 9.76 -2.79
C GLY A 504 -15.44 11.00 -2.28
N ASN A 505 -16.52 10.83 -1.57
CA ASN A 505 -17.13 11.95 -0.89
C ASN A 505 -16.75 11.87 0.57
N LEU A 506 -17.52 12.52 1.44
CA LEU A 506 -17.20 12.61 2.85
C LEU A 506 -18.32 12.03 3.71
N ILE A 507 -19.01 11.01 3.21
CA ILE A 507 -20.23 10.53 3.84
C ILE A 507 -19.84 9.68 5.04
N SER A 508 -20.15 10.20 6.23
CA SER A 508 -19.70 9.65 7.50
C SER A 508 -20.93 9.59 8.40
N GLN A 509 -21.80 8.64 8.09
CA GLN A 509 -23.20 8.68 8.46
C GLN A 509 -23.66 7.24 8.68
N THR A 510 -24.47 7.00 9.69
CA THR A 510 -25.09 5.69 9.85
C THR A 510 -26.31 5.62 8.94
N LEU A 511 -26.21 4.90 7.84
CA LEU A 511 -27.34 4.70 6.96
C LEU A 511 -28.32 3.76 7.62
N ASN A 512 -29.63 4.06 7.50
CA ASN A 512 -30.62 3.18 8.10
C ASN A 512 -31.74 2.80 7.14
N GLY A 513 -31.54 2.99 5.83
CA GLY A 513 -32.53 2.58 4.87
C GLY A 513 -33.45 3.69 4.39
N SER A 514 -33.22 4.93 4.81
CA SER A 514 -34.06 6.05 4.45
C SER A 514 -33.40 7.02 3.47
N GLU A 515 -32.08 6.95 3.28
CA GLU A 515 -31.35 8.00 2.58
C GLU A 515 -31.52 7.96 1.08
N PHE A 516 -31.86 6.80 0.50
CA PHE A 516 -31.95 6.63 -0.95
C PHE A 516 -33.36 6.31 -1.44
N GLN A 517 -34.39 6.66 -0.68
CA GLN A 517 -35.73 6.17 -0.98
C GLN A 517 -36.22 6.46 -2.39
N PRO A 518 -36.00 7.63 -3.00
CA PRO A 518 -36.50 7.81 -4.37
C PRO A 518 -35.82 6.94 -5.42
N LEU A 519 -34.65 6.35 -5.13
CA LEU A 519 -33.82 5.70 -6.15
C LEU A 519 -34.33 4.28 -6.45
N ALA A 520 -35.57 4.22 -6.94
CA ALA A 520 -36.30 2.96 -7.05
C ALA A 520 -35.79 2.06 -8.16
N GLU A 521 -35.06 2.61 -9.13
CA GLU A 521 -34.52 1.79 -10.21
C GLU A 521 -33.03 1.54 -10.11
N LEU A 522 -32.36 2.06 -9.06
CA LEU A 522 -30.90 1.99 -8.99
C LEU A 522 -30.41 0.54 -9.02
N ARG A 523 -29.54 0.22 -9.98
CA ARG A 523 -28.92 -1.11 -10.05
C ARG A 523 -27.48 -1.13 -9.52
N TYR A 524 -26.79 0.01 -9.53
CA TYR A 524 -25.37 0.05 -9.16
C TYR A 524 -25.15 1.25 -8.27
N LEU A 525 -24.63 1.01 -7.08
CA LEU A 525 -24.23 2.08 -6.16
C LEU A 525 -22.73 1.97 -5.90
N ASP A 526 -21.97 3.00 -6.27
CA ASP A 526 -20.57 3.07 -5.88
C ASP A 526 -20.46 4.02 -4.69
N PHE A 527 -20.26 3.45 -3.51
CA PHE A 527 -20.11 4.17 -2.24
C PHE A 527 -18.68 4.09 -1.70
N SER A 528 -17.71 3.78 -2.55
CA SER A 528 -16.37 3.56 -2.06
C SER A 528 -15.68 4.87 -1.66
N ASN A 529 -14.69 4.77 -0.77
CA ASN A 529 -13.95 5.94 -0.27
C ASN A 529 -14.89 6.97 0.35
N ASN A 530 -15.73 6.48 1.26
CA ASN A 530 -16.50 7.33 2.14
C ASN A 530 -16.17 6.89 3.55
N ARG A 531 -17.06 7.15 4.49
CA ARG A 531 -16.86 6.68 5.86
C ARG A 531 -18.15 6.04 6.37
N LEU A 532 -18.59 5.00 5.66
CA LEU A 532 -19.77 4.25 6.03
C LEU A 532 -19.69 3.80 7.49
N ASP A 533 -20.77 4.00 8.23
CA ASP A 533 -20.90 3.49 9.58
C ASP A 533 -22.04 2.46 9.52
N LEU A 534 -21.66 1.19 9.50
CA LEU A 534 -22.65 0.11 9.42
C LEU A 534 -23.23 -0.25 10.79
N LEU A 535 -23.75 0.74 11.49
CA LEU A 535 -24.41 0.49 12.76
C LEU A 535 -25.71 -0.30 12.55
N HIS A 536 -26.44 -0.02 11.47
CA HIS A 536 -27.76 -0.60 11.26
C HIS A 536 -27.71 -1.64 10.14
N SER A 537 -28.30 -2.81 10.40
CA SER A 537 -28.39 -3.83 9.36
C SER A 537 -29.43 -3.51 8.29
N THR A 538 -30.15 -2.38 8.39
CA THR A 538 -31.09 -1.93 7.38
C THR A 538 -30.43 -1.02 6.34
N ALA A 539 -29.12 -0.77 6.45
CA ALA A 539 -28.42 0.10 5.50
C ALA A 539 -28.70 -0.36 4.07
N PHE A 540 -28.99 0.59 3.19
CA PHE A 540 -29.16 0.32 1.76
C PHE A 540 -30.40 -0.47 1.41
N GLU A 541 -31.19 -0.93 2.38
CA GLU A 541 -32.29 -1.82 2.01
C GLU A 541 -33.37 -1.14 1.17
N GLU A 542 -33.48 0.19 1.22
CA GLU A 542 -34.44 0.85 0.33
C GLU A 542 -34.08 0.76 -1.14
N LEU A 543 -32.86 0.34 -1.49
CA LEU A 543 -32.46 0.22 -2.90
C LEU A 543 -32.82 -1.17 -3.43
N ARG A 544 -34.13 -1.37 -3.62
CA ARG A 544 -34.64 -2.73 -3.75
C ARG A 544 -34.28 -3.40 -5.07
N LYS A 545 -33.86 -2.64 -6.08
CA LYS A 545 -33.38 -3.25 -7.31
C LYS A 545 -31.85 -3.27 -7.41
N LEU A 546 -31.15 -3.05 -6.30
CA LEU A 546 -29.69 -2.97 -6.33
C LEU A 546 -29.06 -4.31 -6.67
N GLU A 547 -28.22 -4.32 -7.70
CA GLU A 547 -27.49 -5.51 -8.11
C GLU A 547 -26.02 -5.50 -7.72
N VAL A 548 -25.38 -4.34 -7.70
CA VAL A 548 -23.97 -4.19 -7.36
C VAL A 548 -23.81 -3.08 -6.33
N LEU A 549 -23.11 -3.38 -5.24
CA LEU A 549 -22.81 -2.40 -4.21
C LEU A 549 -21.31 -2.41 -3.93
N ASP A 550 -20.69 -1.24 -4.00
CA ASP A 550 -19.27 -1.07 -3.70
C ASP A 550 -19.12 -0.25 -2.42
N ILE A 551 -18.68 -0.89 -1.33
CA ILE A 551 -18.40 -0.14 -0.12
C ILE A 551 -16.94 -0.29 0.27
N SER A 552 -16.08 -0.46 -0.73
CA SER A 552 -14.66 -0.59 -0.51
C SER A 552 -14.08 0.72 0.03
N SER A 553 -12.93 0.59 0.71
CA SER A 553 -12.19 1.75 1.21
C SER A 553 -13.09 2.66 2.04
N ASN A 554 -13.89 2.02 2.90
CA ASN A 554 -14.63 2.71 3.95
C ASN A 554 -14.11 2.26 5.33
N SER A 555 -12.79 2.31 5.54
CA SER A 555 -12.19 1.67 6.70
C SER A 555 -12.25 2.50 7.97
N HIS A 556 -12.68 3.77 7.90
CA HIS A 556 -12.55 4.69 9.03
C HIS A 556 -13.13 4.09 10.31
N TYR A 557 -14.42 3.76 10.32
CA TYR A 557 -15.02 3.28 11.55
C TYR A 557 -14.65 1.83 11.88
N PHE A 558 -14.07 1.09 10.93
CA PHE A 558 -13.58 -0.25 11.23
C PHE A 558 -12.22 -0.23 11.91
N GLN A 559 -11.60 0.95 12.03
CA GLN A 559 -10.27 1.08 12.59
C GLN A 559 -10.26 1.39 14.09
N SER A 560 -11.40 1.67 14.71
CA SER A 560 -11.39 2.03 16.13
C SER A 560 -12.15 0.97 16.91
N GLU A 561 -11.59 0.53 18.03
CA GLU A 561 -12.17 -0.57 18.78
C GLU A 561 -13.51 -0.16 19.38
N GLY A 562 -14.38 -1.15 19.58
CA GLY A 562 -15.59 -0.94 20.34
C GLY A 562 -16.75 -0.42 19.53
N ILE A 563 -16.59 -0.27 18.23
CA ILE A 563 -17.65 0.27 17.40
C ILE A 563 -18.44 -0.89 16.79
N THR A 564 -19.76 -0.80 16.85
CA THR A 564 -20.62 -1.86 16.35
C THR A 564 -20.71 -1.83 14.82
N HIS A 565 -20.56 -2.99 14.19
CA HIS A 565 -20.63 -3.17 12.72
C HIS A 565 -21.57 -4.33 12.45
N MET A 566 -22.61 -4.08 11.64
CA MET A 566 -23.58 -5.11 11.25
C MET A 566 -23.25 -5.59 9.84
N LEU A 567 -22.35 -6.57 9.75
CA LEU A 567 -22.04 -7.11 8.43
C LEU A 567 -23.16 -7.97 7.85
N ASN A 568 -24.21 -8.27 8.63
CA ASN A 568 -25.34 -9.00 8.08
C ASN A 568 -26.36 -8.10 7.39
N PHE A 569 -25.99 -6.88 7.01
CA PHE A 569 -26.92 -6.01 6.30
C PHE A 569 -27.32 -6.54 4.93
N THR A 570 -26.67 -7.61 4.45
CA THR A 570 -26.97 -8.07 3.09
C THR A 570 -28.30 -8.80 3.00
N LYS A 571 -28.81 -9.30 4.12
CA LYS A 571 -30.03 -10.11 4.09
C LYS A 571 -31.16 -9.39 3.37
N ASN A 572 -31.26 -8.08 3.55
CA ASN A 572 -32.39 -7.32 3.03
C ASN A 572 -32.29 -6.99 1.55
N LEU A 573 -31.16 -7.28 0.90
CA LEU A 573 -30.96 -6.89 -0.50
C LEU A 573 -31.24 -8.09 -1.40
N LYS A 574 -32.43 -8.09 -2.01
CA LYS A 574 -32.97 -9.31 -2.60
C LYS A 574 -32.52 -9.58 -4.03
N VAL A 575 -31.98 -8.61 -4.75
CA VAL A 575 -31.41 -8.92 -6.06
C VAL A 575 -29.92 -8.57 -6.14
N LEU A 576 -29.28 -8.35 -5.00
CA LEU A 576 -27.87 -8.00 -4.98
C LEU A 576 -27.02 -9.16 -5.50
N GLN A 577 -26.20 -8.92 -6.53
CA GLN A 577 -25.37 -9.94 -7.16
C GLN A 577 -23.90 -9.85 -6.77
N LYS A 578 -23.39 -8.64 -6.56
CA LYS A 578 -21.98 -8.42 -6.34
C LYS A 578 -21.79 -7.40 -5.21
N LEU A 579 -20.94 -7.75 -4.24
CA LEU A 579 -20.62 -6.90 -3.12
C LEU A 579 -19.12 -6.72 -3.04
N MET A 580 -18.67 -5.46 -3.03
CA MET A 580 -17.25 -5.15 -2.87
C MET A 580 -17.06 -4.46 -1.52
N MET A 581 -16.28 -5.09 -0.64
CA MET A 581 -15.90 -4.43 0.60
C MET A 581 -14.41 -4.61 0.85
N ASN A 582 -13.62 -4.21 -0.16
CA ASN A 582 -12.17 -4.30 -0.10
C ASN A 582 -11.59 -3.15 0.74
N ASP A 583 -10.43 -3.41 1.36
CA ASP A 583 -9.63 -2.36 1.98
C ASP A 583 -10.42 -1.62 3.05
N ASN A 584 -11.17 -2.39 3.82
CA ASN A 584 -11.95 -1.85 4.91
C ASN A 584 -11.30 -2.14 6.25
N ASP A 585 -10.18 -2.88 6.26
CA ASP A 585 -9.47 -3.16 7.49
C ASP A 585 -10.38 -3.86 8.50
N ILE A 586 -11.36 -4.62 8.02
CA ILE A 586 -12.36 -5.21 8.89
C ILE A 586 -11.74 -6.30 9.74
N SER A 587 -11.77 -6.11 11.05
CA SER A 587 -11.18 -7.05 11.98
C SER A 587 -12.13 -7.46 13.10
N SER A 588 -13.39 -6.98 13.07
CA SER A 588 -14.38 -7.29 14.10
C SER A 588 -15.74 -7.11 13.47
N SER A 589 -16.71 -7.84 14.00
CA SER A 589 -18.08 -7.74 13.50
C SER A 589 -19.03 -8.05 14.64
N THR A 590 -20.12 -7.29 14.72
CA THR A 590 -21.11 -7.63 15.75
C THR A 590 -21.91 -8.85 15.34
N SER A 591 -22.31 -8.95 14.08
CA SER A 591 -22.93 -10.17 13.60
C SER A 591 -21.89 -11.22 13.20
N ARG A 592 -22.28 -12.48 13.34
CA ARG A 592 -21.38 -13.61 13.12
C ARG A 592 -21.48 -14.20 11.72
N THR A 593 -22.54 -13.87 10.98
CA THR A 593 -22.77 -14.45 9.66
C THR A 593 -23.28 -13.39 8.70
N MET A 594 -22.83 -13.44 7.45
CA MET A 594 -23.46 -12.68 6.38
C MET A 594 -24.48 -13.59 5.67
N GLU A 595 -25.61 -13.01 5.26
CA GLU A 595 -26.69 -13.81 4.67
C GLU A 595 -27.19 -13.23 3.35
N SER A 596 -27.47 -14.12 2.38
CA SER A 596 -28.03 -13.65 1.12
C SER A 596 -28.48 -14.83 0.27
N GLU A 597 -29.61 -14.69 -0.41
CA GLU A 597 -30.06 -15.68 -1.36
C GLU A 597 -29.71 -15.31 -2.79
N SER A 598 -29.11 -14.16 -2.99
CA SER A 598 -28.82 -13.71 -4.34
C SER A 598 -27.34 -13.52 -4.62
N LEU A 599 -26.54 -13.19 -3.61
CA LEU A 599 -25.18 -12.75 -3.86
C LEU A 599 -24.34 -13.84 -4.52
N ARG A 600 -23.66 -13.49 -5.62
CA ARG A 600 -22.78 -14.44 -6.28
C ARG A 600 -21.30 -14.10 -6.17
N THR A 601 -20.95 -12.83 -5.96
CA THR A 601 -19.56 -12.37 -5.91
C THR A 601 -19.36 -11.50 -4.68
N LEU A 602 -18.41 -11.89 -3.82
CA LEU A 602 -18.03 -11.07 -2.69
C LEU A 602 -16.53 -10.77 -2.78
N GLU A 603 -16.18 -9.49 -2.83
CA GLU A 603 -14.78 -9.08 -2.71
C GLU A 603 -14.54 -8.58 -1.29
N PHE A 604 -13.64 -9.28 -0.57
CA PHE A 604 -13.38 -9.07 0.84
C PHE A 604 -11.88 -8.90 1.07
N ARG A 605 -11.21 -8.31 0.09
CA ARG A 605 -9.76 -8.19 0.05
C ARG A 605 -9.32 -7.03 0.91
N GLY A 606 -8.14 -7.15 1.52
CA GLY A 606 -7.64 -6.02 2.27
C GLY A 606 -8.34 -5.82 3.59
N ASN A 607 -8.69 -6.91 4.27
CA ASN A 607 -9.28 -6.85 5.59
C ASN A 607 -8.44 -7.66 6.55
N HIS A 608 -8.98 -8.01 7.72
CA HIS A 608 -8.23 -8.72 8.74
C HIS A 608 -8.99 -9.95 9.20
N LEU A 609 -9.31 -10.84 8.25
CA LEU A 609 -9.85 -12.14 8.63
C LEU A 609 -8.89 -12.92 9.54
N ASP A 610 -7.58 -12.64 9.47
CA ASP A 610 -6.67 -13.30 10.39
C ASP A 610 -7.01 -12.98 11.85
N VAL A 611 -7.47 -11.76 12.12
CA VAL A 611 -7.89 -11.40 13.47
C VAL A 611 -9.27 -11.98 13.79
N LEU A 612 -10.22 -11.84 12.85
CA LEU A 612 -11.55 -12.43 13.02
C LEU A 612 -11.48 -13.94 13.27
N TRP A 613 -10.57 -14.63 12.58
CA TRP A 613 -10.40 -16.08 12.67
C TRP A 613 -9.23 -16.47 13.58
N ARG A 614 -8.92 -15.63 14.57
CA ARG A 614 -7.92 -15.93 15.58
C ARG A 614 -8.06 -17.35 16.10
N ASP A 615 -6.95 -18.07 16.16
CA ASP A 615 -6.98 -19.50 16.50
C ASP A 615 -7.51 -19.69 17.91
N GLY A 616 -8.55 -20.52 18.06
CA GLY A 616 -9.27 -20.67 19.30
C GLY A 616 -10.59 -19.91 19.37
N ASP A 617 -10.82 -18.97 18.45
CA ASP A 617 -12.09 -18.24 18.34
C ASP A 617 -12.83 -18.84 17.15
N ASN A 618 -13.91 -19.56 17.43
CA ASN A 618 -14.71 -20.22 16.38
C ASN A 618 -15.87 -19.38 15.88
N ARG A 619 -16.11 -18.19 16.45
CA ARG A 619 -17.39 -17.52 16.25
C ARG A 619 -17.60 -17.04 14.81
N TYR A 620 -16.52 -16.76 14.08
CA TYR A 620 -16.70 -16.19 12.74
C TYR A 620 -16.36 -17.18 11.64
N LEU A 621 -16.12 -18.45 11.98
CA LEU A 621 -15.75 -19.43 10.96
C LEU A 621 -16.86 -19.71 9.97
N GLN A 622 -18.06 -19.19 10.17
CA GLN A 622 -19.13 -19.38 9.20
C GLN A 622 -19.64 -18.04 8.66
N LEU A 623 -18.77 -17.02 8.68
CA LEU A 623 -19.16 -15.69 8.20
C LEU A 623 -19.78 -15.74 6.81
N PHE A 624 -19.26 -16.57 5.92
CA PHE A 624 -19.78 -16.56 4.56
C PHE A 624 -20.66 -17.75 4.25
N LYS A 625 -20.85 -18.66 5.22
CA LYS A 625 -21.51 -19.94 4.96
C LYS A 625 -22.91 -19.77 4.39
N ASN A 626 -23.65 -18.74 4.80
CA ASN A 626 -25.03 -18.59 4.38
C ASN A 626 -25.19 -17.67 3.18
N LEU A 627 -24.10 -17.39 2.47
CA LEU A 627 -24.24 -16.77 1.14
C LEU A 627 -24.45 -17.91 0.15
N LEU A 628 -25.68 -18.43 0.12
CA LEU A 628 -25.92 -19.75 -0.46
C LEU A 628 -25.63 -19.79 -1.96
N LYS A 629 -25.77 -18.66 -2.66
CA LYS A 629 -25.47 -18.66 -4.08
C LYS A 629 -24.09 -18.06 -4.39
N LEU A 630 -23.27 -17.82 -3.37
CA LEU A 630 -21.95 -17.27 -3.62
C LEU A 630 -21.12 -18.21 -4.48
N GLU A 631 -20.61 -17.69 -5.58
CA GLU A 631 -19.72 -18.45 -6.45
C GLU A 631 -18.29 -17.92 -6.44
N GLU A 632 -18.07 -16.65 -6.12
CA GLU A 632 -16.75 -16.06 -6.18
C GLU A 632 -16.43 -15.34 -4.89
N LEU A 633 -15.28 -15.65 -4.30
CA LEU A 633 -14.87 -15.06 -3.03
C LEU A 633 -13.41 -14.68 -3.11
N ASP A 634 -13.12 -13.39 -2.96
CA ASP A 634 -11.75 -12.88 -2.91
C ASP A 634 -11.40 -12.53 -1.45
N ILE A 635 -10.61 -13.37 -0.80
CA ILE A 635 -10.09 -13.02 0.52
C ILE A 635 -8.56 -13.00 0.48
N SER A 636 -8.02 -12.46 -0.61
CA SER A 636 -6.61 -12.11 -0.66
C SER A 636 -6.32 -10.95 0.28
N LYS A 637 -5.05 -10.80 0.65
CA LYS A 637 -4.59 -9.65 1.43
C LYS A 637 -5.37 -9.53 2.74
N ASN A 638 -5.47 -10.65 3.45
CA ASN A 638 -6.13 -10.66 4.75
C ASN A 638 -5.18 -11.15 5.85
N SER A 639 -3.86 -11.08 5.59
CA SER A 639 -2.82 -11.52 6.55
C SER A 639 -3.04 -12.96 7.01
N LEU A 640 -3.62 -13.80 6.16
CA LEU A 640 -3.87 -15.17 6.58
C LEU A 640 -2.59 -16.00 6.38
N SER A 641 -1.70 -15.99 7.37
CA SER A 641 -0.50 -16.80 7.24
C SER A 641 -0.79 -18.28 7.47
N PHE A 642 -1.94 -18.59 8.07
CA PHE A 642 -2.45 -19.95 8.09
C PHE A 642 -3.96 -19.87 8.04
N LEU A 643 -4.60 -20.97 7.65
CA LEU A 643 -6.05 -21.08 7.67
C LEU A 643 -6.46 -21.95 8.85
N PRO A 644 -7.20 -21.39 9.82
CA PRO A 644 -7.72 -22.22 10.92
C PRO A 644 -8.60 -23.32 10.35
N SER A 645 -8.56 -24.47 11.00
CA SER A 645 -9.49 -25.51 10.61
C SER A 645 -10.92 -25.03 10.87
N GLY A 646 -11.81 -25.29 9.91
CA GLY A 646 -13.16 -24.80 9.95
C GLY A 646 -13.44 -23.77 8.88
N VAL A 647 -12.41 -23.17 8.30
CA VAL A 647 -12.61 -22.21 7.24
C VAL A 647 -13.20 -22.87 6.00
N PHE A 648 -12.69 -24.05 5.63
CA PHE A 648 -13.18 -24.67 4.40
C PHE A 648 -14.57 -25.28 4.58
N ASP A 649 -14.80 -25.95 5.71
CA ASP A 649 -16.15 -26.42 6.01
C ASP A 649 -17.12 -25.25 6.19
N GLY A 650 -16.64 -24.07 6.58
CA GLY A 650 -17.50 -22.91 6.65
C GLY A 650 -17.79 -22.16 5.36
N MET A 651 -17.21 -22.56 4.23
CA MET A 651 -17.45 -21.87 2.97
C MET A 651 -18.84 -22.24 2.43
N PRO A 652 -19.52 -21.33 1.73
CA PRO A 652 -20.83 -21.66 1.18
C PRO A 652 -20.70 -22.71 0.08
N PRO A 653 -21.76 -23.48 -0.19
CA PRO A 653 -21.57 -24.75 -0.91
C PRO A 653 -21.28 -24.61 -2.39
N ASN A 654 -21.64 -23.49 -3.04
CA ASN A 654 -21.46 -23.39 -4.47
C ASN A 654 -20.22 -22.59 -4.87
N LEU A 655 -19.27 -22.39 -3.94
CA LEU A 655 -18.09 -21.59 -4.24
C LEU A 655 -17.28 -22.21 -5.40
N LYS A 656 -16.96 -21.39 -6.39
CA LYS A 656 -16.24 -21.82 -7.57
C LYS A 656 -14.88 -21.16 -7.75
N ASN A 657 -14.77 -19.86 -7.45
N ASN A 657 -14.78 -19.85 -7.47
CA ASN A 657 -13.53 -19.11 -7.64
CA ASN A 657 -13.55 -19.09 -7.62
C ASN A 657 -13.16 -18.51 -6.29
C ASN A 657 -13.18 -18.54 -6.25
N LEU A 658 -12.04 -18.99 -5.72
CA LEU A 658 -11.56 -18.55 -4.42
C LEU A 658 -10.16 -17.99 -4.56
N SER A 659 -9.96 -16.74 -4.17
CA SER A 659 -8.61 -16.21 -4.08
C SER A 659 -8.15 -16.12 -2.62
N LEU A 660 -6.99 -16.73 -2.36
CA LEU A 660 -6.24 -16.61 -1.11
C LEU A 660 -4.88 -15.97 -1.35
N ALA A 661 -4.75 -15.20 -2.42
CA ALA A 661 -3.44 -14.65 -2.77
C ALA A 661 -2.94 -13.64 -1.74
N LYS A 662 -1.62 -13.45 -1.74
CA LYS A 662 -1.01 -12.32 -1.05
C LYS A 662 -1.39 -12.31 0.43
N ASN A 663 -1.29 -13.48 1.06
CA ASN A 663 -1.67 -13.64 2.45
C ASN A 663 -0.50 -13.96 3.37
N GLY A 664 0.72 -14.09 2.83
CA GLY A 664 1.80 -14.64 3.63
C GLY A 664 1.53 -16.07 4.07
N LEU A 665 0.73 -16.83 3.30
CA LEU A 665 0.44 -18.21 3.69
C LEU A 665 1.72 -19.04 3.72
N LYS A 666 2.00 -19.66 4.88
CA LYS A 666 3.20 -20.48 5.04
C LYS A 666 2.90 -21.97 5.03
N SER A 667 1.63 -22.37 5.07
CA SER A 667 1.28 -23.78 5.03
C SER A 667 -0.14 -23.89 4.55
N PHE A 668 -0.53 -25.10 4.15
CA PHE A 668 -1.83 -25.30 3.53
C PHE A 668 -2.14 -26.78 3.55
N ILE A 669 -3.25 -27.14 4.19
CA ILE A 669 -3.70 -28.53 4.23
C ILE A 669 -4.53 -28.76 2.96
N TRP A 670 -3.89 -29.29 1.92
CA TRP A 670 -4.53 -29.48 0.63
C TRP A 670 -5.76 -30.39 0.73
N GLU A 671 -5.74 -31.35 1.65
CA GLU A 671 -6.89 -32.24 1.81
C GLU A 671 -8.17 -31.48 2.13
N LYS A 672 -8.08 -30.31 2.78
CA LYS A 672 -9.30 -29.57 3.09
C LYS A 672 -10.03 -29.07 1.85
N LEU A 673 -9.40 -29.09 0.67
CA LEU A 673 -10.13 -28.70 -0.53
C LEU A 673 -11.29 -29.65 -0.80
N ARG A 674 -11.27 -30.85 -0.20
CA ARG A 674 -12.37 -31.79 -0.39
C ARG A 674 -13.72 -31.21 0.03
N TYR A 675 -13.75 -30.27 0.98
CA TYR A 675 -15.00 -29.60 1.35
C TYR A 675 -15.57 -28.73 0.24
N LEU A 676 -14.76 -28.28 -0.71
CA LEU A 676 -15.17 -27.31 -1.73
C LEU A 676 -15.56 -28.03 -3.01
N LYS A 677 -16.73 -28.69 -2.97
CA LYS A 677 -17.04 -29.67 -4.01
C LYS A 677 -17.38 -29.03 -5.34
N ASN A 678 -17.51 -27.71 -5.40
CA ASN A 678 -17.67 -27.05 -6.69
C ASN A 678 -16.49 -26.17 -7.07
N LEU A 679 -15.38 -26.24 -6.34
CA LEU A 679 -14.25 -25.36 -6.60
C LEU A 679 -13.66 -25.62 -7.98
N GLU A 680 -13.51 -24.54 -8.78
CA GLU A 680 -12.92 -24.60 -10.12
C GLU A 680 -11.65 -23.78 -10.27
N THR A 681 -11.56 -22.60 -9.62
CA THR A 681 -10.35 -21.77 -9.65
C THR A 681 -9.84 -21.53 -8.22
N LEU A 682 -8.57 -21.85 -7.99
CA LEU A 682 -7.90 -21.62 -6.71
C LEU A 682 -6.65 -20.79 -6.94
N ASP A 683 -6.64 -19.58 -6.40
CA ASP A 683 -5.55 -18.63 -6.59
C ASP A 683 -4.79 -18.55 -5.26
N LEU A 684 -3.60 -19.12 -5.22
CA LEU A 684 -2.72 -19.07 -4.06
C LEU A 684 -1.46 -18.26 -4.35
N SER A 685 -1.53 -17.35 -5.31
CA SER A 685 -0.35 -16.64 -5.76
C SER A 685 0.18 -15.71 -4.67
N HIS A 686 1.49 -15.45 -4.73
CA HIS A 686 2.18 -14.53 -3.82
C HIS A 686 1.97 -14.93 -2.35
N ASN A 687 2.43 -16.13 -2.00
CA ASN A 687 2.40 -16.59 -0.63
C ASN A 687 3.76 -17.20 -0.33
N GLN A 688 3.83 -18.05 0.72
CA GLN A 688 5.08 -18.65 1.15
C GLN A 688 4.98 -20.18 1.18
N LEU A 689 4.19 -20.74 0.28
CA LEU A 689 4.03 -22.19 0.28
C LEU A 689 5.30 -22.85 -0.23
N THR A 690 5.59 -24.03 0.29
CA THR A 690 6.77 -24.76 -0.09
C THR A 690 6.48 -26.13 -0.68
N THR A 691 5.26 -26.66 -0.56
CA THR A 691 4.98 -28.00 -1.05
C THR A 691 3.69 -27.97 -1.88
N VAL A 692 3.55 -28.94 -2.78
CA VAL A 692 2.27 -29.17 -3.45
C VAL A 692 1.73 -30.48 -2.88
N PRO A 693 0.43 -30.79 -3.00
CA PRO A 693 -0.07 -32.06 -2.47
C PRO A 693 0.53 -33.24 -3.21
N GLU A 694 0.55 -34.37 -2.50
CA GLU A 694 1.10 -35.59 -3.07
C GLU A 694 0.32 -36.02 -4.32
N ARG A 695 -1.01 -35.84 -4.29
CA ARG A 695 -1.89 -36.17 -5.41
C ARG A 695 -3.01 -35.14 -5.41
N LEU A 696 -2.90 -34.16 -6.31
CA LEU A 696 -3.92 -33.14 -6.42
C LEU A 696 -5.32 -33.72 -6.65
N SER A 697 -5.42 -34.83 -7.41
CA SER A 697 -6.74 -35.40 -7.74
C SER A 697 -7.46 -35.89 -6.50
N ASN A 698 -6.72 -36.30 -5.48
CA ASN A 698 -7.26 -36.77 -4.21
C ASN A 698 -7.70 -35.65 -3.29
N CYS A 699 -7.47 -34.40 -3.68
CA CYS A 699 -7.87 -33.24 -2.89
C CYS A 699 -9.05 -32.51 -3.48
N SER A 700 -9.19 -32.53 -4.79
CA SER A 700 -10.25 -31.80 -5.47
C SER A 700 -10.51 -32.47 -6.80
N ARG A 701 -11.69 -33.06 -6.95
CA ARG A 701 -12.19 -33.58 -8.21
C ARG A 701 -12.68 -32.52 -9.16
N SER A 702 -12.89 -31.28 -8.71
CA SER A 702 -13.47 -30.25 -9.55
C SER A 702 -12.46 -29.22 -10.02
N LEU A 703 -11.27 -29.17 -9.41
CA LEU A 703 -10.35 -28.07 -9.65
C LEU A 703 -9.88 -28.06 -11.10
N LYS A 704 -10.03 -26.92 -11.75
CA LYS A 704 -9.58 -26.77 -13.12
C LYS A 704 -8.40 -25.82 -13.27
N ASN A 705 -8.39 -24.74 -12.48
CA ASN A 705 -7.36 -23.71 -12.57
C ASN A 705 -6.67 -23.56 -11.22
N LEU A 706 -5.39 -23.89 -11.18
CA LEU A 706 -4.59 -23.84 -9.95
C LEU A 706 -3.45 -22.86 -10.16
N ILE A 707 -3.45 -21.77 -9.38
CA ILE A 707 -2.50 -20.68 -9.55
C ILE A 707 -1.58 -20.65 -8.34
N LEU A 708 -0.33 -21.09 -8.54
CA LEU A 708 0.67 -21.15 -7.47
C LEU A 708 1.85 -20.22 -7.70
N LYS A 709 1.72 -19.23 -8.57
CA LYS A 709 2.89 -18.40 -8.87
C LYS A 709 3.36 -17.62 -7.65
N ASN A 710 4.67 -17.34 -7.62
CA ASN A 710 5.31 -16.51 -6.59
C ASN A 710 5.12 -17.14 -5.21
N ASN A 711 5.61 -18.37 -5.09
CA ASN A 711 5.66 -19.05 -3.81
C ASN A 711 7.10 -19.52 -3.66
N GLN A 712 7.33 -20.49 -2.77
CA GLN A 712 8.65 -20.98 -2.40
C GLN A 712 8.81 -22.46 -2.70
N ILE A 713 8.09 -22.96 -3.70
CA ILE A 713 8.09 -24.38 -3.96
C ILE A 713 9.43 -24.76 -4.56
N ARG A 714 10.09 -25.78 -3.99
CA ARG A 714 11.39 -26.19 -4.48
C ARG A 714 11.35 -27.52 -5.23
N SER A 715 10.31 -28.31 -5.02
CA SER A 715 10.16 -29.55 -5.77
C SER A 715 8.68 -29.89 -5.87
N LEU A 716 8.35 -30.76 -6.84
CA LEU A 716 6.99 -31.27 -6.93
C LEU A 716 6.95 -32.67 -6.35
N THR A 717 5.79 -33.04 -5.81
CA THR A 717 5.61 -34.40 -5.31
C THR A 717 5.67 -35.39 -6.45
N LYS A 718 6.00 -36.63 -6.11
CA LYS A 718 6.32 -37.62 -7.13
C LYS A 718 5.14 -37.87 -8.08
N TYR A 719 3.91 -37.87 -7.58
CA TYR A 719 2.75 -38.12 -8.41
C TYR A 719 1.77 -36.94 -8.44
N PHE A 720 2.29 -35.72 -8.26
CA PHE A 720 1.52 -34.48 -8.17
C PHE A 720 0.23 -34.48 -8.99
N LEU A 721 0.35 -34.59 -10.32
CA LEU A 721 -0.79 -34.42 -11.21
C LEU A 721 -1.42 -35.74 -11.66
N GLN A 722 -1.10 -36.86 -11.02
CA GLN A 722 -1.64 -38.14 -11.45
C GLN A 722 -3.18 -38.15 -11.42
N ASP A 723 -3.78 -38.47 -12.57
CA ASP A 723 -5.24 -38.59 -12.74
C ASP A 723 -6.01 -37.31 -12.42
N ALA A 724 -5.38 -36.13 -12.54
CA ALA A 724 -6.07 -34.86 -12.31
C ALA A 724 -6.78 -34.44 -13.60
N PHE A 725 -7.82 -35.21 -13.96
CA PHE A 725 -8.34 -35.12 -15.31
C PHE A 725 -9.10 -33.83 -15.56
N GLN A 726 -9.57 -33.16 -14.50
CA GLN A 726 -10.26 -31.89 -14.72
C GLN A 726 -9.31 -30.69 -14.72
N LEU A 727 -8.04 -30.88 -14.37
CA LEU A 727 -7.12 -29.75 -14.41
C LEU A 727 -6.98 -29.22 -15.84
N ARG A 728 -7.02 -27.90 -15.99
CA ARG A 728 -6.88 -27.26 -17.30
C ARG A 728 -5.84 -26.15 -17.30
N TYR A 729 -5.44 -25.62 -16.15
CA TYR A 729 -4.56 -24.46 -16.11
C TYR A 729 -3.73 -24.53 -14.84
N LEU A 730 -2.42 -24.40 -14.99
CA LEU A 730 -1.51 -24.61 -13.86
C LEU A 730 -0.38 -23.62 -13.96
N ASP A 731 -0.24 -22.76 -12.95
CA ASP A 731 0.78 -21.73 -12.92
C ASP A 731 1.74 -22.06 -11.79
N LEU A 732 2.95 -22.50 -12.14
CA LEU A 732 4.02 -22.74 -11.18
C LEU A 732 5.15 -21.73 -11.31
N SER A 733 4.93 -20.63 -12.02
CA SER A 733 6.04 -19.71 -12.26
C SER A 733 6.46 -19.00 -10.98
N SER A 734 7.70 -18.51 -11.01
CA SER A 734 8.28 -17.72 -9.92
C SER A 734 8.26 -18.53 -8.62
N ASN A 735 8.79 -19.73 -8.69
CA ASN A 735 9.02 -20.53 -7.49
C ASN A 735 10.50 -20.87 -7.48
N LYS A 736 10.90 -21.92 -6.75
CA LYS A 736 12.30 -22.29 -6.65
C LYS A 736 12.52 -23.72 -7.14
N ILE A 737 11.71 -24.16 -8.09
CA ILE A 737 11.79 -25.56 -8.53
C ILE A 737 13.09 -25.79 -9.27
N GLN A 738 13.75 -26.91 -8.96
CA GLN A 738 15.01 -27.31 -9.57
C GLN A 738 14.85 -28.42 -10.60
N MET A 739 13.98 -29.40 -10.29
CA MET A 739 13.82 -30.60 -11.11
C MET A 739 12.33 -30.90 -11.23
N ILE A 740 11.95 -31.46 -12.35
CA ILE A 740 10.62 -32.02 -12.55
C ILE A 740 10.81 -33.37 -13.22
N GLN A 741 10.25 -34.43 -12.64
CA GLN A 741 10.32 -35.75 -13.23
C GLN A 741 8.97 -36.12 -13.86
N LYS A 742 9.03 -37.12 -14.76
CA LYS A 742 7.88 -37.49 -15.59
C LYS A 742 6.71 -37.97 -14.75
N THR A 743 6.97 -38.63 -13.63
CA THR A 743 5.88 -39.12 -12.78
C THR A 743 4.98 -37.98 -12.31
N SER A 744 5.53 -36.78 -12.14
CA SER A 744 4.71 -35.67 -11.63
C SER A 744 3.77 -35.14 -12.71
N PHE A 745 4.14 -35.26 -13.99
CA PHE A 745 3.45 -34.64 -15.11
C PHE A 745 2.96 -35.71 -16.08
N PRO A 746 1.93 -36.49 -15.73
CA PRO A 746 1.44 -37.53 -16.65
C PRO A 746 0.92 -36.93 -17.94
N GLU A 747 1.17 -37.63 -19.05
CA GLU A 747 0.86 -37.06 -20.35
C GLU A 747 -0.65 -37.01 -20.61
N ASN A 748 -1.44 -37.94 -20.06
CA ASN A 748 -2.88 -37.78 -20.22
C ASN A 748 -3.41 -36.56 -19.48
N VAL A 749 -2.68 -36.02 -18.52
CA VAL A 749 -3.10 -34.75 -17.93
C VAL A 749 -2.53 -33.57 -18.73
N LEU A 750 -1.26 -33.68 -19.14
CA LEU A 750 -0.64 -32.59 -19.91
C LEU A 750 -1.41 -32.32 -21.19
N ASN A 751 -2.13 -33.31 -21.73
CA ASN A 751 -2.80 -33.11 -23.02
C ASN A 751 -4.07 -32.28 -22.91
N ASN A 752 -4.63 -32.08 -21.71
CA ASN A 752 -5.78 -31.19 -21.53
C ASN A 752 -5.39 -29.85 -20.96
N LEU A 753 -4.11 -29.53 -20.82
CA LEU A 753 -3.75 -28.24 -20.27
C LEU A 753 -3.80 -27.16 -21.32
N LYS A 754 -4.56 -26.11 -21.05
CA LYS A 754 -4.58 -24.96 -21.94
C LYS A 754 -3.34 -24.12 -21.74
N MET A 755 -2.72 -24.22 -20.57
CA MET A 755 -1.48 -23.52 -20.30
C MET A 755 -0.84 -24.12 -19.06
N LEU A 756 0.48 -24.22 -19.10
CA LEU A 756 1.32 -24.62 -17.99
C LEU A 756 2.41 -23.58 -17.93
N LEU A 757 2.48 -22.82 -16.84
CA LEU A 757 3.45 -21.73 -16.69
C LEU A 757 4.57 -22.19 -15.77
N LEU A 758 5.81 -22.08 -16.25
CA LEU A 758 6.97 -22.65 -15.58
C LEU A 758 8.11 -21.67 -15.45
N HIS A 759 7.96 -20.47 -15.99
CA HIS A 759 9.09 -19.58 -16.10
C HIS A 759 9.52 -19.10 -14.72
N HIS A 760 10.77 -18.64 -14.67
CA HIS A 760 11.38 -18.03 -13.49
C HIS A 760 11.38 -19.02 -12.31
N ASN A 761 11.91 -20.21 -12.54
CA ASN A 761 12.18 -21.16 -11.47
C ASN A 761 13.69 -21.30 -11.29
N ARG A 762 14.16 -22.43 -10.75
CA ARG A 762 15.60 -22.62 -10.49
C ARG A 762 16.12 -23.90 -11.12
N PHE A 763 15.87 -24.06 -12.43
CA PHE A 763 16.10 -25.34 -13.08
C PHE A 763 17.58 -25.69 -13.08
N LEU A 764 17.85 -26.95 -12.76
CA LEU A 764 19.20 -27.51 -12.69
C LEU A 764 19.37 -28.37 -13.93
N CYS A 765 20.26 -27.95 -14.82
CA CYS A 765 20.37 -28.59 -16.14
C CYS A 765 21.52 -29.60 -16.14
N THR A 766 21.36 -30.61 -15.31
CA THR A 766 22.27 -31.74 -15.24
C THR A 766 21.68 -32.93 -15.99
N CYS A 767 22.46 -34.01 -16.07
CA CYS A 767 21.97 -35.21 -16.72
C CYS A 767 20.77 -35.81 -15.99
N ASP A 768 20.51 -35.41 -14.74
CA ASP A 768 19.28 -35.82 -14.10
C ASP A 768 18.03 -35.18 -14.73
N ALA A 769 18.18 -34.05 -15.41
CA ALA A 769 17.08 -33.28 -15.96
C ALA A 769 16.72 -33.70 -17.39
N VAL A 770 17.22 -34.84 -17.85
CA VAL A 770 17.17 -35.20 -19.27
C VAL A 770 15.72 -35.30 -19.76
N TRP A 771 14.82 -35.87 -18.95
CA TRP A 771 13.42 -35.95 -19.39
C TRP A 771 12.81 -34.55 -19.52
N PHE A 772 12.97 -33.74 -18.49
CA PHE A 772 12.33 -32.44 -18.48
C PHE A 772 12.83 -31.56 -19.62
N VAL A 773 14.15 -31.58 -19.87
CA VAL A 773 14.72 -30.75 -20.94
C VAL A 773 14.18 -31.21 -22.29
N TRP A 774 14.21 -32.53 -22.53
CA TRP A 774 13.65 -33.09 -23.76
C TRP A 774 12.15 -32.80 -23.87
N TRP A 775 11.41 -33.01 -22.79
CA TRP A 775 9.96 -32.78 -22.86
C TRP A 775 9.63 -31.33 -23.16
N VAL A 776 10.35 -30.41 -22.55
CA VAL A 776 10.11 -28.99 -22.79
C VAL A 776 10.41 -28.62 -24.24
N GLN A 777 11.44 -29.24 -24.80
CA GLN A 777 11.80 -28.93 -26.18
C GLN A 777 10.79 -29.48 -27.18
N HIS A 778 10.09 -30.57 -26.82
CA HIS A 778 9.26 -31.29 -27.78
C HIS A 778 7.76 -31.20 -27.50
N THR A 779 7.35 -30.59 -26.40
CA THR A 779 5.93 -30.62 -26.07
C THR A 779 5.14 -29.62 -26.91
N GLU A 780 3.85 -29.92 -27.05
CA GLU A 780 2.90 -29.00 -27.65
C GLU A 780 2.09 -28.24 -26.61
N VAL A 781 2.23 -28.56 -25.32
CA VAL A 781 1.59 -27.77 -24.27
C VAL A 781 2.08 -26.32 -24.34
N THR A 782 1.18 -25.39 -24.13
CA THR A 782 1.53 -23.97 -24.21
C THR A 782 2.28 -23.58 -22.94
N ILE A 783 3.51 -23.11 -23.10
CA ILE A 783 4.36 -22.69 -22.00
C ILE A 783 4.88 -21.31 -22.36
N PRO A 784 4.48 -20.25 -21.67
CA PRO A 784 4.93 -18.91 -22.04
C PRO A 784 6.36 -18.64 -21.61
N TYR A 785 7.00 -17.73 -22.36
CA TYR A 785 8.32 -17.18 -22.05
C TYR A 785 9.46 -18.20 -22.20
N LEU A 786 9.26 -19.27 -22.98
CA LEU A 786 10.35 -20.20 -23.26
C LEU A 786 11.62 -19.51 -23.76
N ALA A 787 11.45 -18.46 -24.56
CA ALA A 787 12.59 -17.80 -25.18
C ALA A 787 13.34 -16.90 -24.21
N THR A 788 12.75 -16.60 -23.06
CA THR A 788 13.29 -15.49 -22.30
C THR A 788 13.42 -15.80 -20.80
N ASP A 789 12.59 -16.72 -20.25
CA ASP A 789 12.60 -16.85 -18.80
C ASP A 789 12.35 -18.29 -18.33
N VAL A 790 12.65 -19.29 -19.15
CA VAL A 790 12.68 -20.70 -18.75
C VAL A 790 14.14 -21.14 -18.93
N THR A 791 14.91 -21.01 -17.87
CA THR A 791 16.36 -20.85 -17.95
C THR A 791 17.03 -21.81 -16.98
N CYS A 792 18.22 -22.29 -17.33
CA CYS A 792 19.05 -23.02 -16.37
C CYS A 792 19.70 -22.04 -15.39
N VAL A 793 19.70 -22.40 -14.10
CA VAL A 793 20.50 -21.66 -13.13
C VAL A 793 21.88 -22.26 -12.95
N GLY A 794 22.17 -23.36 -13.62
CA GLY A 794 23.36 -24.14 -13.39
C GLY A 794 23.15 -25.52 -13.96
N PRO A 795 24.21 -26.35 -13.99
CA PRO A 795 25.52 -26.13 -13.39
C PRO A 795 26.47 -25.25 -14.23
N GLY A 796 27.22 -24.38 -13.55
CA GLY A 796 28.27 -23.55 -14.13
C GLY A 796 28.18 -23.18 -15.59
N ALA A 797 28.53 -24.11 -16.48
CA ALA A 797 28.58 -23.80 -17.90
C ALA A 797 27.25 -23.25 -18.41
N HIS A 798 26.15 -23.79 -17.92
CA HIS A 798 24.83 -23.55 -18.45
C HIS A 798 24.07 -22.39 -17.81
N LYS A 799 24.65 -21.66 -16.85
CA LYS A 799 23.90 -20.58 -16.19
C LYS A 799 23.42 -19.58 -17.23
N GLY A 800 22.16 -19.14 -17.06
CA GLY A 800 21.54 -18.19 -17.95
C GLY A 800 21.07 -18.78 -19.26
N GLN A 801 21.43 -20.02 -19.57
CA GLN A 801 21.02 -20.63 -20.84
C GLN A 801 19.55 -21.05 -20.80
N SER A 802 18.85 -20.76 -21.87
CA SER A 802 17.47 -21.20 -22.03
C SER A 802 17.42 -22.72 -22.14
N VAL A 803 16.51 -23.38 -21.40
CA VAL A 803 16.45 -24.84 -21.50
C VAL A 803 16.02 -25.27 -22.90
N ILE A 804 15.31 -24.41 -23.63
CA ILE A 804 14.93 -24.73 -25.03
C ILE A 804 16.19 -24.88 -25.92
N SER A 805 17.29 -24.20 -25.59
CA SER A 805 18.52 -24.30 -26.37
C SER A 805 19.51 -25.34 -25.84
N LEU A 806 19.17 -26.08 -24.79
CA LEU A 806 20.13 -26.90 -24.09
C LEU A 806 20.41 -28.20 -24.85
N ASP A 807 21.69 -28.53 -25.01
CA ASP A 807 22.12 -29.76 -25.69
C ASP A 807 22.75 -30.71 -24.66
N LEU A 808 22.08 -31.83 -24.42
CA LEU A 808 22.53 -32.78 -23.41
C LEU A 808 23.01 -34.09 -24.02
N TYR A 809 23.57 -34.05 -25.23
CA TYR A 809 23.98 -35.30 -25.88
C TYR A 809 25.05 -36.04 -25.08
N THR A 810 25.93 -35.30 -24.38
CA THR A 810 26.96 -35.97 -23.60
C THR A 810 26.39 -36.86 -22.52
N CYS A 811 25.13 -36.62 -22.10
CA CYS A 811 24.48 -37.54 -21.18
C CYS A 811 24.21 -38.91 -21.79
N GLU A 812 24.15 -39.02 -23.13
CA GLU A 812 23.71 -40.23 -23.82
C GLU A 812 24.83 -41.04 -24.47
N LEU A 813 26.06 -40.55 -24.47
CA LEU A 813 27.16 -41.19 -25.22
C LEU A 813 27.30 -42.71 -25.03
N ALA B 5 42.93 -10.38 14.20
CA ALA B 5 42.39 -9.65 15.36
C ALA B 5 41.86 -10.56 16.48
N ARG B 6 41.41 -11.77 16.14
CA ARG B 6 41.14 -12.81 17.13
C ARG B 6 42.02 -14.02 16.87
N TRP B 7 42.50 -14.64 17.94
CA TRP B 7 43.19 -15.91 17.77
C TRP B 7 42.23 -17.07 17.81
N PHE B 8 41.09 -16.93 18.48
CA PHE B 8 40.12 -18.01 18.59
C PHE B 8 38.75 -17.50 18.12
N PRO B 9 38.39 -17.77 16.86
CA PRO B 9 37.08 -17.36 16.36
C PRO B 9 35.96 -17.94 17.20
N LYS B 10 34.95 -17.12 17.45
CA LYS B 10 33.76 -17.58 18.16
C LYS B 10 32.83 -18.30 17.19
N THR B 11 32.52 -19.56 17.48
CA THR B 11 31.62 -20.37 16.66
C THR B 11 30.28 -20.59 17.32
N LEU B 12 30.19 -20.32 18.61
CA LEU B 12 28.94 -20.45 19.35
C LEU B 12 27.84 -19.61 18.70
N PRO B 13 26.66 -20.19 18.43
CA PRO B 13 25.63 -19.41 17.70
C PRO B 13 24.85 -18.41 18.54
N CYS B 14 25.38 -18.01 19.69
CA CYS B 14 24.70 -17.13 20.62
C CYS B 14 25.49 -15.84 20.74
N ASP B 15 24.81 -14.77 21.12
CA ASP B 15 25.52 -13.55 21.47
C ASP B 15 26.04 -13.66 22.90
N VAL B 16 27.27 -13.23 23.09
CA VAL B 16 27.93 -13.30 24.39
C VAL B 16 28.33 -11.90 24.77
N THR B 17 27.78 -11.44 25.89
CA THR B 17 28.00 -10.11 26.43
C THR B 17 28.53 -10.19 27.87
N LEU B 18 29.24 -9.12 28.20
CA LEU B 18 30.15 -9.11 29.32
C LEU B 18 29.71 -7.92 30.18
N ASP B 19 29.15 -8.24 31.37
CA ASP B 19 28.72 -7.22 32.31
C ASP B 19 29.66 -7.29 33.50
N VAL B 20 30.82 -6.66 33.32
CA VAL B 20 31.91 -6.77 34.29
C VAL B 20 31.47 -6.24 35.65
N SER B 21 30.57 -5.25 35.66
CA SER B 21 30.23 -4.58 36.90
C SER B 21 29.59 -5.54 37.91
N LYS B 22 28.46 -6.16 37.57
CA LYS B 22 27.91 -7.19 38.42
C LYS B 22 28.34 -8.60 38.07
N ASN B 23 29.52 -8.80 37.45
CA ASN B 23 30.08 -10.15 37.18
C ASN B 23 29.15 -11.07 36.40
N HIS B 24 28.53 -10.52 35.38
CA HIS B 24 27.58 -11.27 34.59
C HIS B 24 28.21 -11.66 33.27
N VAL B 25 27.95 -12.89 32.85
CA VAL B 25 28.28 -13.37 31.52
C VAL B 25 26.97 -13.76 30.87
N ILE B 26 26.51 -12.97 29.90
CA ILE B 26 25.18 -13.10 29.30
C ILE B 26 25.34 -13.85 27.99
N VAL B 27 24.64 -14.97 27.85
CA VAL B 27 24.64 -15.75 26.62
C VAL B 27 23.22 -15.78 26.08
N ASP B 28 23.03 -15.18 24.89
CA ASP B 28 21.69 -14.99 24.32
C ASP B 28 21.59 -15.75 23.01
N CYS B 29 20.92 -16.90 23.04
CA CYS B 29 20.64 -17.73 21.87
C CYS B 29 19.19 -17.62 21.42
N THR B 30 18.58 -16.45 21.61
CA THR B 30 17.20 -16.25 21.17
C THR B 30 17.10 -16.45 19.66
N ASP B 31 16.20 -17.34 19.25
CA ASP B 31 15.78 -17.43 17.85
C ASP B 31 16.99 -17.72 16.96
N LYS B 32 17.65 -18.84 17.26
CA LYS B 32 18.81 -19.30 16.51
C LYS B 32 18.54 -20.63 15.84
N HIS B 33 17.27 -21.04 15.76
CA HIS B 33 16.89 -22.27 15.08
C HIS B 33 17.67 -23.46 15.60
N LEU B 34 17.84 -23.49 16.93
CA LEU B 34 18.54 -24.57 17.61
C LEU B 34 17.59 -25.73 17.87
N THR B 35 18.08 -26.95 17.67
CA THR B 35 17.39 -28.15 18.09
C THR B 35 18.09 -28.84 19.25
N GLU B 36 19.21 -28.31 19.70
CA GLU B 36 19.89 -28.80 20.89
C GLU B 36 20.51 -27.60 21.60
N ILE B 37 20.78 -27.77 22.89
CA ILE B 37 21.59 -26.75 23.55
C ILE B 37 22.98 -26.77 22.92
N PRO B 38 23.51 -25.63 22.49
CA PRO B 38 24.80 -25.66 21.80
C PRO B 38 25.93 -26.04 22.75
N GLY B 39 26.92 -26.75 22.21
CA GLY B 39 28.12 -27.02 22.97
C GLY B 39 28.97 -25.78 23.11
N GLY B 40 29.83 -25.77 24.13
CA GLY B 40 30.79 -24.69 24.28
C GLY B 40 30.27 -23.43 24.93
N ILE B 41 29.08 -23.46 25.55
CA ILE B 41 28.64 -22.32 26.33
C ILE B 41 29.67 -22.03 27.42
N PRO B 42 30.09 -20.77 27.60
CA PRO B 42 31.13 -20.48 28.59
C PRO B 42 30.75 -20.96 29.98
N THR B 43 31.74 -21.49 30.71
CA THR B 43 31.49 -21.99 32.05
C THR B 43 31.11 -20.87 33.02
N ASN B 44 31.60 -19.64 32.80
CA ASN B 44 31.21 -18.48 33.64
C ASN B 44 29.81 -17.94 33.35
N THR B 45 29.00 -18.59 32.51
CA THR B 45 27.72 -18.00 32.13
C THR B 45 26.79 -17.85 33.32
N THR B 46 26.31 -16.61 33.53
CA THR B 46 25.32 -16.28 34.55
C THR B 46 23.91 -16.14 34.00
N ASN B 47 23.74 -15.65 32.77
CA ASN B 47 22.43 -15.46 32.13
C ASN B 47 22.42 -16.22 30.82
N LEU B 48 21.63 -17.28 30.75
CA LEU B 48 21.51 -18.11 29.56
C LEU B 48 20.07 -17.99 29.07
N THR B 49 19.90 -17.51 27.83
CA THR B 49 18.57 -17.38 27.21
C THR B 49 18.47 -18.29 26.00
N LEU B 50 17.50 -19.22 26.04
CA LEU B 50 17.25 -20.17 24.95
C LEU B 50 15.85 -20.01 24.38
N THR B 51 15.25 -18.84 24.52
CA THR B 51 13.88 -18.62 24.06
C THR B 51 13.75 -18.79 22.54
N ILE B 52 12.63 -19.39 22.10
CA ILE B 52 12.28 -19.53 20.67
C ILE B 52 13.34 -20.33 19.96
N ASN B 53 13.42 -21.60 20.30
CA ASN B 53 14.18 -22.61 19.59
C ASN B 53 13.30 -23.85 19.61
N HIS B 54 13.85 -24.99 19.22
CA HIS B 54 13.09 -26.23 19.20
C HIS B 54 13.86 -27.31 19.92
N ILE B 55 14.35 -26.96 21.10
CA ILE B 55 15.07 -27.90 21.95
C ILE B 55 14.05 -28.78 22.67
N PRO B 56 14.03 -30.08 22.41
CA PRO B 56 12.94 -30.91 22.92
C PRO B 56 13.12 -31.39 24.36
N ASP B 57 14.31 -31.29 24.94
CA ASP B 57 14.50 -31.89 26.26
C ASP B 57 15.55 -31.14 27.06
N ILE B 58 15.40 -31.24 28.37
CA ILE B 58 16.39 -30.78 29.34
C ILE B 58 16.79 -31.98 30.18
N SER B 59 18.07 -32.05 30.54
CA SER B 59 18.62 -33.18 31.26
C SER B 59 19.77 -32.66 32.10
N PRO B 60 20.29 -33.48 33.04
CA PRO B 60 21.50 -33.07 33.77
C PRO B 60 22.64 -32.66 32.86
N ALA B 61 22.74 -33.25 31.66
CA ALA B 61 23.74 -32.81 30.71
C ALA B 61 23.54 -31.36 30.26
N SER B 62 22.31 -30.83 30.35
CA SER B 62 21.99 -29.53 29.75
C SER B 62 22.86 -28.41 30.31
N PHE B 63 22.91 -28.27 31.63
CA PHE B 63 23.63 -27.16 32.23
C PHE B 63 24.80 -27.62 33.09
N HIS B 64 25.28 -28.85 32.84
CA HIS B 64 26.29 -29.50 33.68
C HIS B 64 27.41 -28.59 34.16
N ARG B 65 28.09 -27.92 33.23
CA ARG B 65 29.22 -27.10 33.63
C ARG B 65 28.82 -25.73 34.14
N LEU B 66 27.57 -25.31 33.94
CA LEU B 66 27.21 -23.90 34.12
C LEU B 66 26.70 -23.65 35.54
N VAL B 67 27.60 -23.91 36.49
CA VAL B 67 27.26 -23.86 37.92
C VAL B 67 26.98 -22.44 38.39
N HIS B 68 27.40 -21.42 37.65
CA HIS B 68 27.21 -20.03 38.08
C HIS B 68 25.89 -19.41 37.59
N LEU B 69 25.01 -20.18 36.96
CA LEU B 69 23.80 -19.60 36.38
C LEU B 69 22.92 -18.97 37.44
N VAL B 70 22.64 -17.68 37.29
CA VAL B 70 21.58 -17.05 38.07
C VAL B 70 20.24 -17.05 37.33
N GLU B 71 20.24 -17.10 35.99
CA GLU B 71 19.00 -17.02 35.21
C GLU B 71 19.03 -17.95 34.01
N ILE B 72 18.02 -18.79 33.89
CA ILE B 72 17.75 -19.55 32.69
C ILE B 72 16.43 -19.05 32.11
N ASP B 73 16.46 -18.63 30.84
CA ASP B 73 15.27 -18.15 30.12
C ASP B 73 15.03 -19.16 29.01
N PHE B 74 14.13 -20.10 29.26
CA PHE B 74 13.89 -21.22 28.36
C PHE B 74 12.44 -21.16 27.88
N ARG B 75 12.00 -19.99 27.42
CA ARG B 75 10.62 -19.78 27.01
C ARG B 75 10.37 -20.26 25.57
N CYS B 76 9.20 -20.83 25.35
CA CYS B 76 8.63 -20.95 24.01
C CYS B 76 9.48 -21.86 23.12
N ASN B 77 9.87 -23.01 23.66
CA ASN B 77 10.44 -24.02 22.82
C ASN B 77 9.40 -25.04 22.40
N CYS B 78 8.19 -24.97 22.96
CA CYS B 78 7.08 -25.81 22.55
C CYS B 78 5.74 -25.16 22.87
N VAL B 79 5.40 -24.08 22.17
CA VAL B 79 4.27 -23.26 22.61
C VAL B 79 2.95 -23.93 22.26
N PRO B 80 1.88 -23.72 23.04
CA PRO B 80 0.58 -24.31 22.71
C PRO B 80 0.16 -24.06 21.25
N ILE B 81 -0.57 -25.02 20.71
CA ILE B 81 -0.80 -25.09 19.26
C ILE B 81 -1.44 -23.80 18.73
N ARG B 82 -2.51 -23.33 19.37
CA ARG B 82 -3.23 -22.18 18.83
C ARG B 82 -2.48 -20.88 19.03
N LEU B 83 -1.46 -20.87 19.88
CA LEU B 83 -0.63 -19.69 20.07
C LEU B 83 0.63 -19.67 19.22
N GLY B 84 1.05 -20.82 18.70
CA GLY B 84 2.31 -20.94 17.99
C GLY B 84 2.14 -21.08 16.50
N SER B 85 3.28 -21.01 15.81
CA SER B 85 3.35 -21.19 14.35
C SER B 85 2.63 -22.44 13.89
N LYS B 86 1.74 -22.28 12.90
CA LYS B 86 1.08 -23.44 12.29
C LYS B 86 1.91 -24.08 11.18
N SER B 87 2.99 -23.41 10.76
CA SER B 87 3.89 -23.99 9.76
C SER B 87 5.01 -24.79 10.39
N ASN B 88 5.39 -24.48 11.64
CA ASN B 88 6.33 -25.33 12.40
C ASN B 88 5.69 -25.64 13.76
N MET B 89 4.71 -26.54 13.75
CA MET B 89 4.09 -26.97 14.99
C MET B 89 5.09 -27.77 15.82
N CYS B 90 4.98 -27.66 17.14
CA CYS B 90 5.82 -28.43 18.04
C CYS B 90 5.26 -29.85 18.19
N PRO B 91 6.04 -30.90 17.92
CA PRO B 91 5.45 -32.26 17.86
C PRO B 91 5.17 -32.84 19.24
N ARG B 92 6.04 -32.55 20.20
CA ARG B 92 5.95 -33.19 21.51
C ARG B 92 6.35 -32.19 22.59
N ARG B 93 5.66 -32.24 23.71
CA ARG B 93 5.95 -31.35 24.84
C ARG B 93 7.42 -31.47 25.27
N LEU B 94 7.96 -30.35 25.77
CA LEU B 94 9.29 -30.35 26.38
C LEU B 94 9.39 -31.42 27.46
N GLN B 95 10.51 -32.17 27.45
CA GLN B 95 10.78 -33.23 28.41
C GLN B 95 11.88 -32.76 29.34
N ILE B 96 11.59 -32.71 30.64
CA ILE B 96 12.59 -32.30 31.63
C ILE B 96 12.93 -33.52 32.48
N LYS B 97 14.18 -33.95 32.41
CA LYS B 97 14.62 -35.11 33.15
C LYS B 97 14.98 -34.72 34.58
N PRO B 98 14.92 -35.68 35.52
CA PRO B 98 15.13 -35.33 36.93
C PRO B 98 16.52 -34.76 37.18
N ARG B 99 16.56 -33.82 38.14
CA ARG B 99 17.79 -33.19 38.63
C ARG B 99 18.55 -32.44 37.53
N SER B 100 17.82 -31.89 36.56
CA SER B 100 18.41 -30.99 35.57
C SER B 100 18.74 -29.63 36.15
N PHE B 101 18.09 -29.23 37.25
CA PHE B 101 18.24 -27.91 37.82
C PHE B 101 18.88 -27.91 39.21
N SER B 102 18.94 -29.07 39.88
CA SER B 102 19.30 -29.07 41.30
C SER B 102 20.76 -28.68 41.52
N GLY B 103 21.64 -28.97 40.55
CA GLY B 103 23.03 -28.55 40.63
C GLY B 103 23.24 -27.05 40.52
N LEU B 104 22.23 -26.28 40.11
CA LEU B 104 22.44 -24.86 39.89
C LEU B 104 22.08 -24.11 41.17
N THR B 105 23.07 -24.09 42.06
CA THR B 105 22.97 -23.58 43.42
C THR B 105 22.76 -22.06 43.48
N TYR B 106 23.06 -21.32 42.40
CA TYR B 106 22.91 -19.86 42.37
C TYR B 106 21.68 -19.38 41.58
N LEU B 107 20.85 -20.31 41.08
CA LEU B 107 19.78 -19.97 40.15
C LEU B 107 18.67 -19.15 40.81
N LYS B 108 18.43 -17.94 40.32
CA LYS B 108 17.37 -17.12 40.91
C LYS B 108 16.09 -17.08 40.06
N SER B 109 16.21 -17.16 38.74
CA SER B 109 15.09 -16.94 37.84
C SER B 109 15.03 -18.06 36.84
N LEU B 110 13.85 -18.66 36.69
CA LEU B 110 13.64 -19.77 35.76
C LEU B 110 12.36 -19.48 34.97
N TYR B 111 12.50 -19.24 33.67
CA TYR B 111 11.37 -19.01 32.78
C TYR B 111 11.18 -20.25 31.93
N LEU B 112 10.06 -20.94 32.13
CA LEU B 112 9.70 -22.11 31.34
C LEU B 112 8.34 -21.93 30.66
N ASP B 113 7.92 -20.68 30.47
CA ASP B 113 6.68 -20.41 29.78
C ASP B 113 6.65 -21.05 28.39
N GLY B 114 5.46 -21.54 28.02
CA GLY B 114 5.20 -21.88 26.63
C GLY B 114 5.97 -23.08 26.14
N ASN B 115 5.92 -24.16 26.93
CA ASN B 115 6.61 -25.40 26.64
C ASN B 115 5.69 -26.60 26.75
N GLN B 116 4.39 -26.36 26.94
CA GLN B 116 3.37 -27.41 27.05
C GLN B 116 3.63 -28.37 28.22
N LEU B 117 4.24 -27.85 29.30
CA LEU B 117 4.47 -28.69 30.49
C LEU B 117 3.16 -29.10 31.16
N LEU B 118 3.19 -30.31 31.76
CA LEU B 118 2.03 -30.86 32.46
C LEU B 118 2.10 -30.72 33.97
N GLU B 119 3.28 -30.55 34.55
CA GLU B 119 3.37 -30.40 36.00
C GLU B 119 4.41 -29.33 36.30
N ILE B 120 4.33 -28.81 37.52
CA ILE B 120 5.40 -27.90 37.97
C ILE B 120 6.70 -28.68 38.03
N PRO B 121 7.76 -28.24 37.36
CA PRO B 121 9.03 -29.00 37.39
C PRO B 121 9.54 -29.13 38.81
N GLN B 122 9.85 -30.37 39.20
CA GLN B 122 10.36 -30.62 40.53
C GLN B 122 11.88 -30.61 40.54
N GLY B 123 12.45 -30.64 41.74
CA GLY B 123 13.88 -30.62 41.89
C GLY B 123 14.51 -29.26 41.72
N LEU B 124 13.75 -28.21 41.95
CA LEU B 124 14.34 -26.90 41.70
C LEU B 124 15.17 -26.46 42.90
N PRO B 125 16.26 -25.73 42.66
CA PRO B 125 17.15 -25.38 43.77
C PRO B 125 16.48 -24.37 44.70
N PRO B 126 16.83 -24.38 45.99
CA PRO B 126 16.16 -23.48 46.93
C PRO B 126 16.59 -22.02 46.82
N SER B 127 17.55 -21.70 45.95
CA SER B 127 17.89 -20.30 45.69
C SER B 127 16.84 -19.59 44.85
N LEU B 128 15.91 -20.33 44.23
CA LEU B 128 15.03 -19.76 43.21
C LEU B 128 14.12 -18.68 43.80
N GLN B 129 14.17 -17.47 43.21
CA GLN B 129 13.24 -16.41 43.56
C GLN B 129 12.07 -16.26 42.58
N LEU B 130 12.25 -16.58 41.31
CA LEU B 130 11.26 -16.32 40.26
C LEU B 130 11.09 -17.58 39.43
N LEU B 131 9.86 -18.07 39.35
CA LEU B 131 9.50 -19.18 38.49
C LEU B 131 8.37 -18.73 37.59
N SER B 132 8.49 -18.98 36.29
CA SER B 132 7.48 -18.54 35.32
C SER B 132 7.04 -19.74 34.51
N LEU B 133 5.74 -20.01 34.52
CA LEU B 133 5.16 -21.18 33.85
C LEU B 133 3.92 -20.84 33.04
N GLU B 134 3.84 -19.62 32.51
CA GLU B 134 2.70 -19.24 31.68
C GLU B 134 2.62 -20.08 30.41
N ALA B 135 1.40 -20.25 29.91
CA ALA B 135 1.14 -20.94 28.63
C ALA B 135 1.72 -22.36 28.63
N ASN B 136 1.57 -23.05 29.76
CA ASN B 136 1.80 -24.49 29.83
C ASN B 136 0.45 -25.21 29.97
N ASN B 137 0.49 -26.45 30.43
CA ASN B 137 -0.75 -27.19 30.60
C ASN B 137 -0.90 -27.66 32.03
N ILE B 138 -0.63 -26.77 32.97
CA ILE B 138 -0.67 -27.07 34.40
C ILE B 138 -1.94 -26.42 34.95
N PHE B 139 -2.94 -27.24 35.28
CA PHE B 139 -4.22 -26.71 35.76
C PHE B 139 -4.68 -27.34 37.07
N SER B 140 -3.77 -27.98 37.80
CA SER B 140 -4.05 -28.45 39.15
C SER B 140 -2.85 -28.15 40.04
N ILE B 141 -3.06 -27.34 41.07
CA ILE B 141 -1.99 -26.91 41.98
C ILE B 141 -2.17 -27.64 43.31
N ARG B 142 -1.14 -28.40 43.71
CA ARG B 142 -1.15 -29.20 44.94
C ARG B 142 -0.07 -28.67 45.87
N LYS B 143 -0.39 -28.67 47.17
CA LYS B 143 0.58 -28.19 48.18
C LYS B 143 1.91 -28.93 48.06
N GLU B 144 1.84 -30.23 47.78
CA GLU B 144 3.03 -31.06 47.75
C GLU B 144 3.98 -30.61 46.64
N GLN B 145 3.44 -30.21 45.49
CA GLN B 145 4.28 -29.77 44.38
C GLN B 145 4.93 -28.41 44.63
N LEU B 146 4.55 -27.68 45.69
CA LEU B 146 5.10 -26.37 45.99
C LEU B 146 6.12 -26.37 47.11
N THR B 147 6.33 -27.50 47.79
CA THR B 147 7.27 -27.53 48.91
C THR B 147 8.65 -27.08 48.48
N GLU B 148 9.08 -27.51 47.29
CA GLU B 148 10.41 -27.17 46.77
C GLU B 148 10.64 -25.66 46.63
N LEU B 149 9.56 -24.86 46.67
CA LEU B 149 9.62 -23.44 46.32
C LEU B 149 9.62 -22.54 47.55
N ALA B 150 10.15 -23.02 48.68
CA ALA B 150 10.08 -22.28 49.95
C ALA B 150 10.50 -20.82 49.80
N ASN B 151 11.56 -20.55 49.06
CA ASN B 151 12.07 -19.19 48.96
C ASN B 151 11.49 -18.40 47.80
N ILE B 152 10.51 -18.95 47.08
CA ILE B 152 10.02 -18.29 45.87
C ILE B 152 9.33 -16.98 46.23
N GLU B 153 9.62 -15.93 45.44
CA GLU B 153 8.99 -14.63 45.64
C GLU B 153 8.09 -14.16 44.50
N ILE B 154 8.28 -14.67 43.28
CA ILE B 154 7.47 -14.29 42.13
C ILE B 154 7.10 -15.57 41.39
N LEU B 155 5.81 -15.79 41.19
CA LEU B 155 5.32 -17.06 40.65
C LEU B 155 4.24 -16.74 39.61
N TYR B 156 4.49 -17.07 38.35
CA TYR B 156 3.56 -16.82 37.24
C TYR B 156 3.00 -18.15 36.77
N LEU B 157 1.68 -18.33 36.88
CA LEU B 157 1.04 -19.59 36.51
C LEU B 157 -0.10 -19.38 35.52
N GLY B 158 -0.28 -18.17 34.98
CA GLY B 158 -1.43 -17.88 34.17
C GLY B 158 -1.36 -18.48 32.79
N GLN B 159 -2.46 -18.33 32.05
CA GLN B 159 -2.57 -18.77 30.66
C GLN B 159 -2.39 -20.29 30.53
N ASN B 160 -2.75 -21.03 31.57
CA ASN B 160 -2.67 -22.48 31.48
C ASN B 160 -4.02 -23.14 31.17
N CYS B 161 -5.12 -22.38 31.17
CA CYS B 161 -6.43 -22.93 30.80
C CYS B 161 -7.32 -21.78 30.36
N TYR B 162 -7.32 -21.49 29.06
CA TYR B 162 -8.22 -20.48 28.51
C TYR B 162 -8.40 -20.75 27.01
N TYR B 163 -9.15 -19.87 26.33
CA TYR B 163 -9.66 -20.24 25.01
C TYR B 163 -8.54 -20.46 24.00
N ARG B 164 -7.38 -19.81 24.16
CA ARG B 164 -6.24 -20.09 23.28
C ARG B 164 -5.41 -21.28 23.73
N ASN B 165 -5.71 -21.87 24.89
CA ASN B 165 -4.92 -22.95 25.45
C ASN B 165 -5.81 -23.72 26.42
N PRO B 166 -6.81 -24.44 25.92
CA PRO B 166 -7.84 -25.00 26.80
C PRO B 166 -7.36 -26.23 27.56
N CYS B 167 -7.88 -26.37 28.78
CA CYS B 167 -7.69 -27.59 29.56
C CYS B 167 -9.01 -28.35 29.77
N TYR B 168 -10.14 -27.74 29.42
CA TYR B 168 -11.48 -28.36 29.39
C TYR B 168 -12.03 -28.73 30.76
N VAL B 169 -11.38 -28.33 31.84
CA VAL B 169 -11.91 -28.47 33.18
C VAL B 169 -11.67 -27.17 33.94
N SER B 170 -12.25 -27.10 35.13
CA SER B 170 -11.96 -25.98 36.01
C SER B 170 -10.56 -26.12 36.57
N TYR B 171 -9.91 -24.98 36.76
CA TYR B 171 -8.64 -24.95 37.46
C TYR B 171 -8.85 -25.43 38.91
N SER B 172 -7.85 -26.11 39.45
CA SER B 172 -7.91 -26.69 40.80
C SER B 172 -6.74 -26.21 41.63
N ILE B 173 -7.03 -25.71 42.83
CA ILE B 173 -6.03 -25.27 43.79
C ILE B 173 -6.38 -25.86 45.15
N GLU B 174 -5.44 -26.60 45.74
CA GLU B 174 -5.67 -27.16 47.06
C GLU B 174 -5.75 -26.06 48.11
N LYS B 175 -6.60 -26.28 49.11
CA LYS B 175 -6.66 -25.40 50.29
C LYS B 175 -5.26 -25.13 50.83
N ASP B 176 -4.97 -23.84 51.03
CA ASP B 176 -3.69 -23.35 51.56
C ASP B 176 -2.47 -23.85 50.75
N ALA B 177 -2.62 -24.11 49.44
CA ALA B 177 -1.47 -24.57 48.64
C ALA B 177 -0.31 -23.58 48.68
N PHE B 178 -0.59 -22.28 48.77
CA PHE B 178 0.45 -21.26 48.75
C PHE B 178 0.87 -20.78 50.13
N LEU B 179 0.22 -21.27 51.19
CA LEU B 179 0.31 -20.58 52.49
C LEU B 179 1.72 -20.64 53.07
N ASN B 180 2.41 -21.78 52.95
CA ASN B 180 3.76 -21.90 53.50
C ASN B 180 4.84 -21.39 52.56
N LEU B 181 4.47 -20.66 51.50
CA LEU B 181 5.42 -19.92 50.69
C LEU B 181 5.56 -18.54 51.35
N THR B 182 6.37 -18.52 52.42
CA THR B 182 6.40 -17.38 53.33
C THR B 182 7.12 -16.16 52.76
N LYS B 183 7.72 -16.27 51.57
CA LYS B 183 8.38 -15.13 50.93
C LYS B 183 7.66 -14.64 49.68
N LEU B 184 6.59 -15.33 49.27
CA LEU B 184 5.92 -15.06 48.01
C LEU B 184 5.31 -13.66 48.00
N LYS B 185 5.70 -12.83 47.02
CA LYS B 185 5.17 -11.47 46.90
C LYS B 185 4.25 -11.26 45.71
N VAL B 186 4.45 -11.98 44.60
CA VAL B 186 3.67 -11.77 43.38
C VAL B 186 3.10 -13.11 42.96
N LEU B 187 1.79 -13.18 42.84
CA LEU B 187 1.11 -14.39 42.40
C LEU B 187 0.16 -14.03 41.26
N SER B 188 0.33 -14.69 40.11
CA SER B 188 -0.47 -14.42 38.93
C SER B 188 -1.14 -15.72 38.49
N LEU B 189 -2.47 -15.74 38.57
CA LEU B 189 -3.27 -16.90 38.22
C LEU B 189 -4.28 -16.54 37.13
N LYS B 190 -3.94 -15.53 36.32
CA LYS B 190 -4.81 -15.02 35.27
C LYS B 190 -5.06 -16.08 34.19
N ASP B 191 -6.16 -15.89 33.43
CA ASP B 191 -6.42 -16.65 32.21
C ASP B 191 -6.37 -18.15 32.47
N ASN B 192 -7.04 -18.59 33.55
CA ASN B 192 -6.81 -19.96 34.02
C ASN B 192 -8.04 -20.82 34.26
N ASN B 193 -9.27 -20.32 33.99
CA ASN B 193 -10.49 -21.06 34.31
C ASN B 193 -10.63 -21.29 35.83
N VAL B 194 -10.12 -20.35 36.64
CA VAL B 194 -10.22 -20.45 38.09
C VAL B 194 -11.63 -20.13 38.56
N THR B 195 -12.13 -20.91 39.54
CA THR B 195 -13.51 -20.76 39.98
C THR B 195 -13.67 -20.09 41.33
N THR B 196 -12.68 -20.17 42.23
CA THR B 196 -12.76 -19.44 43.50
C THR B 196 -11.40 -18.81 43.80
N VAL B 197 -11.43 -17.74 44.60
CA VAL B 197 -10.17 -17.18 45.10
C VAL B 197 -9.49 -18.23 45.97
N PRO B 198 -8.22 -18.55 45.74
CA PRO B 198 -7.57 -19.57 46.57
C PRO B 198 -7.26 -19.02 47.96
N THR B 199 -7.43 -19.87 48.97
CA THR B 199 -7.20 -19.48 50.37
C THR B 199 -6.53 -20.65 51.07
N VAL B 200 -5.77 -20.37 52.13
CA VAL B 200 -5.40 -19.04 52.58
C VAL B 200 -4.14 -18.65 51.85
N LEU B 201 -4.02 -17.36 51.51
CA LEU B 201 -2.82 -16.92 50.82
C LEU B 201 -1.84 -16.30 51.81
N PRO B 202 -0.54 -16.34 51.49
CA PRO B 202 0.45 -15.80 52.43
C PRO B 202 0.37 -14.29 52.50
N SER B 203 0.48 -13.78 53.73
CA SER B 203 0.29 -12.35 53.98
C SER B 203 1.47 -11.52 53.49
N THR B 204 2.52 -12.17 52.99
CA THR B 204 3.60 -11.46 52.29
C THR B 204 3.17 -10.85 50.95
N LEU B 205 2.04 -11.26 50.36
CA LEU B 205 1.70 -10.85 48.99
C LEU B 205 1.60 -9.35 48.84
N THR B 206 2.25 -8.81 47.78
CA THR B 206 2.07 -7.43 47.35
C THR B 206 1.28 -7.28 46.05
N GLU B 207 1.19 -8.33 45.22
CA GLU B 207 0.50 -8.26 43.94
C GLU B 207 -0.22 -9.58 43.68
N LEU B 208 -1.53 -9.50 43.44
CA LEU B 208 -2.33 -10.69 43.20
C LEU B 208 -3.13 -10.47 41.94
N TYR B 209 -2.92 -11.34 40.93
CA TYR B 209 -3.59 -11.20 39.63
C TYR B 209 -4.51 -12.41 39.48
N LEU B 210 -5.81 -12.14 39.46
CA LEU B 210 -6.80 -13.20 39.32
C LEU B 210 -7.73 -12.94 38.16
N TYR B 211 -7.28 -12.17 37.18
CA TYR B 211 -8.22 -11.70 36.19
C TYR B 211 -8.41 -12.71 35.07
N ASN B 212 -9.48 -12.51 34.31
CA ASN B 212 -9.91 -13.42 33.25
C ASN B 212 -10.06 -14.85 33.77
N ASN B 213 -11.01 -15.02 34.67
CA ASN B 213 -11.28 -16.36 35.22
C ASN B 213 -12.80 -16.56 35.23
N MET B 214 -13.26 -17.51 36.04
CA MET B 214 -14.67 -17.79 36.24
C MET B 214 -15.01 -17.69 37.72
N ILE B 215 -14.50 -16.66 38.38
CA ILE B 215 -14.86 -16.40 39.77
C ILE B 215 -16.16 -15.60 39.77
N ALA B 216 -17.22 -16.17 40.35
CA ALA B 216 -18.50 -15.49 40.39
C ALA B 216 -18.72 -14.73 41.69
N GLU B 217 -18.08 -15.13 42.78
CA GLU B 217 -18.27 -14.49 44.08
C GLU B 217 -16.94 -14.36 44.80
N ILE B 218 -16.81 -13.27 45.55
CA ILE B 218 -15.75 -13.08 46.52
C ILE B 218 -16.32 -13.38 47.91
N GLN B 219 -15.61 -14.18 48.69
CA GLN B 219 -16.01 -14.36 50.08
C GLN B 219 -15.53 -13.18 50.92
N GLU B 220 -16.17 -13.03 52.10
CA GLU B 220 -15.89 -11.92 52.99
C GLU B 220 -14.43 -11.87 53.43
N ASP B 221 -13.82 -13.04 53.58
CA ASP B 221 -12.49 -13.18 54.12
C ASP B 221 -11.46 -13.64 53.10
N ASP B 222 -11.81 -13.60 51.80
CA ASP B 222 -10.89 -14.03 50.76
C ASP B 222 -9.55 -13.29 50.83
N PHE B 223 -9.56 -12.02 51.24
CA PHE B 223 -8.37 -11.18 51.33
C PHE B 223 -8.08 -10.73 52.77
N ASN B 224 -8.55 -11.47 53.78
CA ASN B 224 -8.55 -10.98 55.16
C ASN B 224 -7.16 -10.74 55.70
N ASN B 225 -6.18 -11.54 55.31
CA ASN B 225 -4.85 -11.47 55.91
C ASN B 225 -3.85 -10.67 55.08
N LEU B 226 -4.25 -10.15 53.92
CA LEU B 226 -3.29 -9.58 52.97
C LEU B 226 -3.08 -8.09 53.22
N ASN B 227 -2.48 -7.80 54.36
CA ASN B 227 -2.24 -6.43 54.77
C ASN B 227 -1.00 -5.81 54.11
N GLN B 228 -0.31 -6.53 53.24
CA GLN B 228 0.77 -5.94 52.45
C GLN B 228 0.40 -5.74 50.97
N LEU B 229 -0.76 -6.22 50.55
CA LEU B 229 -1.11 -6.20 49.13
C LEU B 229 -1.16 -4.77 48.58
N GLN B 230 -0.51 -4.56 47.43
CA GLN B 230 -0.51 -3.28 46.75
C GLN B 230 -1.31 -3.27 45.45
N ILE B 231 -1.39 -4.41 44.76
CA ILE B 231 -2.10 -4.49 43.48
C ILE B 231 -3.05 -5.67 43.55
N LEU B 232 -4.31 -5.42 43.26
CA LEU B 232 -5.31 -6.48 43.14
C LEU B 232 -6.01 -6.29 41.81
N ASP B 233 -6.03 -7.34 40.99
CA ASP B 233 -6.72 -7.32 39.70
C ASP B 233 -7.70 -8.50 39.66
N LEU B 234 -8.98 -8.20 39.68
CA LEU B 234 -10.03 -9.21 39.61
C LEU B 234 -10.83 -9.09 38.33
N SER B 235 -10.32 -8.32 37.36
CA SER B 235 -11.00 -8.01 36.11
C SER B 235 -11.41 -9.26 35.35
N GLY B 236 -12.40 -9.11 34.48
CA GLY B 236 -12.78 -10.21 33.62
C GLY B 236 -13.31 -11.42 34.36
N ASN B 237 -13.92 -11.21 35.52
CA ASN B 237 -14.72 -12.24 36.17
C ASN B 237 -16.16 -11.73 36.14
N CYS B 238 -17.03 -12.46 35.44
CA CYS B 238 -18.33 -11.96 34.99
C CYS B 238 -18.14 -10.84 33.97
N PRO B 239 -17.58 -11.14 32.81
CA PRO B 239 -17.24 -10.08 31.85
C PRO B 239 -18.45 -9.45 31.17
N ARG B 240 -18.26 -8.20 30.77
CA ARG B 240 -19.16 -7.51 29.84
C ARG B 240 -18.76 -7.93 28.43
N CYS B 241 -19.61 -8.70 27.78
CA CYS B 241 -19.23 -9.40 26.56
C CYS B 241 -19.64 -8.67 25.27
N TYR B 242 -20.30 -7.52 25.36
CA TYR B 242 -20.78 -6.88 24.15
C TYR B 242 -19.61 -6.47 23.26
N ASN B 243 -19.69 -6.83 21.97
CA ASN B 243 -18.61 -6.56 21.01
C ASN B 243 -17.25 -7.11 21.47
N ALA B 244 -17.25 -8.18 22.25
CA ALA B 244 -15.98 -8.77 22.67
C ALA B 244 -15.24 -9.33 21.45
N PRO B 245 -13.95 -9.04 21.29
CA PRO B 245 -13.16 -9.66 20.22
C PRO B 245 -12.60 -11.03 20.57
N PHE B 246 -13.06 -11.64 21.65
CA PHE B 246 -12.67 -13.00 22.04
C PHE B 246 -13.94 -13.72 22.45
N PRO B 247 -13.93 -15.06 22.44
CA PRO B 247 -15.12 -15.81 22.90
C PRO B 247 -15.40 -15.49 24.37
N CYS B 248 -16.63 -15.07 24.65
CA CYS B 248 -16.93 -14.42 25.91
C CYS B 248 -18.21 -15.04 26.50
N THR B 249 -18.09 -15.57 27.71
CA THR B 249 -19.22 -16.18 28.39
C THR B 249 -19.51 -15.36 29.63
N PRO B 250 -20.67 -14.73 29.71
CA PRO B 250 -21.00 -13.92 30.88
C PRO B 250 -21.49 -14.78 32.03
N CYS B 251 -21.42 -14.21 33.23
CA CYS B 251 -22.13 -14.80 34.35
C CYS B 251 -23.64 -14.83 34.09
N LYS B 252 -24.27 -15.91 34.55
CA LYS B 252 -25.71 -16.11 34.52
C LYS B 252 -26.46 -14.94 35.14
N ASN B 253 -27.74 -14.81 34.76
CA ASN B 253 -28.68 -13.82 35.30
C ASN B 253 -28.14 -12.41 35.22
N ASN B 254 -27.32 -12.12 34.20
CA ASN B 254 -26.63 -10.84 34.10
C ASN B 254 -25.99 -10.44 35.43
N SER B 255 -25.51 -11.44 36.17
CA SER B 255 -24.95 -11.15 37.49
C SER B 255 -23.62 -10.41 37.35
N PRO B 256 -23.33 -9.50 38.27
CA PRO B 256 -21.98 -8.96 38.37
C PRO B 256 -21.11 -9.91 39.18
N LEU B 257 -19.82 -9.60 39.21
CA LEU B 257 -18.97 -10.20 40.22
C LEU B 257 -19.47 -9.74 41.58
N GLN B 258 -19.71 -10.68 42.50
CA GLN B 258 -20.34 -10.35 43.78
C GLN B 258 -19.26 -10.07 44.82
N ILE B 259 -19.11 -8.82 45.21
CA ILE B 259 -18.05 -8.48 46.16
C ILE B 259 -18.68 -7.91 47.43
N PRO B 260 -18.63 -8.62 48.56
CA PRO B 260 -19.22 -8.09 49.80
C PRO B 260 -18.62 -6.74 50.15
N VAL B 261 -19.47 -5.90 50.77
CA VAL B 261 -19.13 -4.51 51.02
C VAL B 261 -17.86 -4.35 51.88
N ASN B 262 -17.49 -5.38 52.64
CA ASN B 262 -16.33 -5.33 53.50
C ASN B 262 -15.15 -6.14 52.98
N ALA B 263 -15.20 -6.61 51.74
CA ALA B 263 -14.20 -7.56 51.26
C ALA B 263 -12.79 -7.00 51.23
N PHE B 264 -12.62 -5.68 51.15
CA PHE B 264 -11.31 -5.05 51.00
C PHE B 264 -10.79 -4.46 52.31
N ASP B 265 -11.49 -4.70 53.43
CA ASP B 265 -11.18 -4.04 54.70
C ASP B 265 -9.74 -4.26 55.15
N ALA B 266 -9.16 -5.43 54.83
CA ALA B 266 -7.79 -5.70 55.25
C ALA B 266 -6.75 -5.01 54.37
N LEU B 267 -7.12 -4.50 53.20
CA LEU B 267 -6.15 -4.08 52.19
C LEU B 267 -5.76 -2.62 52.40
N THR B 268 -5.10 -2.37 53.54
CA THR B 268 -4.75 -1.00 53.87
C THR B 268 -3.60 -0.46 53.01
N GLU B 269 -2.77 -1.33 52.44
CA GLU B 269 -1.68 -0.88 51.58
C GLU B 269 -2.02 -0.92 50.09
N LEU B 270 -3.27 -1.22 49.73
CA LEU B 270 -3.65 -1.37 48.34
C LEU B 270 -3.46 -0.05 47.60
N LYS B 271 -2.61 -0.05 46.55
CA LYS B 271 -2.51 1.13 45.69
C LYS B 271 -3.20 0.99 44.35
N VAL B 272 -3.45 -0.22 43.87
CA VAL B 272 -4.07 -0.43 42.56
C VAL B 272 -5.19 -1.47 42.69
N LEU B 273 -6.38 -1.12 42.23
CA LEU B 273 -7.51 -2.03 42.23
C LEU B 273 -8.07 -2.03 40.82
N ARG B 274 -8.11 -3.21 40.20
CA ARG B 274 -8.61 -3.33 38.84
C ARG B 274 -9.87 -4.18 38.82
N LEU B 275 -10.98 -3.58 38.41
CA LEU B 275 -12.30 -4.21 38.32
C LEU B 275 -12.90 -3.96 36.94
N HIS B 276 -12.10 -4.26 35.94
CA HIS B 276 -12.48 -4.09 34.54
C HIS B 276 -13.28 -5.29 34.08
N SER B 277 -14.41 -5.06 33.41
CA SER B 277 -15.19 -6.16 32.85
C SER B 277 -15.62 -7.17 33.94
N ASN B 278 -16.34 -6.63 34.93
CA ASN B 278 -16.97 -7.44 35.97
C ASN B 278 -18.48 -7.26 35.99
N SER B 279 -19.05 -6.52 35.02
CA SER B 279 -20.50 -6.32 34.92
C SER B 279 -21.07 -5.66 36.19
N LEU B 280 -20.28 -4.80 36.83
CA LEU B 280 -20.75 -4.10 38.01
C LEU B 280 -21.89 -3.16 37.65
N GLN B 281 -22.93 -3.12 38.50
CA GLN B 281 -24.01 -2.16 38.30
C GLN B 281 -24.01 -1.06 39.34
N HIS B 282 -23.31 -1.27 40.46
CA HIS B 282 -23.18 -0.31 41.54
C HIS B 282 -21.75 -0.39 42.05
N VAL B 283 -21.26 0.71 42.60
CA VAL B 283 -19.99 0.70 43.33
C VAL B 283 -20.25 1.15 44.75
N PRO B 284 -20.44 0.24 45.70
CA PRO B 284 -20.71 0.62 47.13
C PRO B 284 -19.58 1.48 47.70
N PRO B 285 -19.93 2.64 48.25
CA PRO B 285 -18.90 3.43 48.97
C PRO B 285 -18.20 2.64 50.07
N ARG B 286 -18.91 1.71 50.71
CA ARG B 286 -18.36 0.95 51.82
C ARG B 286 -17.11 0.17 51.42
N TRP B 287 -16.96 -0.17 50.14
CA TRP B 287 -15.78 -0.88 49.65
C TRP B 287 -14.50 -0.18 50.06
N PHE B 288 -14.50 1.15 50.04
CA PHE B 288 -13.27 1.92 50.17
C PHE B 288 -13.11 2.58 51.54
N LYS B 289 -13.81 2.09 52.58
CA LYS B 289 -13.80 2.77 53.87
C LYS B 289 -12.41 2.72 54.52
N ASN B 290 -11.70 1.61 54.37
CA ASN B 290 -10.38 1.45 54.99
C ASN B 290 -9.24 1.48 53.98
N ILE B 291 -9.50 1.88 52.75
CA ILE B 291 -8.42 2.07 51.78
C ILE B 291 -8.31 3.57 51.53
N ASN B 292 -7.33 4.21 52.16
CA ASN B 292 -7.10 5.62 51.95
C ASN B 292 -5.96 5.87 50.98
N ASN B 293 -5.16 4.85 50.68
CA ASN B 293 -3.95 5.00 49.90
C ASN B 293 -4.16 4.63 48.42
N LEU B 294 -5.38 4.25 48.01
CA LEU B 294 -5.61 3.80 46.65
C LEU B 294 -5.27 4.90 45.65
N GLN B 295 -4.47 4.54 44.64
CA GLN B 295 -4.06 5.49 43.61
C GLN B 295 -4.68 5.23 42.25
N GLU B 296 -4.95 3.97 41.91
CA GLU B 296 -5.39 3.59 40.57
C GLU B 296 -6.61 2.69 40.68
N LEU B 297 -7.70 3.11 40.04
CA LEU B 297 -8.96 2.38 40.07
C LEU B 297 -9.46 2.21 38.64
N ASP B 298 -9.61 0.97 38.19
CA ASP B 298 -10.11 0.68 36.85
C ASP B 298 -11.50 0.08 36.97
N LEU B 299 -12.51 0.82 36.49
CA LEU B 299 -13.89 0.37 36.52
C LEU B 299 -14.48 0.36 35.12
N SER B 300 -13.64 0.20 34.09
CA SER B 300 -14.11 0.21 32.71
C SER B 300 -14.79 -1.12 32.36
N GLN B 301 -15.65 -1.07 31.35
CA GLN B 301 -16.35 -2.25 30.86
C GLN B 301 -17.23 -2.85 31.96
N ASN B 302 -17.99 -1.99 32.63
CA ASN B 302 -19.03 -2.49 33.52
C ASN B 302 -20.36 -1.94 33.02
N PHE B 303 -21.35 -1.83 33.91
CA PHE B 303 -22.62 -1.20 33.55
C PHE B 303 -22.90 -0.06 34.53
N LEU B 304 -21.96 0.88 34.61
CA LEU B 304 -21.95 1.95 35.60
C LEU B 304 -22.45 3.28 35.05
N ALA B 305 -23.25 3.27 33.98
CA ALA B 305 -23.72 4.52 33.35
C ALA B 305 -24.50 5.39 34.35
N LYS B 306 -25.44 4.78 35.09
CA LYS B 306 -26.22 5.56 36.06
C LYS B 306 -25.39 5.90 37.29
N GLU B 307 -24.55 4.97 37.72
CA GLU B 307 -23.68 5.21 38.86
C GLU B 307 -22.78 6.42 38.63
N ILE B 308 -22.45 6.73 37.37
CA ILE B 308 -21.56 7.85 37.14
C ILE B 308 -22.20 9.18 37.56
N GLY B 309 -23.53 9.28 37.46
CA GLY B 309 -24.22 10.50 37.87
C GLY B 309 -24.40 10.62 39.37
N ASP B 310 -24.03 9.56 40.10
CA ASP B 310 -24.26 9.46 41.54
C ASP B 310 -22.93 9.27 42.26
N ALA B 311 -22.31 8.09 42.21
CA ALA B 311 -20.87 7.92 42.47
C ALA B 311 -20.44 8.38 43.86
N LYS B 312 -21.23 8.02 44.88
CA LYS B 312 -20.89 8.47 46.23
C LYS B 312 -19.55 7.94 46.70
N PHE B 313 -19.12 6.79 46.14
CA PHE B 313 -17.86 6.18 46.57
C PHE B 313 -16.66 7.08 46.34
N LEU B 314 -16.77 8.06 45.42
CA LEU B 314 -15.63 8.91 45.12
C LEU B 314 -15.19 9.74 46.32
N HIS B 315 -16.09 10.02 47.27
CA HIS B 315 -15.70 10.81 48.44
C HIS B 315 -14.67 10.11 49.31
N PHE B 316 -14.50 8.80 49.17
CA PHE B 316 -13.52 8.06 49.95
C PHE B 316 -12.19 7.91 49.24
N LEU B 317 -12.01 8.60 48.11
CA LEU B 317 -10.83 8.41 47.29
C LEU B 317 -10.04 9.70 47.07
N PRO B 318 -9.66 10.41 48.15
CA PRO B 318 -8.97 11.69 47.97
C PRO B 318 -7.53 11.54 47.49
N ASN B 319 -6.97 10.33 47.51
CA ASN B 319 -5.62 10.11 47.05
C ASN B 319 -5.56 9.46 45.66
N LEU B 320 -6.71 9.24 45.01
CA LEU B 320 -6.74 8.61 43.70
C LEU B 320 -6.04 9.45 42.63
N ILE B 321 -5.13 8.82 41.90
CA ILE B 321 -4.43 9.47 40.79
C ILE B 321 -5.14 9.20 39.45
N GLN B 322 -5.57 7.96 39.23
CA GLN B 322 -6.15 7.52 37.96
C GLN B 322 -7.51 6.90 38.20
N LEU B 323 -8.49 7.34 37.43
CA LEU B 323 -9.83 6.78 37.47
C LEU B 323 -10.25 6.44 36.04
N ASP B 324 -10.58 5.17 35.80
CA ASP B 324 -11.04 4.73 34.49
C ASP B 324 -12.48 4.24 34.60
N LEU B 325 -13.39 4.93 33.90
CA LEU B 325 -14.79 4.55 33.84
C LEU B 325 -15.24 4.31 32.40
N SER B 326 -14.31 3.91 31.54
CA SER B 326 -14.61 3.82 30.11
C SER B 326 -15.55 2.65 29.81
N PHE B 327 -16.33 2.82 28.77
CA PHE B 327 -17.24 1.78 28.27
C PHE B 327 -18.13 1.23 29.38
N ASN B 328 -18.92 2.13 29.96
CA ASN B 328 -19.97 1.74 30.88
C ASN B 328 -21.36 2.03 30.32
N PHE B 329 -21.48 2.37 29.05
CA PHE B 329 -22.77 2.81 28.52
C PHE B 329 -23.80 1.68 28.52
N GLU B 330 -25.06 2.07 28.67
CA GLU B 330 -26.15 1.13 28.58
C GLU B 330 -26.37 0.76 27.11
N LEU B 331 -26.45 -0.54 26.82
CA LEU B 331 -26.57 -0.97 25.45
C LEU B 331 -27.79 -0.37 24.78
N GLN B 332 -27.62 0.03 23.52
CA GLN B 332 -28.65 0.61 22.67
C GLN B 332 -29.15 1.98 23.16
N VAL B 333 -28.42 2.65 24.04
CA VAL B 333 -28.81 3.95 24.55
C VAL B 333 -27.81 5.00 24.10
N TYR B 334 -28.32 6.06 23.48
CA TYR B 334 -27.52 7.19 23.03
C TYR B 334 -27.93 8.43 23.84
N ARG B 335 -27.27 8.64 24.97
CA ARG B 335 -27.64 9.71 25.91
C ARG B 335 -27.56 11.09 25.27
N ALA B 336 -28.37 12.02 25.81
CA ALA B 336 -28.36 13.40 25.31
C ALA B 336 -27.09 14.14 25.73
N SER B 337 -26.59 13.86 26.92
CA SER B 337 -25.49 14.64 27.47
C SER B 337 -24.78 13.83 28.55
N MET B 338 -23.68 14.37 29.06
CA MET B 338 -22.91 13.69 30.09
C MET B 338 -23.28 14.24 31.46
N ASN B 339 -23.58 13.32 32.37
CA ASN B 339 -24.04 13.61 33.73
C ASN B 339 -22.96 13.09 34.68
N LEU B 340 -22.06 13.97 35.09
CA LEU B 340 -21.03 13.65 36.09
C LEU B 340 -21.52 14.09 37.47
N SER B 341 -21.53 13.16 38.42
CA SER B 341 -21.87 13.52 39.79
C SER B 341 -20.91 14.57 40.32
N GLN B 342 -21.43 15.44 41.21
CA GLN B 342 -20.58 16.44 41.85
C GLN B 342 -19.47 15.81 42.67
N ALA B 343 -19.65 14.55 43.08
CA ALA B 343 -18.65 13.86 43.89
C ALA B 343 -17.28 13.83 43.23
N PHE B 344 -17.23 13.96 41.89
CA PHE B 344 -15.94 14.04 41.21
C PHE B 344 -15.09 15.17 41.78
N SER B 345 -15.73 16.25 42.26
CA SER B 345 -14.98 17.39 42.78
C SER B 345 -14.27 17.08 44.08
N SER B 346 -14.55 15.93 44.70
CA SER B 346 -13.81 15.51 45.88
C SER B 346 -12.57 14.69 45.54
N LEU B 347 -12.24 14.52 44.26
CA LEU B 347 -11.08 13.74 43.82
C LEU B 347 -9.85 14.64 43.74
N LYS B 348 -9.44 15.13 44.91
CA LYS B 348 -8.44 16.15 45.00
C LYS B 348 -7.11 15.81 44.33
N SER B 349 -6.77 14.51 44.24
CA SER B 349 -5.47 14.11 43.72
C SER B 349 -5.47 13.66 42.26
N LEU B 350 -6.62 13.63 41.59
CA LEU B 350 -6.76 13.00 40.29
C LEU B 350 -5.90 13.67 39.22
N LYS B 351 -5.02 12.89 38.57
CA LYS B 351 -4.31 13.39 37.40
C LYS B 351 -4.89 12.89 36.08
N ILE B 352 -5.47 11.69 36.04
CA ILE B 352 -5.92 11.08 34.80
C ILE B 352 -7.37 10.64 34.96
N LEU B 353 -8.25 11.15 34.11
CA LEU B 353 -9.66 10.75 34.10
C LEU B 353 -10.00 10.25 32.71
N ARG B 354 -10.44 9.00 32.59
CA ARG B 354 -10.80 8.41 31.31
C ARG B 354 -12.25 7.96 31.37
N ILE B 355 -13.07 8.51 30.46
CA ILE B 355 -14.47 8.10 30.33
C ILE B 355 -14.81 7.95 28.85
N ARG B 356 -14.14 7.03 28.18
CA ARG B 356 -14.57 6.68 26.83
C ARG B 356 -15.86 5.86 26.89
N GLY B 357 -16.53 5.76 25.75
CA GLY B 357 -17.66 4.86 25.67
C GLY B 357 -18.76 5.15 26.67
N TYR B 358 -18.96 6.42 27.00
CA TYR B 358 -20.16 6.86 27.71
C TYR B 358 -21.30 7.06 26.72
N VAL B 359 -20.99 7.55 25.51
CA VAL B 359 -21.90 7.52 24.36
C VAL B 359 -23.02 8.54 24.55
N PHE B 360 -22.80 9.76 24.09
CA PHE B 360 -23.76 10.85 24.28
C PHE B 360 -23.60 11.87 23.17
N LYS B 361 -24.67 12.65 22.92
CA LYS B 361 -24.73 13.48 21.73
C LYS B 361 -24.00 14.82 21.91
N GLU B 362 -24.14 15.45 23.06
CA GLU B 362 -23.74 16.84 23.21
C GLU B 362 -23.03 17.06 24.53
N LEU B 363 -21.83 17.60 24.43
CA LEU B 363 -21.03 17.98 25.58
C LEU B 363 -21.14 19.50 25.73
N LYS B 364 -21.46 19.95 26.95
CA LYS B 364 -21.59 21.37 27.24
C LYS B 364 -20.73 21.65 28.47
N SER B 365 -20.21 22.88 28.54
CA SER B 365 -19.20 23.20 29.54
C SER B 365 -19.68 22.91 30.95
N PHE B 366 -20.97 23.14 31.23
CA PHE B 366 -21.41 22.97 32.61
C PHE B 366 -21.31 21.51 33.05
N GLN B 367 -21.33 20.57 32.10
CA GLN B 367 -21.23 19.15 32.46
C GLN B 367 -19.87 18.81 33.05
N LEU B 368 -18.83 19.62 32.78
CA LEU B 368 -17.49 19.39 33.30
C LEU B 368 -17.15 20.23 34.55
N SER B 369 -18.11 20.97 35.09
CA SER B 369 -17.83 21.78 36.27
C SER B 369 -17.35 20.97 37.48
N PRO B 370 -17.85 19.74 37.77
CA PRO B 370 -17.28 18.98 38.89
C PRO B 370 -15.78 18.79 38.84
N LEU B 371 -15.18 18.96 37.66
CA LEU B 371 -13.74 18.83 37.51
C LEU B 371 -13.01 20.17 37.59
N HIS B 372 -13.75 21.29 37.69
CA HIS B 372 -13.15 22.61 37.47
C HIS B 372 -12.03 22.90 38.46
N ASN B 373 -12.17 22.42 39.69
CA ASN B 373 -11.21 22.74 40.75
C ASN B 373 -10.37 21.54 41.15
N LEU B 374 -10.25 20.54 40.27
CA LEU B 374 -9.25 19.47 40.45
C LEU B 374 -7.92 19.98 39.90
N GLN B 375 -7.02 20.33 40.81
CA GLN B 375 -5.83 21.10 40.44
C GLN B 375 -4.72 20.25 39.85
N ASN B 376 -4.73 18.94 40.08
CA ASN B 376 -3.67 18.10 39.53
C ASN B 376 -4.05 17.44 38.22
N LEU B 377 -5.26 17.72 37.70
CA LEU B 377 -5.77 16.99 36.54
C LEU B 377 -4.94 17.28 35.29
N GLU B 378 -4.32 16.24 34.74
CA GLU B 378 -3.43 16.37 33.57
C GLU B 378 -4.00 15.78 32.27
N VAL B 379 -4.83 14.74 32.34
CA VAL B 379 -5.37 14.07 31.17
C VAL B 379 -6.87 13.92 31.36
N LEU B 380 -7.65 14.42 30.39
CA LEU B 380 -9.09 14.17 30.33
C LEU B 380 -9.41 13.50 29.01
N ASP B 381 -9.82 12.24 29.07
CA ASP B 381 -10.04 11.41 27.89
C ASP B 381 -11.52 11.13 27.73
N LEU B 382 -12.13 11.77 26.73
CA LEU B 382 -13.52 11.53 26.36
C LEU B 382 -13.64 10.95 24.95
N GLY B 383 -12.68 10.13 24.52
CA GLY B 383 -12.75 9.53 23.21
C GLY B 383 -13.86 8.50 23.08
N THR B 384 -14.19 8.17 21.83
CA THR B 384 -15.14 7.11 21.47
C THR B 384 -16.46 7.27 22.23
N ASN B 385 -17.06 8.44 22.06
CA ASN B 385 -18.32 8.77 22.72
C ASN B 385 -19.39 9.20 21.72
N PHE B 386 -19.06 9.26 20.41
CA PHE B 386 -20.00 9.70 19.37
C PHE B 386 -20.61 11.08 19.68
N ILE B 387 -19.82 11.94 20.32
CA ILE B 387 -20.26 13.31 20.55
C ILE B 387 -20.46 14.01 19.21
N LYS B 388 -21.63 14.62 19.01
CA LYS B 388 -21.87 15.38 17.79
C LYS B 388 -21.60 16.87 17.95
N ILE B 389 -21.75 17.41 19.16
CA ILE B 389 -21.64 18.85 19.39
C ILE B 389 -20.77 19.10 20.62
N ALA B 390 -19.78 19.97 20.46
CA ALA B 390 -18.95 20.41 21.58
C ALA B 390 -18.36 21.75 21.20
N ASN B 391 -18.65 22.78 22.00
CA ASN B 391 -18.04 24.09 21.83
C ASN B 391 -16.64 24.05 22.43
N LEU B 392 -15.62 24.01 21.58
CA LEU B 392 -14.24 23.82 22.04
C LEU B 392 -13.74 24.94 22.99
N SER B 393 -14.38 26.12 22.99
CA SER B 393 -13.93 27.25 23.83
C SER B 393 -13.99 26.88 25.31
N MET B 394 -14.86 25.92 25.61
CA MET B 394 -15.12 25.23 26.87
C MET B 394 -13.83 24.89 27.58
N PHE B 395 -12.79 24.51 26.83
CA PHE B 395 -11.53 24.05 27.44
C PHE B 395 -10.60 25.19 27.84
N LYS B 396 -11.05 26.44 27.73
CA LYS B 396 -10.31 27.56 28.35
C LYS B 396 -10.21 27.39 29.87
N GLN B 397 -11.15 26.68 30.47
CA GLN B 397 -11.11 26.39 31.90
C GLN B 397 -10.25 25.18 32.22
N PHE B 398 -9.45 24.69 31.26
CA PHE B 398 -8.62 23.52 31.48
C PHE B 398 -7.21 23.73 30.96
N LYS B 399 -6.71 24.97 31.03
CA LYS B 399 -5.38 25.26 30.52
C LYS B 399 -4.31 24.43 31.20
N ARG B 400 -4.54 24.01 32.44
CA ARG B 400 -3.50 23.28 33.16
C ARG B 400 -3.30 21.87 32.64
N LEU B 401 -4.30 21.31 31.95
CA LEU B 401 -4.20 19.94 31.47
C LEU B 401 -3.11 19.80 30.42
N LYS B 402 -2.52 18.60 30.35
CA LYS B 402 -1.52 18.29 29.34
C LYS B 402 -2.15 17.74 28.06
N VAL B 403 -3.20 16.93 28.20
CA VAL B 403 -3.86 16.27 27.08
C VAL B 403 -5.37 16.33 27.30
N ILE B 404 -6.09 16.90 26.33
CA ILE B 404 -7.53 16.81 26.26
C ILE B 404 -7.86 15.92 25.06
N ASP B 405 -8.48 14.76 25.33
CA ASP B 405 -8.61 13.72 24.31
C ASP B 405 -10.08 13.59 23.91
N LEU B 406 -10.40 14.07 22.70
CA LEU B 406 -11.72 13.86 22.08
C LEU B 406 -11.63 12.97 20.84
N SER B 407 -10.59 12.14 20.74
CA SER B 407 -10.39 11.30 19.58
C SER B 407 -11.57 10.35 19.32
N VAL B 408 -11.89 10.14 18.04
CA VAL B 408 -12.93 9.20 17.63
C VAL B 408 -14.29 9.67 18.16
N ASN B 409 -14.79 10.75 17.61
CA ASN B 409 -16.13 11.23 17.92
C ASN B 409 -16.75 11.68 16.59
N LYS B 410 -17.94 12.29 16.66
CA LYS B 410 -18.62 12.79 15.48
C LYS B 410 -18.73 14.31 15.49
N ILE B 411 -17.76 14.99 16.07
CA ILE B 411 -17.85 16.43 16.22
C ILE B 411 -17.78 17.12 14.86
N SER B 412 -18.65 18.10 14.65
CA SER B 412 -18.72 18.90 13.43
C SER B 412 -19.43 20.20 13.79
N PRO B 413 -19.12 21.31 13.11
CA PRO B 413 -19.91 22.53 13.40
C PRO B 413 -21.26 22.49 12.68
N VAL B 437 -0.07 7.29 25.16
CA VAL B 437 -0.92 6.76 24.09
C VAL B 437 -1.24 5.25 24.27
N LEU B 438 -2.53 4.94 24.43
CA LEU B 438 -2.98 3.57 24.66
C LEU B 438 -3.02 2.82 23.33
N GLU B 439 -2.72 1.52 23.40
CA GLU B 439 -2.79 0.69 22.20
C GLU B 439 -4.18 0.77 21.59
N GLN B 440 -4.27 0.43 20.29
CA GLN B 440 -5.47 0.62 19.50
C GLN B 440 -6.57 -0.37 19.91
N LEU B 441 -6.15 -1.55 20.34
CA LEU B 441 -6.97 -2.49 21.09
C LEU B 441 -6.46 -2.37 22.52
N TYR B 442 -7.34 -1.93 23.41
CA TYR B 442 -6.93 -1.58 24.77
C TYR B 442 -8.08 -1.95 25.70
N TYR B 443 -9.25 -1.37 25.46
CA TYR B 443 -10.40 -1.64 26.29
C TYR B 443 -11.09 -2.94 25.91
N PHE B 444 -10.90 -3.43 24.70
CA PHE B 444 -11.63 -4.61 24.28
C PHE B 444 -10.78 -5.88 24.20
N ARG B 445 -9.45 -5.78 24.21
CA ARG B 445 -8.68 -7.00 24.07
C ARG B 445 -8.73 -7.83 25.37
N TYR B 446 -8.48 -9.12 25.21
CA TYR B 446 -8.67 -10.07 26.30
C TYR B 446 -7.71 -9.81 27.45
N ASP B 447 -6.42 -9.67 27.13
CA ASP B 447 -5.36 -9.52 28.12
C ASP B 447 -4.29 -8.58 27.57
N LYS B 448 -4.41 -7.28 27.90
CA LYS B 448 -3.46 -6.28 27.40
C LYS B 448 -2.04 -6.58 27.84
N TYR B 449 -1.88 -7.34 28.94
CA TYR B 449 -0.59 -7.62 29.55
C TYR B 449 -0.03 -8.98 29.14
N ALA B 450 -0.65 -9.65 28.18
CA ALA B 450 -0.12 -10.93 27.74
C ALA B 450 1.31 -10.74 27.23
N ARG B 451 2.20 -11.61 27.69
CA ARG B 451 3.61 -11.53 27.35
C ARG B 451 3.86 -12.37 26.10
N SER B 452 4.67 -11.87 25.20
CA SER B 452 4.96 -12.60 23.98
C SER B 452 6.29 -13.33 24.08
N CYS B 453 6.45 -14.33 23.22
CA CYS B 453 7.72 -15.04 23.08
C CYS B 453 8.80 -14.10 22.52
N SER B 468 4.42 11.36 18.26
CA SER B 468 3.49 11.98 19.21
C SER B 468 3.90 13.41 19.61
N CYS B 469 2.90 14.24 19.82
CA CYS B 469 3.11 15.67 20.04
C CYS B 469 2.92 16.10 21.49
N TYR B 470 2.61 15.16 22.40
CA TYR B 470 2.34 15.53 23.79
C TYR B 470 3.49 16.34 24.41
N LYS B 471 4.74 15.93 24.21
CA LYS B 471 5.80 16.73 24.84
C LYS B 471 5.81 18.22 24.46
N TYR B 472 5.12 18.63 23.40
CA TYR B 472 5.20 20.04 23.10
C TYR B 472 4.36 20.90 24.05
N GLY B 473 3.51 20.30 24.88
CA GLY B 473 2.68 21.06 25.79
C GLY B 473 1.21 20.70 25.64
N GLN B 474 0.33 21.65 25.97
CA GLN B 474 -1.10 21.41 25.96
C GLN B 474 -1.56 20.88 24.60
N THR B 475 -2.27 19.76 24.62
CA THR B 475 -2.69 19.05 23.41
C THR B 475 -4.21 18.94 23.39
N LEU B 476 -4.81 19.44 22.31
CA LEU B 476 -6.22 19.19 22.05
C LEU B 476 -6.27 18.17 20.90
N ASP B 477 -6.78 16.97 21.20
CA ASP B 477 -6.80 15.86 20.25
C ASP B 477 -8.20 15.72 19.69
N LEU B 478 -8.41 16.23 18.48
CA LEU B 478 -9.68 16.10 17.78
C LEU B 478 -9.59 15.10 16.62
N SER B 479 -8.60 14.22 16.63
CA SER B 479 -8.41 13.33 15.49
C SER B 479 -9.61 12.40 15.35
N LYS B 480 -9.88 12.00 14.11
CA LYS B 480 -10.94 11.05 13.82
C LYS B 480 -12.29 11.57 14.28
N ASN B 481 -12.60 12.79 13.84
CA ASN B 481 -13.92 13.36 14.03
C ASN B 481 -14.53 13.67 12.66
N SER B 482 -15.63 14.42 12.65
CA SER B 482 -16.32 14.75 11.40
C SER B 482 -16.24 16.23 11.06
N ILE B 483 -15.13 16.88 11.41
CA ILE B 483 -15.00 18.32 11.15
C ILE B 483 -14.78 18.51 9.64
N PHE B 484 -15.75 19.10 8.95
CA PHE B 484 -15.60 19.41 7.54
C PHE B 484 -15.12 20.83 7.26
N PHE B 485 -15.37 21.79 8.13
CA PHE B 485 -15.03 23.19 7.86
C PHE B 485 -14.55 23.82 9.16
N ILE B 486 -13.49 24.61 9.09
CA ILE B 486 -12.98 25.30 10.27
C ILE B 486 -12.96 26.81 10.00
N LYS B 487 -13.12 27.57 11.07
CA LYS B 487 -13.01 29.02 11.06
C LYS B 487 -12.39 29.47 12.38
N SER B 488 -11.90 30.72 12.40
CA SER B 488 -11.17 31.21 13.57
C SER B 488 -11.98 31.09 14.85
N SER B 489 -13.28 31.39 14.82
CA SER B 489 -14.03 31.38 16.06
C SER B 489 -14.07 30.00 16.70
N ASP B 490 -13.87 28.94 15.92
CA ASP B 490 -13.85 27.58 16.47
C ASP B 490 -12.77 27.41 17.53
N PHE B 491 -11.71 28.21 17.49
CA PHE B 491 -10.61 28.11 18.45
C PHE B 491 -10.52 29.33 19.37
N GLN B 492 -11.59 30.11 19.47
CA GLN B 492 -11.58 31.27 20.36
C GLN B 492 -11.33 30.82 21.80
N HIS B 493 -10.41 31.50 22.47
CA HIS B 493 -9.99 31.28 23.86
C HIS B 493 -9.10 30.07 24.02
N LEU B 494 -8.60 29.48 22.93
CA LEU B 494 -7.70 28.33 23.00
C LEU B 494 -6.26 28.71 22.63
N SER B 495 -5.87 29.96 22.84
CA SER B 495 -4.55 30.42 22.43
C SER B 495 -3.44 29.70 23.16
N PHE B 496 -3.75 29.06 24.29
CA PHE B 496 -2.74 28.38 25.09
C PHE B 496 -2.28 27.06 24.48
N LEU B 497 -2.96 26.57 23.43
CA LEU B 497 -2.69 25.25 22.88
C LEU B 497 -1.31 25.17 22.24
N LYS B 498 -0.59 24.09 22.52
CA LYS B 498 0.70 23.83 21.91
C LYS B 498 0.65 22.80 20.78
N CYS B 499 -0.28 21.85 20.85
CA CYS B 499 -0.43 20.85 19.81
C CYS B 499 -1.91 20.70 19.52
N LEU B 500 -2.27 20.73 18.25
CA LEU B 500 -3.64 20.49 17.80
C LEU B 500 -3.63 19.30 16.86
N ASN B 501 -4.42 18.27 17.18
CA ASN B 501 -4.49 17.07 16.34
C ASN B 501 -5.82 17.06 15.58
N LEU B 502 -5.77 17.42 14.30
CA LEU B 502 -6.95 17.38 13.44
C LEU B 502 -6.93 16.21 12.47
N SER B 503 -6.05 15.22 12.69
CA SER B 503 -5.90 14.10 11.76
C SER B 503 -7.21 13.35 11.56
N GLY B 504 -7.45 12.92 10.34
CA GLY B 504 -8.61 12.08 10.10
C GLY B 504 -9.93 12.80 10.24
N ASN B 505 -10.00 14.07 9.89
CA ASN B 505 -11.29 14.70 9.80
C ASN B 505 -11.67 14.79 8.33
N LEU B 506 -12.60 15.68 7.99
CA LEU B 506 -13.11 15.76 6.63
C LEU B 506 -12.83 17.13 6.04
N ILE B 507 -11.70 17.73 6.42
CA ILE B 507 -11.44 19.13 6.12
C ILE B 507 -11.01 19.23 4.67
N SER B 508 -11.85 19.85 3.84
CA SER B 508 -11.70 19.87 2.40
C SER B 508 -11.84 21.33 1.94
N GLN B 509 -10.82 22.12 2.21
CA GLN B 509 -10.98 23.57 2.30
C GLN B 509 -9.71 24.25 1.80
N THR B 510 -9.87 25.38 1.11
CA THR B 510 -8.71 26.21 0.80
C THR B 510 -8.40 27.09 2.01
N LEU B 511 -7.31 26.78 2.72
CA LEU B 511 -6.86 27.62 3.81
C LEU B 511 -6.12 28.84 3.25
N ASN B 512 -6.39 30.01 3.83
CA ASN B 512 -5.76 31.23 3.38
C ASN B 512 -5.06 32.00 4.49
N GLY B 513 -4.83 31.39 5.64
CA GLY B 513 -4.17 32.05 6.74
C GLY B 513 -5.10 32.64 7.78
N SER B 514 -6.42 32.44 7.65
CA SER B 514 -7.36 33.02 8.59
C SER B 514 -8.00 32.02 9.54
N GLU B 515 -7.86 30.71 9.30
CA GLU B 515 -8.65 29.72 10.03
C GLU B 515 -8.12 29.44 11.43
N PHE B 516 -6.84 29.68 11.69
CA PHE B 516 -6.25 29.31 12.96
C PHE B 516 -5.79 30.55 13.75
N GLN B 517 -6.45 31.69 13.54
CA GLN B 517 -5.90 32.94 14.06
C GLN B 517 -5.65 32.90 15.57
N PRO B 518 -6.55 32.40 16.42
CA PRO B 518 -6.30 32.44 17.87
C PRO B 518 -5.15 31.56 18.33
N LEU B 519 -4.67 30.61 17.53
CA LEU B 519 -3.75 29.58 18.03
C LEU B 519 -2.31 30.11 18.03
N ALA B 520 -2.12 31.19 18.78
CA ALA B 520 -0.89 31.96 18.68
C ALA B 520 0.31 31.23 19.29
N GLU B 521 0.07 30.19 20.09
CA GLU B 521 1.16 29.47 20.72
C GLU B 521 1.41 28.09 20.10
N LEU B 522 0.59 27.67 19.14
CA LEU B 522 0.65 26.32 18.59
C LEU B 522 2.03 26.02 18.01
N ARG B 523 2.66 24.94 18.48
CA ARG B 523 3.93 24.48 17.95
C ARG B 523 3.80 23.29 17.00
N TYR B 524 2.74 22.50 17.12
CA TYR B 524 2.58 21.26 16.39
C TYR B 524 1.15 21.19 15.87
N LEU B 525 0.99 21.11 14.55
CA LEU B 525 -0.31 20.87 13.95
C LEU B 525 -0.24 19.56 13.17
N ASP B 526 -1.08 18.59 13.55
CA ASP B 526 -1.25 17.36 12.77
C ASP B 526 -2.51 17.54 11.94
N PHE B 527 -2.33 17.76 10.65
CA PHE B 527 -3.43 17.94 9.70
C PHE B 527 -3.56 16.76 8.74
N SER B 528 -2.96 15.61 9.07
CA SER B 528 -2.91 14.48 8.15
C SER B 528 -4.28 13.83 8.00
N ASN B 529 -4.49 13.16 6.85
CA ASN B 529 -5.75 12.48 6.52
C ASN B 529 -6.93 13.43 6.54
N ASN B 530 -6.77 14.55 5.84
CA ASN B 530 -7.87 15.45 5.54
C ASN B 530 -7.84 15.60 4.02
N ARG B 531 -8.41 16.69 3.51
CA ARG B 531 -8.36 16.98 2.09
C ARG B 531 -7.90 18.42 1.88
N LEU B 532 -6.72 18.72 2.38
CA LEU B 532 -6.16 20.05 2.19
C LEU B 532 -6.15 20.43 0.71
N ASP B 533 -6.62 21.64 0.41
CA ASP B 533 -6.53 22.24 -0.92
C ASP B 533 -5.59 23.44 -0.82
N LEU B 534 -4.36 23.26 -1.28
CA LEU B 534 -3.33 24.29 -1.23
C LEU B 534 -3.45 25.27 -2.40
N LEU B 535 -4.61 25.89 -2.52
CA LEU B 535 -4.77 26.92 -3.54
C LEU B 535 -3.92 28.16 -3.22
N HIS B 536 -3.80 28.48 -1.94
CA HIS B 536 -3.16 29.72 -1.50
C HIS B 536 -1.84 29.40 -0.86
N SER B 537 -0.81 30.16 -1.21
CA SER B 537 0.48 30.04 -0.53
C SER B 537 0.48 30.67 0.86
N THR B 538 -0.64 31.27 1.29
CA THR B 538 -0.75 31.82 2.63
C THR B 538 -1.33 30.81 3.62
N ALA B 539 -1.60 29.58 3.19
CA ALA B 539 -2.11 28.56 4.10
C ALA B 539 -1.20 28.42 5.31
N PHE B 540 -1.81 28.35 6.50
CA PHE B 540 -1.12 28.11 7.78
C PHE B 540 -0.26 29.27 8.27
N GLU B 541 -0.15 30.38 7.52
CA GLU B 541 0.84 31.40 7.89
C GLU B 541 0.53 32.06 9.24
N GLU B 542 -0.74 32.08 9.66
CA GLU B 542 -1.08 32.66 10.95
C GLU B 542 -0.55 31.85 12.12
N LEU B 543 -0.05 30.64 11.90
CA LEU B 543 0.51 29.85 13.00
C LEU B 543 1.99 30.18 13.14
N ARG B 544 2.24 31.38 13.67
CA ARG B 544 3.57 31.97 13.58
C ARG B 544 4.57 31.30 14.49
N LYS B 545 4.12 30.49 15.45
CA LYS B 545 5.03 29.69 16.28
C LYS B 545 5.02 28.19 15.92
N LEU B 546 4.52 27.83 14.73
CA LEU B 546 4.47 26.43 14.30
C LEU B 546 5.87 25.89 14.01
N GLU B 547 6.22 24.76 14.65
CA GLU B 547 7.48 24.07 14.43
C GLU B 547 7.34 22.78 13.61
N VAL B 548 6.21 22.07 13.74
CA VAL B 548 5.99 20.80 13.05
C VAL B 548 4.64 20.87 12.36
N LEU B 549 4.61 20.59 11.07
CA LEU B 549 3.35 20.53 10.33
C LEU B 549 3.28 19.20 9.60
N ASP B 550 2.19 18.48 9.82
CA ASP B 550 1.95 17.21 9.14
C ASP B 550 0.76 17.40 8.22
N ILE B 551 1.01 17.39 6.90
CA ILE B 551 -0.09 17.42 5.94
C ILE B 551 -0.05 16.15 5.10
N SER B 552 0.44 15.06 5.68
CA SER B 552 0.49 13.77 4.98
C SER B 552 -0.92 13.24 4.71
N SER B 553 -1.03 12.37 3.72
CA SER B 553 -2.29 11.71 3.38
C SER B 553 -3.40 12.74 3.17
N ASN B 554 -3.08 13.83 2.48
CA ASN B 554 -4.07 14.77 1.98
C ASN B 554 -4.04 14.72 0.45
N SER B 555 -4.12 13.51 -0.11
CA SER B 555 -3.87 13.35 -1.54
C SER B 555 -5.06 13.73 -2.40
N HIS B 556 -6.24 13.96 -1.82
CA HIS B 556 -7.46 14.06 -2.61
C HIS B 556 -7.30 15.05 -3.76
N TYR B 557 -7.02 16.32 -3.45
CA TYR B 557 -6.95 17.33 -4.51
C TYR B 557 -5.68 17.21 -5.34
N PHE B 558 -4.70 16.43 -4.90
CA PHE B 558 -3.54 16.21 -5.73
C PHE B 558 -3.75 15.18 -6.80
N GLN B 559 -4.89 14.50 -6.79
CA GLN B 559 -5.11 13.39 -7.70
C GLN B 559 -5.82 13.77 -8.99
N SER B 560 -6.30 14.99 -9.14
CA SER B 560 -7.06 15.37 -10.31
C SER B 560 -6.35 16.48 -11.06
N GLU B 561 -6.31 16.36 -12.38
CA GLU B 561 -5.58 17.30 -13.21
C GLU B 561 -6.23 18.68 -13.20
N GLY B 562 -5.39 19.70 -13.40
CA GLY B 562 -5.85 21.05 -13.58
C GLY B 562 -6.09 21.83 -12.32
N ILE B 563 -5.76 21.28 -11.17
CA ILE B 563 -5.96 21.96 -9.89
C ILE B 563 -4.65 22.64 -9.46
N THR B 564 -4.75 23.88 -9.01
CA THR B 564 -3.58 24.65 -8.62
C THR B 564 -3.10 24.22 -7.24
N HIS B 565 -1.79 24.06 -7.10
CA HIS B 565 -1.17 23.68 -5.84
C HIS B 565 0.00 24.64 -5.60
N MET B 566 -0.01 25.33 -4.47
CA MET B 566 1.07 26.24 -4.12
C MET B 566 1.99 25.55 -3.11
N LEU B 567 2.98 24.80 -3.60
CA LEU B 567 3.88 24.16 -2.65
C LEU B 567 4.87 25.14 -2.03
N ASN B 568 4.92 26.39 -2.49
CA ASN B 568 5.79 27.38 -1.89
C ASN B 568 5.17 28.05 -0.67
N PHE B 569 4.12 27.44 -0.09
CA PHE B 569 3.47 27.98 1.09
C PHE B 569 4.37 28.01 2.33
N THR B 570 5.56 27.42 2.25
CA THR B 570 6.43 27.36 3.41
C THR B 570 7.14 28.68 3.71
N LYS B 571 7.27 29.58 2.72
CA LYS B 571 8.07 30.78 2.95
C LYS B 571 7.57 31.57 4.14
N ASN B 572 6.26 31.59 4.36
CA ASN B 572 5.68 32.43 5.41
C ASN B 572 5.80 31.83 6.81
N LEU B 573 6.26 30.58 6.96
CA LEU B 573 6.35 29.90 8.25
C LEU B 573 7.79 29.99 8.76
N LYS B 574 8.04 30.95 9.66
CA LYS B 574 9.39 31.41 9.98
C LYS B 574 10.09 30.59 11.05
N VAL B 575 9.36 29.77 11.83
CA VAL B 575 10.01 28.87 12.78
C VAL B 575 9.71 27.41 12.48
N LEU B 576 9.18 27.10 11.28
CA LEU B 576 8.85 25.71 10.93
C LEU B 576 10.13 24.88 10.83
N GLN B 577 10.20 23.78 11.60
CA GLN B 577 11.37 22.91 11.62
C GLN B 577 11.19 21.61 10.85
N LYS B 578 9.98 21.07 10.82
CA LYS B 578 9.71 19.76 10.24
C LYS B 578 8.40 19.82 9.49
N LEU B 579 8.41 19.38 8.23
CA LEU B 579 7.20 19.34 7.40
C LEU B 579 7.02 17.92 6.88
N MET B 580 5.84 17.34 7.11
CA MET B 580 5.52 16.01 6.58
C MET B 580 4.44 16.15 5.53
N MET B 581 4.75 15.77 4.29
CA MET B 581 3.72 15.72 3.26
C MET B 581 3.83 14.40 2.51
N ASN B 582 3.79 13.31 3.26
CA ASN B 582 3.87 11.97 2.72
C ASN B 582 2.56 11.54 2.10
N ASP B 583 2.64 10.69 1.09
CA ASP B 583 1.47 10.00 0.54
C ASP B 583 0.43 11.02 0.07
N ASN B 584 0.90 12.07 -0.60
CA ASN B 584 -0.03 13.04 -1.12
C ASN B 584 -0.23 12.88 -2.62
N ASP B 585 0.50 11.96 -3.25
CA ASP B 585 0.40 11.71 -4.68
C ASP B 585 0.75 12.97 -5.49
N ILE B 586 1.64 13.79 -4.98
CA ILE B 586 1.93 15.07 -5.61
C ILE B 586 2.69 14.82 -6.91
N SER B 587 2.09 15.21 -8.02
CA SER B 587 2.73 14.99 -9.30
C SER B 587 2.78 16.27 -10.11
N SER B 588 2.36 17.38 -9.53
CA SER B 588 2.31 18.65 -10.24
C SER B 588 2.33 19.76 -9.19
N SER B 589 2.83 20.91 -9.59
CA SER B 589 2.88 22.05 -8.68
C SER B 589 2.83 23.33 -9.51
N THR B 590 2.04 24.29 -9.05
CA THR B 590 2.03 25.58 -9.73
C THR B 590 3.33 26.36 -9.45
N SER B 591 3.81 26.35 -8.20
CA SER B 591 5.12 26.93 -7.92
C SER B 591 6.25 25.94 -8.17
N ARG B 592 7.40 26.45 -8.59
CA ARG B 592 8.53 25.62 -8.96
C ARG B 592 9.58 25.48 -7.87
N THR B 593 9.46 26.22 -6.78
CA THR B 593 10.41 26.13 -5.69
C THR B 593 9.67 26.15 -4.35
N MET B 594 10.13 25.33 -3.42
CA MET B 594 9.74 25.45 -2.03
C MET B 594 10.81 26.27 -1.31
N GLU B 595 10.37 27.17 -0.42
CA GLU B 595 11.27 28.12 0.20
C GLU B 595 11.11 28.08 1.70
N SER B 596 12.23 28.07 2.41
CA SER B 596 12.24 28.18 3.85
C SER B 596 13.66 28.36 4.30
N GLU B 597 13.86 29.25 5.25
CA GLU B 597 15.14 29.42 5.91
C GLU B 597 15.19 28.78 7.29
N SER B 598 14.09 28.13 7.71
CA SER B 598 14.04 27.45 9.00
C SER B 598 13.93 25.94 8.88
N LEU B 599 13.29 25.42 7.83
CA LEU B 599 12.94 24.01 7.77
C LEU B 599 14.19 23.13 7.80
N ARG B 600 14.21 22.15 8.71
CA ARG B 600 15.36 21.25 8.80
C ARG B 600 15.05 19.84 8.31
N THR B 601 13.79 19.43 8.33
CA THR B 601 13.37 18.07 7.97
C THR B 601 12.16 18.13 7.06
N LEU B 602 12.27 17.52 5.89
CA LEU B 602 11.15 17.39 4.96
C LEU B 602 10.93 15.92 4.62
N GLU B 603 9.74 15.42 4.93
CA GLU B 603 9.27 14.10 4.50
C GLU B 603 8.33 14.28 3.31
N PHE B 604 8.72 13.69 2.19
CA PHE B 604 8.06 13.83 0.89
C PHE B 604 7.82 12.46 0.28
N ARG B 605 7.56 11.48 1.14
CA ARG B 605 7.51 10.08 0.75
C ARG B 605 6.15 9.77 0.11
N GLY B 606 6.15 8.89 -0.88
CA GLY B 606 4.87 8.51 -1.46
C GLY B 606 4.26 9.58 -2.35
N ASN B 607 5.08 10.24 -3.16
CA ASN B 607 4.60 11.22 -4.13
C ASN B 607 5.09 10.79 -5.50
N HIS B 608 5.00 11.69 -6.48
CA HIS B 608 5.33 11.36 -7.86
C HIS B 608 6.34 12.33 -8.43
N LEU B 609 7.48 12.45 -7.75
CA LEU B 609 8.60 13.21 -8.29
C LEU B 609 9.06 12.64 -9.62
N ASP B 610 8.79 11.37 -9.89
CA ASP B 610 9.11 10.86 -11.21
C ASP B 610 8.37 11.63 -12.29
N VAL B 611 7.12 12.04 -12.00
CA VAL B 611 6.36 12.84 -12.96
C VAL B 611 6.84 14.29 -12.96
N LEU B 612 7.01 14.89 -11.77
CA LEU B 612 7.54 16.25 -11.69
C LEU B 612 8.88 16.41 -12.40
N TRP B 613 9.75 15.40 -12.30
CA TRP B 613 11.07 15.43 -12.90
C TRP B 613 11.14 14.64 -14.20
N ARG B 614 10.01 14.53 -14.90
CA ARG B 614 9.94 13.88 -16.21
C ARG B 614 11.14 14.30 -17.04
N ASP B 615 11.80 13.33 -17.66
CA ASP B 615 13.03 13.63 -18.38
C ASP B 615 12.74 14.56 -19.55
N GLY B 616 13.50 15.67 -19.60
CA GLY B 616 13.26 16.76 -20.52
C GLY B 616 12.58 17.98 -19.93
N ASP B 617 12.00 17.85 -18.73
CA ASP B 617 11.36 18.97 -18.03
C ASP B 617 12.30 19.41 -16.92
N ASN B 618 12.93 20.56 -17.07
CA ASN B 618 13.89 21.06 -16.10
C ASN B 618 13.26 21.93 -15.03
N ARG B 619 11.93 22.18 -15.10
CA ARG B 619 11.34 23.28 -14.33
C ARG B 619 11.36 23.03 -12.82
N TYR B 620 11.32 21.77 -12.38
CA TYR B 620 11.19 21.48 -10.96
C TYR B 620 12.46 20.89 -10.35
N LEU B 621 13.57 20.87 -11.10
CA LEU B 621 14.80 20.28 -10.58
C LEU B 621 15.39 21.05 -9.38
N GLN B 622 14.83 22.20 -9.00
CA GLN B 622 15.29 22.93 -7.82
C GLN B 622 14.19 23.07 -6.78
N LEU B 623 13.21 22.16 -6.81
CA LEU B 623 12.09 22.22 -5.89
C LEU B 623 12.54 22.42 -4.44
N PHE B 624 13.63 21.76 -4.03
CA PHE B 624 14.09 21.80 -2.65
C PHE B 624 15.31 22.68 -2.43
N LYS B 625 15.87 23.27 -3.50
CA LYS B 625 17.17 23.94 -3.45
C LYS B 625 17.20 25.11 -2.48
N ASN B 626 16.10 25.84 -2.31
CA ASN B 626 16.05 27.02 -1.47
C ASN B 626 15.50 26.73 -0.07
N LEU B 627 15.50 25.48 0.35
CA LEU B 627 15.34 25.13 1.76
C LEU B 627 16.74 25.12 2.37
N LEU B 628 17.23 26.32 2.72
CA LEU B 628 18.67 26.48 2.97
C LEU B 628 19.16 25.70 4.18
N LYS B 629 18.33 25.51 5.18
CA LYS B 629 18.80 24.80 6.36
C LYS B 629 18.29 23.35 6.43
N LEU B 630 17.72 22.83 5.33
CA LEU B 630 17.26 21.45 5.28
C LEU B 630 18.42 20.46 5.45
N GLU B 631 18.28 19.54 6.41
CA GLU B 631 19.30 18.52 6.64
C GLU B 631 18.83 17.10 6.33
N GLU B 632 17.51 16.86 6.36
CA GLU B 632 16.95 15.53 6.17
C GLU B 632 15.84 15.61 5.12
N LEU B 633 15.97 14.81 4.09
CA LEU B 633 15.00 14.78 2.99
C LEU B 633 14.66 13.33 2.71
N ASP B 634 13.38 12.98 2.86
CA ASP B 634 12.90 11.64 2.57
C ASP B 634 12.11 11.67 1.25
N ILE B 635 12.75 11.24 0.16
CA ILE B 635 11.99 11.09 -1.08
C ILE B 635 12.02 9.64 -1.54
N SER B 636 11.83 8.71 -0.59
CA SER B 636 11.55 7.32 -0.94
C SER B 636 10.16 7.20 -1.58
N LYS B 637 9.92 6.06 -2.24
CA LYS B 637 8.59 5.73 -2.79
C LYS B 637 8.07 6.85 -3.71
N ASN B 638 8.91 7.28 -4.64
CA ASN B 638 8.49 8.32 -5.57
C ASN B 638 8.56 7.81 -7.01
N SER B 639 8.56 6.47 -7.18
CA SER B 639 8.65 5.82 -8.49
C SER B 639 9.85 6.34 -9.27
N LEU B 640 10.90 6.74 -8.57
CA LEU B 640 12.07 7.28 -9.26
C LEU B 640 12.93 6.13 -9.77
N SER B 641 12.65 5.67 -10.99
CA SER B 641 13.47 4.59 -11.53
C SER B 641 14.82 5.06 -12.04
N PHE B 642 14.98 6.37 -12.25
CA PHE B 642 16.27 6.99 -12.47
C PHE B 642 16.21 8.38 -11.89
N LEU B 643 17.39 8.96 -11.66
CA LEU B 643 17.47 10.36 -11.28
C LEU B 643 17.95 11.18 -12.46
N PRO B 644 17.13 12.09 -12.98
CA PRO B 644 17.59 12.96 -14.06
C PRO B 644 18.81 13.75 -13.58
N SER B 645 19.72 14.03 -14.50
CA SER B 645 20.83 14.90 -14.14
C SER B 645 20.27 16.25 -13.73
N GLY B 646 20.80 16.81 -12.65
CA GLY B 646 20.33 18.04 -12.10
C GLY B 646 19.65 17.90 -10.77
N VAL B 647 19.19 16.70 -10.40
CA VAL B 647 18.54 16.57 -9.10
C VAL B 647 19.55 16.77 -7.98
N PHE B 648 20.77 16.26 -8.15
CA PHE B 648 21.74 16.37 -7.06
C PHE B 648 22.24 17.79 -6.92
N ASP B 649 22.55 18.44 -8.05
CA ASP B 649 22.92 19.85 -7.94
C ASP B 649 21.77 20.69 -7.40
N GLY B 650 20.52 20.25 -7.58
CA GLY B 650 19.37 20.93 -7.04
C GLY B 650 19.11 20.70 -5.57
N MET B 651 19.94 19.89 -4.91
CA MET B 651 19.72 19.68 -3.49
C MET B 651 20.20 20.89 -2.69
N PRO B 652 19.53 21.21 -1.58
CA PRO B 652 19.99 22.32 -0.74
C PRO B 652 21.34 21.98 -0.12
N PRO B 653 22.12 22.99 0.28
CA PRO B 653 23.55 22.73 0.50
C PRO B 653 23.86 21.94 1.75
N ASN B 654 23.02 22.00 2.78
CA ASN B 654 23.33 21.37 4.06
C ASN B 654 22.71 19.98 4.21
N LEU B 655 22.33 19.33 3.10
CA LEU B 655 21.66 18.04 3.18
C LEU B 655 22.55 16.99 3.82
N LYS B 656 22.02 16.33 4.85
CA LYS B 656 22.78 15.34 5.61
C LYS B 656 22.20 13.94 5.56
N ASN B 657 20.87 13.80 5.63
N ASN B 657 20.87 13.79 5.63
CA ASN B 657 20.21 12.49 5.60
CA ASN B 657 20.20 12.49 5.61
C ASN B 657 19.28 12.47 4.39
C ASN B 657 19.27 12.45 4.40
N LEU B 658 19.60 11.62 3.40
CA LEU B 658 18.81 11.49 2.18
C LEU B 658 18.32 10.06 2.00
N SER B 659 16.99 9.89 1.94
CA SER B 659 16.43 8.57 1.60
C SER B 659 15.87 8.56 0.18
N LEU B 660 16.38 7.63 -0.63
CA LEU B 660 15.88 7.31 -1.96
C LEU B 660 15.38 5.87 -2.04
N ALA B 661 15.00 5.30 -0.90
CA ALA B 661 14.60 3.91 -0.82
C ALA B 661 13.31 3.66 -1.60
N LYS B 662 13.12 2.40 -2.00
CA LYS B 662 11.84 1.95 -2.55
C LYS B 662 11.40 2.81 -3.74
N ASN B 663 12.33 3.04 -4.67
CA ASN B 663 12.05 3.84 -5.84
C ASN B 663 12.10 3.01 -7.12
N GLY B 664 12.44 1.73 -7.05
CA GLY B 664 12.70 1.00 -8.28
C GLY B 664 13.87 1.55 -9.08
N LEU B 665 14.84 2.19 -8.41
CA LEU B 665 16.00 2.75 -9.09
C LEU B 665 16.84 1.66 -9.73
N LYS B 666 17.07 1.78 -11.05
CA LYS B 666 17.84 0.79 -11.79
C LYS B 666 19.24 1.24 -12.14
N SER B 667 19.57 2.50 -11.91
CA SER B 667 20.89 3.02 -12.20
C SER B 667 21.08 4.24 -11.31
N PHE B 668 22.33 4.62 -11.14
CA PHE B 668 22.67 5.65 -10.18
C PHE B 668 24.07 6.13 -10.52
N ILE B 669 24.22 7.43 -10.80
CA ILE B 669 25.52 8.02 -11.11
C ILE B 669 26.14 8.40 -9.76
N TRP B 670 26.99 7.50 -9.24
CA TRP B 670 27.56 7.70 -7.92
C TRP B 670 28.37 8.98 -7.83
N GLU B 671 29.02 9.38 -8.93
CA GLU B 671 29.85 10.59 -8.95
C GLU B 671 29.05 11.83 -8.61
N LYS B 672 27.75 11.84 -8.95
CA LYS B 672 26.94 13.00 -8.65
C LYS B 672 26.82 13.24 -7.15
N LEU B 673 27.21 12.27 -6.32
CA LEU B 673 27.20 12.50 -4.87
C LEU B 673 28.18 13.59 -4.48
N ARG B 674 29.12 13.97 -5.35
CA ARG B 674 30.06 15.04 -5.01
C ARG B 674 29.35 16.36 -4.73
N TYR B 675 28.19 16.59 -5.37
CA TYR B 675 27.42 17.81 -5.10
C TYR B 675 26.93 17.88 -3.66
N LEU B 676 26.78 16.73 -3.00
CA LEU B 676 26.16 16.65 -1.67
C LEU B 676 27.29 16.66 -0.63
N LYS B 677 27.85 17.85 -0.41
CA LYS B 677 29.11 17.98 0.29
C LYS B 677 28.99 17.77 1.80
N ASN B 678 27.77 17.72 2.34
CA ASN B 678 27.57 17.46 3.77
C ASN B 678 26.89 16.11 4.03
N LEU B 679 26.78 15.27 3.02
CA LEU B 679 25.99 14.04 3.10
C LEU B 679 26.59 13.06 4.10
N GLU B 680 25.78 12.61 5.04
CA GLU B 680 26.22 11.64 6.04
C GLU B 680 25.49 10.31 5.99
N THR B 681 24.18 10.31 5.68
CA THR B 681 23.39 9.08 5.55
C THR B 681 22.75 9.02 4.17
N LEU B 682 23.00 7.92 3.45
CA LEU B 682 22.41 7.71 2.14
C LEU B 682 21.67 6.37 2.16
N ASP B 683 20.35 6.41 2.00
CA ASP B 683 19.51 5.21 2.07
C ASP B 683 19.03 4.89 0.66
N LEU B 684 19.60 3.84 0.06
CA LEU B 684 19.23 3.39 -1.27
C LEU B 684 18.57 2.02 -1.23
N SER B 685 17.95 1.70 -0.10
CA SER B 685 17.43 0.36 0.13
C SER B 685 16.20 0.08 -0.73
N HIS B 686 16.00 -1.22 -1.02
CA HIS B 686 14.84 -1.67 -1.77
C HIS B 686 14.76 -0.99 -3.14
N ASN B 687 15.81 -1.17 -3.94
CA ASN B 687 15.84 -0.66 -5.31
C ASN B 687 16.34 -1.81 -6.18
N GLN B 688 16.80 -1.49 -7.37
CA GLN B 688 17.32 -2.49 -8.28
C GLN B 688 18.72 -2.14 -8.74
N LEU B 689 19.53 -1.54 -7.85
CA LEU B 689 20.89 -1.18 -8.23
C LEU B 689 21.70 -2.45 -8.43
N THR B 690 22.66 -2.40 -9.36
CA THR B 690 23.49 -3.57 -9.65
C THR B 690 24.97 -3.33 -9.42
N THR B 691 25.40 -2.09 -9.22
CA THR B 691 26.81 -1.75 -9.06
C THR B 691 26.97 -0.83 -7.86
N VAL B 692 28.18 -0.84 -7.29
CA VAL B 692 28.60 0.15 -6.29
C VAL B 692 29.59 1.10 -6.97
N PRO B 693 29.90 2.27 -6.39
CA PRO B 693 30.89 3.15 -7.03
C PRO B 693 32.27 2.50 -7.05
N GLU B 694 33.08 2.89 -8.04
CA GLU B 694 34.43 2.36 -8.14
C GLU B 694 35.28 2.80 -6.96
N ARG B 695 35.09 4.03 -6.47
CA ARG B 695 35.84 4.53 -5.33
C ARG B 695 34.89 5.40 -4.54
N LEU B 696 34.31 4.84 -3.47
CA LEU B 696 33.40 5.62 -2.64
C LEU B 696 34.07 6.89 -2.13
N SER B 697 35.39 6.84 -1.93
CA SER B 697 36.12 8.05 -1.51
C SER B 697 36.08 9.13 -2.57
N ASN B 698 36.05 8.76 -3.85
CA ASN B 698 35.96 9.69 -4.97
C ASN B 698 34.53 10.18 -5.24
N CYS B 699 33.53 9.66 -4.53
CA CYS B 699 32.14 10.09 -4.68
C CYS B 699 31.68 10.93 -3.52
N SER B 700 32.17 10.64 -2.31
CA SER B 700 31.81 11.37 -1.10
C SER B 700 32.84 11.06 -0.03
N ARG B 701 33.72 11.98 0.20
CA ARG B 701 34.55 11.89 1.36
C ARG B 701 33.88 12.44 2.68
N SER B 702 32.52 12.54 2.70
CA SER B 702 31.77 12.80 3.94
C SER B 702 30.86 11.66 4.43
N LEU B 703 30.53 10.67 3.60
CA LEU B 703 29.46 9.72 3.92
C LEU B 703 29.80 8.80 5.10
N LYS B 704 28.89 8.68 6.06
CA LYS B 704 29.08 7.80 7.22
C LYS B 704 28.19 6.56 7.20
N ASN B 705 26.93 6.65 6.75
CA ASN B 705 26.01 5.53 6.73
C ASN B 705 25.54 5.30 5.30
N LEU B 706 25.85 4.12 4.75
CA LEU B 706 25.48 3.76 3.37
C LEU B 706 24.61 2.50 3.42
N ILE B 707 23.35 2.64 3.04
CA ILE B 707 22.39 1.56 3.16
C ILE B 707 22.01 1.10 1.75
N LEU B 708 22.49 -0.09 1.37
CA LEU B 708 22.24 -0.66 0.05
C LEU B 708 21.46 -1.97 0.13
N LYS B 709 20.78 -2.25 1.25
CA LYS B 709 20.10 -3.52 1.39
C LYS B 709 18.98 -3.66 0.36
N ASN B 710 18.73 -4.89 -0.06
CA ASN B 710 17.64 -5.24 -0.96
C ASN B 710 17.82 -4.55 -2.32
N ASN B 711 18.94 -4.86 -2.97
CA ASN B 711 19.19 -4.43 -4.35
C ASN B 711 19.63 -5.66 -5.13
N GLN B 712 20.29 -5.43 -6.25
CA GLN B 712 20.68 -6.51 -7.17
C GLN B 712 22.19 -6.55 -7.35
N ILE B 713 22.94 -6.16 -6.33
CA ILE B 713 24.38 -6.08 -6.48
C ILE B 713 24.96 -7.48 -6.49
N ARG B 714 25.75 -7.80 -7.53
CA ARG B 714 26.35 -9.12 -7.66
C ARG B 714 27.86 -9.15 -7.45
N SER B 715 28.53 -8.00 -7.49
CA SER B 715 29.92 -7.94 -7.13
C SER B 715 30.22 -6.51 -6.66
N LEU B 716 31.34 -6.37 -5.97
CA LEU B 716 31.83 -5.07 -5.57
C LEU B 716 32.93 -4.63 -6.53
N THR B 717 33.10 -3.31 -6.66
CA THR B 717 34.21 -2.79 -7.44
C THR B 717 35.52 -3.09 -6.73
N LYS B 718 36.60 -3.13 -7.52
CA LYS B 718 37.87 -3.63 -7.00
C LYS B 718 38.39 -2.80 -5.83
N TYR B 719 38.20 -1.47 -5.84
CA TYR B 719 38.71 -0.64 -4.74
C TYR B 719 37.62 0.11 -4.00
N PHE B 720 36.40 -0.44 -4.02
CA PHE B 720 35.18 0.13 -3.45
C PHE B 720 35.40 1.04 -2.24
N LEU B 721 35.90 0.50 -1.14
CA LEU B 721 35.97 1.26 0.11
C LEU B 721 37.35 1.90 0.36
N GLN B 722 38.26 1.88 -0.61
CA GLN B 722 39.61 2.36 -0.37
C GLN B 722 39.60 3.79 0.14
N ASP B 723 40.29 4.02 1.25
CA ASP B 723 40.43 5.35 1.85
C ASP B 723 39.10 5.96 2.26
N ALA B 724 38.04 5.18 2.36
CA ALA B 724 36.75 5.75 2.74
C ALA B 724 36.66 5.78 4.27
N PHE B 725 37.58 6.54 4.86
CA PHE B 725 37.86 6.35 6.25
C PHE B 725 36.71 6.85 7.10
N GLN B 726 35.84 7.70 6.54
CA GLN B 726 35.04 8.49 7.45
C GLN B 726 33.75 7.66 7.63
N LEU B 727 33.68 6.57 6.83
CA LEU B 727 32.57 5.61 6.76
C LEU B 727 32.43 4.82 8.04
N ARG B 728 31.18 4.65 8.49
CA ARG B 728 30.93 3.94 9.74
C ARG B 728 29.88 2.86 9.69
N TYR B 729 29.00 2.83 8.69
CA TYR B 729 27.88 1.88 8.71
C TYR B 729 27.57 1.50 7.27
N LEU B 730 27.49 0.19 7.02
CA LEU B 730 27.39 -0.31 5.66
C LEU B 730 26.48 -1.53 5.63
N ASP B 731 25.39 -1.45 4.87
CA ASP B 731 24.42 -2.52 4.75
C ASP B 731 24.41 -3.01 3.31
N LEU B 732 24.97 -4.21 3.08
CA LEU B 732 24.91 -4.86 1.78
C LEU B 732 24.01 -6.09 1.81
N SER B 733 23.19 -6.21 2.83
CA SER B 733 22.43 -7.43 2.99
C SER B 733 21.35 -7.54 1.90
N SER B 734 20.91 -8.78 1.65
CA SER B 734 19.86 -9.06 0.68
C SER B 734 20.23 -8.52 -0.69
N ASN B 735 21.41 -8.93 -1.18
CA ASN B 735 21.85 -8.65 -2.54
C ASN B 735 22.20 -10.01 -3.14
N LYS B 736 23.02 -10.02 -4.20
CA LYS B 736 23.41 -11.28 -4.82
C LYS B 736 24.93 -11.43 -4.85
N ILE B 737 25.63 -10.87 -3.85
CA ILE B 737 27.09 -10.86 -3.91
C ILE B 737 27.60 -12.28 -3.74
N GLN B 738 28.57 -12.66 -4.58
CA GLN B 738 29.17 -13.99 -4.57
C GLN B 738 30.55 -14.02 -3.95
N MET B 739 31.35 -12.99 -4.20
CA MET B 739 32.74 -12.88 -3.78
C MET B 739 32.99 -11.48 -3.27
N ILE B 740 33.88 -11.37 -2.29
CA ILE B 740 34.39 -10.10 -1.83
C ILE B 740 35.89 -10.29 -1.61
N GLN B 741 36.71 -9.48 -2.28
CA GLN B 741 38.15 -9.55 -2.08
C GLN B 741 38.64 -8.37 -1.27
N LYS B 742 39.86 -8.54 -0.72
CA LYS B 742 40.41 -7.61 0.26
C LYS B 742 40.56 -6.20 -0.31
N THR B 743 40.87 -6.09 -1.61
CA THR B 743 41.00 -4.76 -2.22
C THR B 743 39.73 -3.94 -2.09
N SER B 744 38.55 -4.59 -2.14
CA SER B 744 37.30 -3.85 -1.99
C SER B 744 37.07 -3.47 -0.54
N PHE B 745 37.54 -4.29 0.39
CA PHE B 745 37.28 -4.11 1.81
C PHE B 745 38.59 -3.91 2.57
N PRO B 746 39.29 -2.78 2.38
CA PRO B 746 40.53 -2.57 3.11
C PRO B 746 40.23 -2.48 4.60
N GLU B 747 41.09 -3.09 5.41
CA GLU B 747 40.80 -3.02 6.83
C GLU B 747 41.14 -1.67 7.44
N ASN B 748 41.89 -0.81 6.76
CA ASN B 748 41.98 0.54 7.29
C ASN B 748 40.60 1.16 7.42
N VAL B 749 39.63 0.68 6.63
CA VAL B 749 38.26 1.16 6.68
C VAL B 749 37.36 0.30 7.55
N LEU B 750 37.44 -1.03 7.42
CA LEU B 750 36.44 -1.91 8.03
C LEU B 750 36.41 -1.87 9.56
N ASN B 751 37.54 -1.68 10.23
CA ASN B 751 37.55 -1.88 11.67
C ASN B 751 37.10 -0.66 12.43
N ASN B 752 36.90 0.45 11.73
CA ASN B 752 36.24 1.59 12.31
C ASN B 752 34.77 1.61 11.88
N LEU B 753 34.30 0.49 11.31
CA LEU B 753 32.90 0.28 10.97
C LEU B 753 32.16 -0.16 12.21
N LYS B 754 31.10 0.58 12.46
CA LYS B 754 30.32 0.48 13.65
C LYS B 754 29.34 -0.70 13.51
N MET B 755 29.12 -1.15 12.25
CA MET B 755 28.36 -2.33 11.83
C MET B 755 28.57 -2.58 10.34
N LEU B 756 28.62 -3.86 9.96
CA LEU B 756 28.70 -4.32 8.56
C LEU B 756 27.68 -5.43 8.38
N LEU B 757 26.69 -5.22 7.51
CA LEU B 757 25.62 -6.18 7.30
C LEU B 757 25.80 -6.89 5.95
N LEU B 758 25.85 -8.21 5.99
CA LEU B 758 26.23 -9.03 4.85
C LEU B 758 25.26 -10.17 4.62
N HIS B 759 24.25 -10.34 5.47
CA HIS B 759 23.45 -11.54 5.43
C HIS B 759 22.57 -11.58 4.18
N HIS B 760 22.14 -12.81 3.85
CA HIS B 760 21.25 -13.09 2.74
C HIS B 760 21.84 -12.62 1.41
N ASN B 761 23.07 -13.04 1.12
CA ASN B 761 23.68 -12.85 -0.18
C ASN B 761 23.84 -14.21 -0.85
N ARG B 762 24.76 -14.32 -1.81
CA ARG B 762 24.96 -15.57 -2.54
C ARG B 762 26.44 -15.99 -2.54
N PHE B 763 27.02 -16.06 -1.33
CA PHE B 763 28.46 -16.27 -1.21
C PHE B 763 28.83 -17.65 -1.75
N LEU B 764 29.90 -17.68 -2.53
CA LEU B 764 30.44 -18.90 -3.11
C LEU B 764 31.69 -19.28 -2.31
N CYS B 765 31.62 -20.42 -1.64
CA CYS B 765 32.65 -20.79 -0.67
C CYS B 765 33.67 -21.72 -1.33
N THR B 766 34.36 -21.17 -2.30
CA THR B 766 35.47 -21.81 -2.99
C THR B 766 36.79 -21.29 -2.42
N CYS B 767 37.90 -21.87 -2.91
CA CYS B 767 39.22 -21.44 -2.47
C CYS B 767 39.51 -20.00 -2.83
N ASP B 768 38.76 -19.42 -3.77
CA ASP B 768 38.91 -17.99 -4.02
C ASP B 768 38.42 -17.14 -2.84
N ALA B 769 37.56 -17.69 -1.97
CA ALA B 769 36.91 -16.96 -0.90
C ALA B 769 37.71 -16.96 0.39
N VAL B 770 38.95 -17.42 0.31
CA VAL B 770 39.68 -17.77 1.51
C VAL B 770 39.93 -16.52 2.38
N TRP B 771 40.23 -15.37 1.76
CA TRP B 771 40.44 -14.16 2.55
C TRP B 771 39.15 -13.73 3.25
N PHE B 772 38.05 -13.69 2.50
CA PHE B 772 36.78 -13.21 3.05
C PHE B 772 36.33 -14.10 4.19
N VAL B 773 36.47 -15.42 4.01
CA VAL B 773 36.04 -16.37 5.03
C VAL B 773 36.89 -16.20 6.30
N TRP B 774 38.20 -16.10 6.13
CA TRP B 774 39.08 -15.93 7.28
C TRP B 774 38.75 -14.64 7.99
N TRP B 775 38.59 -13.55 7.23
CA TRP B 775 38.33 -12.26 7.84
C TRP B 775 37.01 -12.27 8.59
N VAL B 776 35.97 -12.88 8.00
CA VAL B 776 34.68 -12.92 8.70
C VAL B 776 34.81 -13.72 10.00
N GLN B 777 35.58 -14.80 9.97
CA GLN B 777 35.66 -15.66 11.14
C GLN B 777 36.43 -14.98 12.28
N HIS B 778 37.35 -14.09 11.95
CA HIS B 778 38.27 -13.53 12.92
C HIS B 778 38.01 -12.06 13.24
N THR B 779 37.08 -11.42 12.55
CA THR B 779 36.87 -10.01 12.76
C THR B 779 36.09 -9.77 14.04
N GLU B 780 36.29 -8.60 14.60
CA GLU B 780 35.51 -8.13 15.72
C GLU B 780 34.44 -7.14 15.30
N VAL B 781 34.44 -6.71 14.03
CA VAL B 781 33.37 -5.85 13.53
C VAL B 781 32.03 -6.55 13.71
N THR B 782 31.01 -5.78 14.07
CA THR B 782 29.70 -6.37 14.33
C THR B 782 28.99 -6.72 13.02
N ILE B 783 28.65 -7.98 12.84
CA ILE B 783 27.98 -8.49 11.65
C ILE B 783 26.78 -9.29 12.14
N PRO B 784 25.56 -8.82 11.90
CA PRO B 784 24.39 -9.52 12.44
C PRO B 784 24.11 -10.79 11.67
N TYR B 785 23.50 -11.75 12.35
CA TYR B 785 23.00 -12.97 11.76
C TYR B 785 24.09 -13.89 11.23
N LEU B 786 25.32 -13.76 11.73
CA LEU B 786 26.37 -14.72 11.35
C LEU B 786 25.93 -16.14 11.61
N ALA B 787 25.22 -16.37 12.71
CA ALA B 787 24.84 -17.72 13.13
C ALA B 787 23.70 -18.27 12.30
N THR B 788 23.04 -17.45 11.51
CA THR B 788 21.75 -17.88 11.01
C THR B 788 21.57 -17.59 9.52
N ASP B 789 22.24 -16.56 8.96
CA ASP B 789 21.93 -16.16 7.59
C ASP B 789 23.14 -15.59 6.85
N VAL B 790 24.36 -15.94 7.23
CA VAL B 790 25.55 -15.54 6.47
C VAL B 790 26.15 -16.84 5.96
N THR B 791 25.70 -17.22 4.76
CA THR B 791 25.63 -18.61 4.36
C THR B 791 26.26 -18.77 2.99
N CYS B 792 26.91 -19.91 2.79
CA CYS B 792 27.35 -20.33 1.45
C CYS B 792 26.15 -20.83 0.65
N VAL B 793 26.07 -20.43 -0.62
CA VAL B 793 25.09 -21.04 -1.53
C VAL B 793 25.67 -22.24 -2.25
N GLY B 794 26.96 -22.53 -2.04
CA GLY B 794 27.69 -23.49 -2.82
C GLY B 794 29.19 -23.31 -2.66
N PRO B 795 29.98 -24.23 -3.21
CA PRO B 795 29.53 -25.31 -4.10
C PRO B 795 28.94 -26.50 -3.34
N GLY B 796 27.83 -27.03 -3.85
CA GLY B 796 27.21 -28.26 -3.37
C GLY B 796 27.39 -28.68 -1.94
N ALA B 797 28.59 -29.14 -1.63
CA ALA B 797 28.89 -29.65 -0.30
C ALA B 797 28.63 -28.59 0.76
N HIS B 798 28.96 -27.34 0.44
CA HIS B 798 28.89 -26.23 1.39
C HIS B 798 27.57 -25.48 1.32
N LYS B 799 26.63 -25.89 0.46
CA LYS B 799 25.37 -25.18 0.35
C LYS B 799 24.66 -25.17 1.71
N GLY B 800 24.13 -24.00 2.07
CA GLY B 800 23.43 -23.81 3.33
C GLY B 800 24.33 -23.70 4.55
N GLN B 801 25.63 -23.99 4.41
CA GLN B 801 26.57 -23.92 5.52
C GLN B 801 26.92 -22.48 5.87
N SER B 802 26.96 -22.19 7.17
CA SER B 802 27.38 -20.88 7.64
C SER B 802 28.87 -20.63 7.35
N VAL B 803 29.17 -19.41 6.86
CA VAL B 803 30.55 -19.02 6.60
C VAL B 803 31.37 -19.07 7.87
N ILE B 804 30.73 -18.85 9.02
CA ILE B 804 31.44 -18.85 10.29
C ILE B 804 31.99 -20.24 10.61
N SER B 805 31.32 -21.31 10.16
CA SER B 805 31.75 -22.68 10.43
C SER B 805 32.62 -23.28 9.32
N LEU B 806 32.94 -22.54 8.27
CA LEU B 806 33.58 -23.09 7.07
C LEU B 806 35.07 -23.41 7.32
N ASP B 807 35.48 -24.62 6.96
CA ASP B 807 36.85 -25.10 7.10
C ASP B 807 37.44 -25.22 5.71
N LEU B 808 38.43 -24.39 5.39
CA LEU B 808 39.04 -24.37 4.07
C LEU B 808 40.49 -24.86 4.11
N TYR B 809 40.81 -25.80 5.00
CA TYR B 809 42.21 -26.23 5.12
C TYR B 809 42.72 -26.83 3.81
N THR B 810 41.86 -27.54 3.06
CA THR B 810 42.32 -28.14 1.81
C THR B 810 42.83 -27.10 0.81
N CYS B 811 42.38 -25.85 0.91
CA CYS B 811 42.95 -24.81 0.07
C CYS B 811 44.42 -24.55 0.37
N GLU B 812 44.91 -25.01 1.53
CA GLU B 812 46.27 -24.72 1.97
C GLU B 812 47.22 -25.92 1.91
N LEU B 813 46.73 -27.11 1.55
CA LEU B 813 47.54 -28.35 1.62
C LEU B 813 48.92 -28.21 0.98
C1 NAG C . 12.73 25.03 -31.63
C2 NAG C . 13.79 24.43 -30.70
C3 NAG C . 14.56 25.54 -29.97
C4 NAG C . 15.10 26.58 -30.95
C5 NAG C . 13.98 27.10 -31.83
C6 NAG C . 14.46 28.04 -32.91
C7 NAG C . 13.54 22.22 -29.69
C8 NAG C . 12.84 21.39 -28.66
N2 NAG C . 13.19 23.50 -29.75
O3 NAG C . 15.65 24.95 -29.28
O4 NAG C . 15.59 27.70 -30.21
O5 NAG C . 13.34 26.00 -32.50
O6 NAG C . 13.43 28.40 -33.81
O7 NAG C . 14.39 21.73 -30.45
C1 NAG C . 16.98 28.04 -30.38
C2 NAG C . 17.09 29.51 -29.90
C3 NAG C . 18.55 29.96 -29.81
C4 NAG C . 19.39 28.97 -29.03
C5 NAG C . 19.25 27.61 -29.68
C6 NAG C . 20.02 26.52 -28.97
C7 NAG C . 15.18 30.96 -30.48
C8 NAG C . 14.55 31.81 -31.54
N2 NAG C . 16.35 30.38 -30.80
O3 NAG C . 18.59 31.21 -29.13
O4 NAG C . 20.75 29.38 -28.99
O5 NAG C . 17.87 27.22 -29.63
O6 NAG C . 19.25 26.02 -27.87
O7 NAG C . 14.65 30.79 -29.38
C1 NAG D . 0.34 -7.66 -41.05
C2 NAG D . -0.77 -7.22 -40.09
C3 NAG D . -1.95 -6.64 -40.85
C4 NAG D . -1.50 -5.57 -41.83
C5 NAG D . -0.37 -6.07 -42.71
C6 NAG D . 0.20 -5.01 -43.62
C7 NAG D . -0.62 -8.53 -38.02
C8 NAG D . -1.17 -9.70 -37.24
N2 NAG D . -1.19 -8.31 -39.22
O3 NAG D . -2.86 -6.08 -39.90
O4 NAG D . -2.58 -5.20 -42.70
O5 NAG D . 0.72 -6.54 -41.88
O6 NAG D . 0.66 -3.88 -42.88
O7 NAG D . 0.29 -7.82 -37.59
C1 NAG D . -3.14 -3.94 -42.37
C2 NAG D . -3.99 -3.54 -43.57
C3 NAG D . -4.74 -2.23 -43.27
C4 NAG D . -5.54 -2.36 -41.98
C5 NAG D . -4.61 -2.81 -40.85
C6 NAG D . -5.35 -3.08 -39.56
C7 NAG D . -2.23 -2.57 -45.00
C8 NAG D . -1.57 -2.63 -46.35
N2 NAG D . -3.22 -3.44 -44.79
O3 NAG D . -5.64 -1.95 -44.35
O4 NAG D . -6.15 -1.11 -41.67
O5 NAG D . -3.94 -4.02 -41.22
O6 NAG D . -6.45 -3.96 -39.78
O7 NAG D . -1.86 -1.75 -44.14
C1 NAG E . -13.36 -24.33 31.84
C2 NAG E . -13.10 -24.95 30.46
C3 NAG E . -14.39 -25.60 29.89
C4 NAG E . -15.09 -26.48 30.91
C5 NAG E . -15.30 -25.69 32.19
C6 NAG E . -15.98 -26.47 33.29
C7 NAG E . -11.38 -23.96 28.99
C8 NAG E . -11.06 -22.82 28.07
N2 NAG E . -12.60 -23.94 29.55
O3 NAG E . -14.04 -26.34 28.73
O4 NAG E . -16.39 -26.85 30.44
O5 NAG E . -14.02 -25.27 32.69
O6 NAG E . -15.76 -25.86 34.55
O7 NAG E . -10.56 -24.86 29.22
C1 NAG E . -16.69 -28.25 30.27
C2 NAG E . -18.23 -28.43 30.18
C3 NAG E . -18.62 -29.84 29.71
C4 NAG E . -17.80 -30.27 28.50
C5 NAG E . -16.33 -30.11 28.84
C6 NAG E . -15.41 -30.51 27.72
C7 NAG E . -19.43 -26.99 31.78
C8 NAG E . -20.03 -26.90 33.16
N2 NAG E . -18.86 -28.15 31.47
O3 NAG E . -20.00 -29.84 29.36
O4 NAG E . -18.09 -31.62 28.14
O5 NAG E . -16.08 -28.73 29.11
O6 NAG E . -15.50 -29.59 26.64
O7 NAG E . -19.46 -26.04 31.00
C1 NAG F . 20.63 -11.69 34.44
C2 NAG F . 19.84 -10.42 34.14
C3 NAG F . 19.49 -9.68 35.43
C4 NAG F . 18.83 -10.62 36.44
C5 NAG F . 19.66 -11.89 36.63
C6 NAG F . 18.94 -12.91 37.47
C7 NAG F . 20.44 -9.59 31.91
C8 NAG F . 21.27 -8.60 31.14
N2 NAG F . 20.57 -9.54 33.24
O3 NAG F . 18.61 -8.62 35.11
O4 NAG F . 18.76 -9.98 37.71
O5 NAG F . 19.91 -12.51 35.36
O6 NAG F . 17.54 -12.84 37.21
O7 NAG F . 19.72 -10.41 31.35
C1 NAG F . 17.44 -9.57 38.09
C2 NAG F . 17.37 -9.37 39.61
C3 NAG F . 16.00 -8.90 40.01
C4 NAG F . 15.68 -7.59 39.30
C5 NAG F . 15.83 -7.76 37.78
C6 NAG F . 15.75 -6.44 37.06
C7 NAG F . 18.94 -10.67 40.96
C8 NAG F . 19.19 -11.96 41.71
N2 NAG F . 17.76 -10.57 40.35
O3 NAG F . 15.93 -8.75 41.42
O4 NAG F . 14.36 -7.16 39.61
O5 NAG F . 17.10 -8.33 37.43
O6 NAG F . 15.52 -5.38 37.98
O7 NAG F . 19.79 -9.79 40.90
C1 NAG G . -16.94 6.14 -9.73
C2 NAG G . -16.50 5.00 -10.66
C3 NAG G . -15.03 4.61 -10.39
C4 NAG G . -14.13 5.84 -10.34
C5 NAG G . -14.72 6.79 -9.31
C6 NAG G . -13.88 8.03 -9.07
C7 NAG G . -18.02 3.23 -11.43
C8 NAG G . -18.87 2.06 -11.02
N2 NAG G . -17.35 3.83 -10.45
O3 NAG G . -14.58 3.71 -11.40
O4 NAG G . -12.81 5.49 -9.96
O5 NAG G . -16.01 7.21 -9.78
O6 NAG G . -13.70 8.77 -10.26
O7 NAG G . -17.96 3.61 -12.59
C1 NAG H . -34.62 21.18 -5.55
C2 NAG H . -35.34 21.73 -4.33
C3 NAG H . -36.71 21.05 -4.19
C4 NAG H . -37.51 21.09 -5.48
C5 NAG H . -36.65 20.62 -6.67
C6 NAG H . -37.32 20.83 -8.01
C7 NAG H . -33.93 22.53 -2.50
C8 NAG H . -33.19 22.14 -1.25
N2 NAG H . -34.56 21.53 -3.13
O3 NAG H . -37.46 21.71 -3.16
O4 NAG H . -38.64 20.24 -5.37
O5 NAG H . -35.41 21.36 -6.71
O6 NAG H . -37.34 19.63 -8.77
O7 NAG H . -33.95 23.67 -2.91
C1 NAG I . -23.95 35.76 -20.79
C2 NAG I . -25.02 36.86 -20.64
C3 NAG I . -25.23 37.58 -21.99
C4 NAG I . -23.91 38.00 -22.62
C5 NAG I . -22.95 36.81 -22.68
C6 NAG I . -21.58 37.16 -23.19
C7 NAG I . -26.52 36.01 -18.90
C8 NAG I . -27.87 35.42 -18.61
N2 NAG I . -26.27 36.29 -20.18
O3 NAG I . -26.10 38.69 -21.84
O4 NAG I . -24.13 38.46 -23.95
O5 NAG I . -22.77 36.31 -21.35
O6 NAG I . -21.14 38.41 -22.67
O7 NAG I . -25.70 36.23 -18.02
C1 NAG J . -27.79 -9.24 12.42
C2 NAG J . -29.29 -9.14 12.63
C3 NAG J . -29.56 -8.47 13.96
C4 NAG J . -28.82 -9.16 15.10
C5 NAG J . -27.35 -9.45 14.76
C6 NAG J . -26.70 -10.44 15.71
C7 NAG J . -30.31 -9.00 10.40
C8 NAG J . -30.91 -8.09 9.35
N2 NAG J . -29.91 -8.41 11.53
O3 NAG J . -30.97 -8.47 14.21
O4 NAG J . -28.82 -8.32 16.24
O5 NAG J . -27.23 -10.01 13.45
O6 NAG J . -25.56 -9.89 16.36
O7 NAG J . -30.19 -10.20 10.22
C1 NAG K . -8.22 -40.25 -1.77
C2 NAG K . -9.73 -40.51 -1.75
C3 NAG K . -10.08 -41.66 -0.80
C4 NAG K . -9.28 -42.90 -1.15
C5 NAG K . -7.79 -42.56 -1.09
C6 NAG K . -6.90 -43.73 -1.44
C7 NAG K . -11.01 -38.46 -2.26
C8 NAG K . -11.72 -37.28 -1.68
N2 NAG K . -10.46 -39.29 -1.37
O3 NAG K . -11.47 -41.95 -0.89
O4 NAG K . -9.60 -43.95 -0.26
O5 NAG K . -7.50 -41.51 -2.02
O6 NAG K . -7.01 -44.05 -2.82
O7 NAG K . -10.92 -38.66 -3.47
C1 NAG L . -33.75 6.46 9.93
C2 NAG L . -34.95 6.60 10.87
C3 NAG L . -35.84 7.77 10.41
C4 NAG L . -35.02 9.04 10.20
C5 NAG L . -33.82 8.76 9.31
C6 NAG L . -32.90 9.94 9.12
C7 NAG L . -35.72 4.54 11.95
C8 NAG L . -36.56 3.31 11.82
N2 NAG L . -35.72 5.37 10.90
O3 NAG L . -36.87 8.00 11.36
O4 NAG L . -35.83 10.03 9.58
O5 NAG L . -33.03 7.69 9.86
O6 NAG L . -32.64 10.59 10.35
O7 NAG L . -35.06 4.77 12.96
N 9K3 M . -22.20 4.42 15.26
C 9K3 M . -24.10 7.29 16.47
O 9K3 M . -25.58 3.31 19.30
C1 9K3 M . -23.37 6.45 15.61
C10 9K3 M . -21.81 0.61 19.90
C11 9K3 M . -20.05 2.07 20.79
C12 9K3 M . -19.40 2.52 22.08
C13 9K3 M . -23.40 3.23 20.37
C14 9K3 M . -24.84 2.66 20.34
C15 9K3 M . -25.06 1.19 19.99
C16 9K3 M . -25.51 2.90 21.69
C2 9K3 M . -22.90 5.22 16.09
C3 9K3 M . -23.18 4.81 17.51
C4 9K3 M . -23.91 5.71 18.30
C5 9K3 M . -24.37 6.92 17.79
C6 9K3 M . -22.69 3.57 17.95
C7 9K3 M . -21.71 3.22 15.64
C8 9K3 M . -21.94 2.74 17.02
C9 9K3 M . -22.05 1.72 18.92
N1 9K3 M . -21.02 2.40 14.82
N2 9K3 M . -21.58 1.63 17.68
N3 9K3 M . -22.72 2.88 19.11
N4 9K3 M . -21.11 1.10 21.10
S SO4 N . -30.62 -2.75 13.16
O1 SO4 N . -30.95 -2.46 11.76
O2 SO4 N . -30.34 -1.48 13.85
O3 SO4 N . -31.84 -3.36 13.71
O4 SO4 N . -29.49 -3.71 13.24
S SO4 O . 12.40 -22.17 -44.40
O1 SO4 O . 12.88 -21.78 -45.73
O2 SO4 O . 12.76 -21.17 -43.39
O3 SO4 O . 10.94 -22.33 -44.42
O4 SO4 O . 13.07 -23.43 -44.03
S SO4 P . -32.76 25.45 -9.15
O1 SO4 P . -33.28 26.00 -10.41
O2 SO4 P . -32.33 26.56 -8.31
O3 SO4 P . -33.82 24.68 -8.48
O4 SO4 P . -31.62 24.53 -9.41
S SO4 Q . -28.66 6.63 15.49
O1 SO4 Q . -27.51 7.52 15.77
O2 SO4 Q . -29.89 7.42 15.61
O3 SO4 Q . -28.70 5.53 16.47
O4 SO4 Q . -28.55 6.11 14.12
S SO4 R . 17.03 -18.88 -1.89
O1 SO4 R . 17.31 -18.07 -3.09
O2 SO4 R . 17.57 -18.17 -0.72
O3 SO4 R . 15.58 -19.06 -1.75
O4 SO4 R . 17.66 -20.20 -2.01
C1 NAG S . -2.91 12.53 16.00
C2 NAG S . -1.54 11.92 16.36
C3 NAG S . -1.31 10.60 15.61
C4 NAG S . -2.50 9.66 15.73
C5 NAG S . -3.73 10.41 15.25
C6 NAG S . -5.01 9.60 15.23
C7 NAG S . 0.42 13.27 16.95
C8 NAG S . 1.42 14.27 16.45
N2 NAG S . -0.48 12.86 16.05
O3 NAG S . -0.12 9.98 16.07
O4 NAG S . -2.32 8.49 14.95
O5 NAG S . -3.94 11.53 16.13
O6 NAG S . -5.25 8.92 16.46
O7 NAG S . 0.42 12.86 18.10
C1 NAG T . 4.51 31.18 -5.03
C2 NAG T . 4.55 32.60 -4.49
C3 NAG T . 3.35 33.41 -5.06
C4 NAG T . 3.22 33.21 -6.57
C5 NAG T . 3.38 31.75 -7.01
C6 NAG T . 3.49 31.60 -8.51
C7 NAG T . 4.56 33.41 -2.04
C8 NAG T . 4.36 34.86 -2.39
N2 NAG T . 4.53 32.50 -3.03
O3 NAG T . 3.59 34.80 -4.97
O4 NAG T . 1.96 33.70 -7.01
O5 NAG T . 4.57 31.19 -6.44
O6 NAG T . 2.65 32.54 -9.16
O7 NAG T . 4.64 33.05 -0.87
C1 NAG U . -27.85 12.63 36.79
C2 NAG U . -29.17 13.39 36.80
C3 NAG U . -30.08 12.96 37.98
C4 NAG U . -29.35 12.28 39.15
C5 NAG U . -28.10 11.50 38.75
C6 NAG U . -28.03 10.10 39.35
C7 NAG U . -28.89 15.55 35.71
C8 NAG U . -28.61 17.02 35.91
N2 NAG U . -28.94 14.81 36.82
O3 NAG U . -31.16 12.15 37.53
O4 NAG U . -28.97 13.26 40.12
O5 NAG U . -28.02 11.37 37.34
O6 NAG U . -28.32 9.08 38.40
O7 NAG U . -29.05 15.07 34.60
C1 NAG V . -18.78 28.88 22.31
C2 NAG V . -19.68 29.94 21.68
C3 NAG V . -18.97 31.31 21.74
C4 NAG V . -18.46 31.63 23.14
C5 NAG V . -17.72 30.44 23.76
C6 NAG V . -17.47 30.62 25.23
C7 NAG V . -21.08 28.93 19.94
C8 NAG V . -21.23 28.65 18.47
N2 NAG V . -19.98 29.60 20.31
O3 NAG V . -19.88 32.34 21.35
O4 NAG V . -17.52 32.70 23.05
O5 NAG V . -18.49 29.24 23.63
O6 NAG V . -16.08 30.76 25.51
O7 NAG V . -21.94 28.57 20.75
C1 NAG W . -9.57 34.26 4.01
C2 NAG W . -9.93 35.70 3.62
C3 NAG W . -11.07 36.25 4.50
C4 NAG W . -12.17 35.22 4.82
C5 NAG W . -11.56 33.86 5.14
C6 NAG W . -12.57 32.77 5.34
C7 NAG W . -7.92 36.84 2.76
C8 NAG W . -6.74 37.70 3.14
N2 NAG W . -8.76 36.54 3.76
O3 NAG W . -11.66 37.36 3.81
O4 NAG W . -12.88 35.65 5.98
O5 NAG W . -10.73 33.48 4.05
O6 NAG W . -13.58 32.81 4.33
O7 NAG W . -8.11 36.45 1.61
N 9K3 X . -9.09 25.15 -5.43
C 9K3 X . -12.31 26.83 -5.00
O 9K3 X . -7.94 29.54 -9.82
C1 9K3 X . -11.18 26.05 -4.74
C10 9K3 X . -7.22 26.83 -10.91
C11 9K3 X . -8.99 25.45 -11.96
C12 9K3 X . -9.37 24.56 -13.14
C13 9K3 X . -9.88 27.98 -9.87
C14 9K3 X . -9.33 29.42 -9.52
C15 9K3 X . -9.99 30.57 -10.27
C16 9K3 X . -9.41 29.80 -8.05
C2 9K3 X . -10.16 25.93 -5.69
C3 9K3 X . -10.29 26.66 -6.98
C4 9K3 X . -11.45 27.42 -7.16
C5 9K3 X . -12.43 27.51 -6.19
C6 9K3 X . -9.25 26.51 -7.90
C7 9K3 X . -8.05 24.99 -6.27
C8 9K3 X . -8.09 25.67 -7.58
C9 9K3 X . -7.85 26.53 -9.56
N1 9K3 X . -6.99 24.23 -5.93
N2 9K3 X . -7.27 25.72 -8.64
N3 9K3 X . -9.05 27.02 -9.13
N4 9K3 X . -7.52 25.70 -11.83
S SO4 Y . 2.49 -19.26 11.03
O1 SO4 Y . 2.26 -17.94 10.46
O2 SO4 Y . 3.88 -19.28 11.50
O3 SO4 Y . 1.51 -19.51 12.09
O4 SO4 Y . 2.33 -20.32 10.04
S SO4 Z . -1.87 33.16 -2.94
O1 SO4 Z . -1.85 34.59 -3.26
O2 SO4 Z . -2.07 33.04 -1.50
O3 SO4 Z . -2.99 32.53 -3.63
O4 SO4 Z . -0.62 32.50 -3.36
S SO4 AA . -11.14 30.76 -2.54
O1 SO4 AA . -10.62 31.45 -3.74
O2 SO4 AA . -12.08 31.66 -1.85
O3 SO4 AA . -11.85 29.53 -2.90
O4 SO4 AA . -10.06 30.41 -1.62
#